data_8C9G
#
_entry.id   8C9G
#
_cell.length_a   66.820
_cell.length_b   144.280
_cell.length_c   108.370
_cell.angle_alpha   90.000
_cell.angle_beta   95.640
_cell.angle_gamma   90.000
#
_symmetry.space_group_name_H-M   'P 1 21 1'
#
loop_
_entity.id
_entity.type
_entity.pdbx_description
1 polymer 'Isoleucine--tRNA ligase'
2 non-polymer 'ZINC ION'
3 non-polymer MUPIROCIN
4 non-polymer 'CHLORIDE ION'
5 non-polymer 'SODIUM ION'
6 non-polymer GLYCEROL
7 water water
#
_entity_poly.entity_id   1
_entity_poly.type   'polypeptide(L)'
_entity_poly.pdbx_seq_one_letter_code
;MEYKDTLLMPKTEFPMRGNLPNREPKMQEQWAEMNIYEKVQKRTEGRPLFVLHDGPPYANGDIHMGHALNKILKDFIVRY
KSMSGFCAPYVPGWDTHGLPIETALTKNKKVNRKEMTVAEFRKLCEQYAWEQVNGQREQFKRLGVRGDWDNPYVTLQPQY
EAQQIKVFGDMAKKGYIYKGLKPVYWSPSSESALAEAEIEYYDKRSASIYVAFNVKDGKGVLEQDEKFIIWTTTPWTMPA
NQGIAVNPELQYSVVEADGAKYVVATELIETVAKEIEWADYKTLRTVKGSELERVVAEHPIYKRDSLVVLGDHVTTDAGT
GCVHTAPGHGEDDFIVGQKYGLEVLCPVDSKGHMTNEAPGFEGLFYDKANKPITDKLEEEGALLKLSFITHSYPHDWRTK
KPTIFRATAQWFASIKDFREDLLKAVEKTKWVPTWGETRLYNMVRDRGDWCISRQRAWGVPIPVFYAENEEPIITDETIE
HVSNLFREHGSNVWFEREAKDLLPEGFTHEGSPNGRFTKETDIMDVWFDSGSSHQAVLEEREDLQRPADLYLEGSDQYRG
WFNSSLSTSVAVTGEAPYKGVLSHGFALDGEGRKMSKSLGNVVIPEKVMKQLGADILRLWVASVDYQADVRVSDNILKQV
AEVYRKIRNTFRFLLGNLADFNPTTDAVAVEDLREVDRYMLVKLNKLIDKVKKSYDSYEFSSIYHAVHNFCTIDMSSFYL
DFAKDVLYIEAENNVERRSIQTVLYETLLSLTKLVSPILSHTADEVWVHIPNVTEESVQLVDMPEVQEIEGADQLVEKWD
AFMELRDEVLKALEQARNEKVIGKSLEAKLTLYPTADTKELLASISENVGQLFIVSDLEVAEGEAPAEAQKFSYASIVVS
KAEGEKCERCWVVSPTVGEDQDHPTLCTRCADVVKNHYVQQ
;
_entity_poly.pdbx_strand_id   A,B
#
loop_
_chem_comp.id
_chem_comp.type
_chem_comp.name
_chem_comp.formula
CL non-polymer 'CHLORIDE ION' 'Cl -1'
GOL non-polymer GLYCEROL 'C3 H8 O3'
MRC non-polymer MUPIROCIN 'C26 H44 O9'
NA non-polymer 'SODIUM ION' 'Na 1'
ZN non-polymer 'ZINC ION' 'Zn 2'
#
# COMPACT_ATOMS: atom_id res chain seq x y z
N MET A 1 56.41 34.22 0.79
CA MET A 1 55.02 33.93 0.42
C MET A 1 54.62 32.51 0.78
N GLU A 2 53.71 32.37 1.75
CA GLU A 2 53.13 31.07 2.06
C GLU A 2 52.32 30.56 0.87
N TYR A 3 52.51 29.28 0.53
CA TYR A 3 51.82 28.71 -0.62
C TYR A 3 50.32 28.60 -0.40
N LYS A 4 49.89 28.35 0.84
CA LYS A 4 48.46 28.29 1.13
C LYS A 4 47.79 29.63 0.93
N ASP A 5 48.54 30.73 1.02
CA ASP A 5 47.99 32.05 0.72
C ASP A 5 47.82 32.28 -0.78
N THR A 6 48.31 31.38 -1.62
CA THR A 6 48.19 31.48 -3.06
C THR A 6 47.06 30.62 -3.63
N LEU A 7 46.24 30.02 -2.76
CA LEU A 7 45.12 29.20 -3.19
C LEU A 7 43.83 29.99 -3.15
N LEU A 8 42.99 29.80 -4.16
CA LEU A 8 41.68 30.46 -4.24
C LEU A 8 40.63 29.59 -3.55
N MET A 9 40.69 29.60 -2.23
CA MET A 9 39.75 28.82 -1.43
C MET A 9 38.36 29.46 -1.47
N PRO A 10 37.31 28.66 -1.28
CA PRO A 10 35.94 29.22 -1.27
C PRO A 10 35.79 30.22 -0.14
N LYS A 11 35.02 31.27 -0.40
CA LYS A 11 34.79 32.33 0.58
C LYS A 11 33.33 32.77 0.45
N THR A 12 32.54 32.50 1.49
CA THR A 12 31.14 32.92 1.51
C THR A 12 30.70 33.11 2.95
N GLU A 13 29.70 33.98 3.13
CA GLU A 13 29.09 34.20 4.43
C GLU A 13 28.00 33.19 4.74
N PHE A 14 27.73 32.27 3.83
CA PHE A 14 26.74 31.23 4.05
C PHE A 14 27.28 30.21 5.04
N PRO A 15 26.65 30.02 6.19
CA PRO A 15 27.19 29.10 7.20
C PRO A 15 27.08 27.65 6.76
N MET A 16 28.05 26.85 7.19
CA MET A 16 27.98 25.41 6.94
C MET A 16 26.82 24.79 7.71
N ARG A 17 26.75 25.05 9.01
CA ARG A 17 25.66 24.56 9.84
C ARG A 17 24.45 25.48 9.69
N GLY A 18 23.29 24.90 9.40
CA GLY A 18 22.12 25.71 9.15
C GLY A 18 21.67 26.49 10.37
N ASN A 19 21.69 25.86 11.54
CA ASN A 19 21.13 26.45 12.76
C ASN A 19 19.70 26.90 12.53
N LEU A 20 18.94 26.06 11.83
CA LEU A 20 17.59 26.42 11.41
C LEU A 20 16.65 26.77 12.57
N PRO A 21 16.61 26.03 13.68
CA PRO A 21 15.70 26.42 14.77
C PRO A 21 15.91 27.83 15.27
N ASN A 22 17.15 28.32 15.27
CA ASN A 22 17.44 29.66 15.76
C ASN A 22 17.51 30.71 14.66
N ARG A 23 17.59 30.29 13.38
CA ARG A 23 17.73 31.23 12.28
C ARG A 23 16.50 31.32 11.39
N GLU A 24 15.68 30.27 11.32
CA GLU A 24 14.44 30.36 10.56
C GLU A 24 13.51 31.45 11.08
N PRO A 25 13.31 31.65 12.38
CA PRO A 25 12.46 32.79 12.81
C PRO A 25 12.95 34.13 12.30
N LYS A 26 14.27 34.34 12.26
CA LYS A 26 14.79 35.59 11.70
C LYS A 26 14.42 35.73 10.23
N MET A 27 14.47 34.62 9.49
CA MET A 27 14.00 34.63 8.11
C MET A 27 12.51 34.97 8.03
N GLN A 28 11.72 34.42 8.95
CA GLN A 28 10.28 34.66 8.94
C GLN A 28 9.95 36.11 9.33
N GLU A 29 10.74 36.70 10.22
CA GLU A 29 10.58 38.13 10.51
C GLU A 29 10.93 38.97 9.28
N GLN A 30 11.98 38.59 8.56
CA GLN A 30 12.33 39.30 7.33
C GLN A 30 11.23 39.22 6.30
N TRP A 31 10.61 38.04 6.17
CA TRP A 31 9.46 37.90 5.27
C TRP A 31 8.32 38.80 5.68
N ALA A 32 8.04 38.89 6.99
CA ALA A 32 6.88 39.63 7.47
C ALA A 32 6.97 41.10 7.12
N GLU A 33 8.13 41.72 7.33
CA GLU A 33 8.30 43.13 6.99
C GLU A 33 8.18 43.35 5.48
N MET A 34 8.71 42.43 4.69
CA MET A 34 8.63 42.55 3.24
C MET A 34 7.20 42.55 2.72
N ASN A 35 6.25 42.03 3.50
CA ASN A 35 4.92 41.71 3.00
C ASN A 35 5.05 40.83 1.76
N ILE A 36 5.83 39.75 1.92
CA ILE A 36 6.24 38.95 0.77
C ILE A 36 5.03 38.37 0.05
N TYR A 37 4.00 37.98 0.81
CA TYR A 37 2.77 37.52 0.17
C TYR A 37 2.16 38.62 -0.68
N GLU A 38 2.09 39.84 -0.15
CA GLU A 38 1.56 40.97 -0.92
C GLU A 38 2.39 41.24 -2.16
N LYS A 39 3.72 41.21 -2.01
CA LYS A 39 4.60 41.45 -3.15
C LYS A 39 4.42 40.37 -4.21
N VAL A 40 4.31 39.11 -3.80
CA VAL A 40 4.11 38.03 -4.77
C VAL A 40 2.77 38.20 -5.48
N GLN A 41 1.72 38.53 -4.73
CA GLN A 41 0.40 38.69 -5.33
C GLN A 41 0.36 39.86 -6.30
N LYS A 42 1.06 40.95 -5.97
CA LYS A 42 1.07 42.11 -6.85
C LYS A 42 1.93 41.87 -8.09
N ARG A 43 3.07 41.18 -7.92
CA ARG A 43 3.93 40.90 -9.06
C ARG A 43 3.21 40.06 -10.10
N THR A 44 2.26 39.23 -9.67
CA THR A 44 1.55 38.32 -10.56
C THR A 44 0.10 38.70 -10.76
N GLU A 45 -0.25 39.98 -10.53
CA GLU A 45 -1.66 40.36 -10.53
C GLU A 45 -2.29 40.19 -11.91
N GLY A 46 -1.52 40.34 -12.98
CA GLY A 46 -2.04 40.08 -14.31
C GLY A 46 -2.06 38.63 -14.72
N ARG A 47 -1.36 37.78 -13.98
CA ARG A 47 -1.26 36.36 -14.33
C ARG A 47 -2.62 35.68 -14.14
N PRO A 48 -2.85 34.57 -14.85
CA PRO A 48 -4.08 33.81 -14.65
C PRO A 48 -4.17 33.28 -13.23
N LEU A 49 -5.40 33.09 -12.77
CA LEU A 49 -5.67 32.77 -11.38
C LEU A 49 -5.64 31.27 -11.15
N PHE A 50 -4.95 30.85 -10.08
CA PHE A 50 -5.00 29.48 -9.58
C PHE A 50 -5.38 29.54 -8.12
N VAL A 51 -6.46 28.86 -7.74
CA VAL A 51 -7.02 28.93 -6.40
C VAL A 51 -6.95 27.56 -5.75
N LEU A 52 -6.23 27.47 -4.64
CA LEU A 52 -6.22 26.29 -3.79
C LEU A 52 -6.96 26.71 -2.51
N HIS A 53 -8.22 26.33 -2.41
CA HIS A 53 -9.06 26.79 -1.32
C HIS A 53 -8.72 26.03 -0.04
N ASP A 54 -8.39 26.78 1.01
CA ASP A 54 -7.99 26.18 2.28
C ASP A 54 -9.20 25.63 3.02
N GLY A 55 -9.11 24.37 3.44
CA GLY A 55 -10.11 23.79 4.29
C GLY A 55 -9.97 24.28 5.72
N PRO A 56 -11.08 24.65 6.35
CA PRO A 56 -11.01 25.30 7.66
C PRO A 56 -10.75 24.29 8.77
N PRO A 57 -9.61 24.38 9.44
CA PRO A 57 -9.37 23.54 10.61
C PRO A 57 -10.04 24.12 11.85
N TYR A 58 -10.50 23.23 12.71
CA TYR A 58 -11.14 23.68 13.95
C TYR A 58 -10.12 24.37 14.84
N ALA A 59 -10.50 25.51 15.40
CA ALA A 59 -9.61 26.32 16.24
C ALA A 59 -9.87 25.97 17.70
N ASN A 60 -9.29 24.85 18.15
CA ASN A 60 -9.41 24.44 19.54
C ASN A 60 -8.06 24.32 20.23
N GLY A 61 -7.08 23.65 19.61
CA GLY A 61 -5.80 23.46 20.25
C GLY A 61 -4.62 23.66 19.33
N ASP A 62 -3.48 23.07 19.70
CA ASP A 62 -2.27 23.19 18.90
C ASP A 62 -2.39 22.35 17.63
N ILE A 63 -1.60 22.72 16.62
CA ILE A 63 -1.61 22.01 15.34
C ILE A 63 -0.79 20.73 15.48
N HIS A 64 -1.23 19.68 14.80
CA HIS A 64 -0.57 18.38 14.82
C HIS A 64 0.09 18.10 13.47
N MET A 65 0.65 16.90 13.35
CA MET A 65 1.40 16.54 12.14
C MET A 65 0.50 16.51 10.92
N GLY A 66 -0.76 16.12 11.08
CA GLY A 66 -1.69 16.18 9.97
C GLY A 66 -1.89 17.59 9.45
N HIS A 67 -2.00 18.56 10.36
CA HIS A 67 -2.07 19.96 9.96
C HIS A 67 -0.79 20.38 9.24
N ALA A 68 0.37 20.05 9.82
CA ALA A 68 1.64 20.45 9.22
C ALA A 68 1.81 19.81 7.84
N LEU A 69 1.42 18.54 7.71
CA LEU A 69 1.47 17.90 6.41
C LEU A 69 0.56 18.61 5.42
N ASN A 70 -0.66 18.95 5.85
CA ASN A 70 -1.63 19.58 4.94
C ASN A 70 -1.13 20.93 4.45
N LYS A 71 -0.75 21.82 5.37
CA LYS A 71 -0.34 23.16 4.99
C LYS A 71 0.90 23.15 4.11
N ILE A 72 1.89 22.32 4.45
CA ILE A 72 3.12 22.28 3.67
C ILE A 72 2.85 21.74 2.27
N LEU A 73 1.97 20.76 2.15
CA LEU A 73 1.54 20.30 0.83
C LEU A 73 0.86 21.43 0.06
N LYS A 74 -0.04 22.16 0.72
CA LYS A 74 -0.66 23.32 0.09
C LYS A 74 0.39 24.36 -0.27
N ASP A 75 1.33 24.60 0.63
CA ASP A 75 2.36 25.61 0.40
C ASP A 75 3.24 25.26 -0.80
N PHE A 76 3.48 23.97 -1.03
CA PHE A 76 4.26 23.54 -2.20
C PHE A 76 3.59 24.01 -3.48
N ILE A 77 2.29 23.74 -3.62
CA ILE A 77 1.59 24.03 -4.87
C ILE A 77 1.42 25.54 -5.06
N VAL A 78 1.05 26.25 -4.00
CA VAL A 78 0.83 27.69 -4.11
C VAL A 78 2.13 28.40 -4.46
N ARG A 79 3.23 27.99 -3.82
CA ARG A 79 4.53 28.59 -4.13
C ARG A 79 4.96 28.28 -5.57
N TYR A 80 4.77 27.04 -6.01
CA TYR A 80 5.19 26.67 -7.36
C TYR A 80 4.39 27.42 -8.41
N LYS A 81 3.07 27.50 -8.24
CA LYS A 81 2.23 28.19 -9.21
C LYS A 81 2.58 29.68 -9.30
N SER A 82 2.86 30.29 -8.14
CA SER A 82 3.24 31.71 -8.14
C SER A 82 4.52 31.94 -8.94
N MET A 83 5.36 30.92 -9.07
CA MET A 83 6.58 31.00 -9.86
C MET A 83 6.42 30.41 -11.26
N SER A 84 5.24 29.91 -11.60
CA SER A 84 5.03 29.21 -12.87
C SER A 84 4.09 29.97 -13.81
N GLY A 85 3.86 31.25 -13.56
CA GLY A 85 2.99 32.02 -14.42
C GLY A 85 1.54 32.04 -14.00
N PHE A 86 1.26 31.91 -12.70
CA PHE A 86 -0.09 32.00 -12.17
C PHE A 86 -0.13 33.03 -11.05
N CYS A 87 -1.34 33.51 -10.77
CA CYS A 87 -1.62 34.24 -9.55
C CYS A 87 -2.28 33.28 -8.57
N ALA A 88 -1.62 33.04 -7.44
CA ALA A 88 -2.03 31.99 -6.49
C ALA A 88 -2.35 32.64 -5.15
N PRO A 89 -3.58 33.12 -4.97
CA PRO A 89 -3.99 33.64 -3.65
C PRO A 89 -4.26 32.47 -2.71
N TYR A 90 -3.57 32.47 -1.57
CA TYR A 90 -3.83 31.49 -0.53
C TYR A 90 -4.45 32.20 0.67
N VAL A 91 -5.68 31.84 0.99
CA VAL A 91 -6.44 32.45 2.07
C VAL A 91 -6.71 31.39 3.13
N PRO A 92 -5.99 31.41 4.25
CA PRO A 92 -6.24 30.42 5.30
C PRO A 92 -7.59 30.62 5.96
N GLY A 93 -8.14 29.51 6.47
CA GLY A 93 -9.43 29.53 7.12
C GLY A 93 -9.36 28.90 8.51
N TRP A 94 -10.49 29.00 9.22
CA TRP A 94 -10.62 28.40 10.53
C TRP A 94 -12.09 28.14 10.81
N ASP A 95 -12.38 26.95 11.33
CA ASP A 95 -13.72 26.58 11.77
C ASP A 95 -13.84 26.91 13.25
N THR A 96 -14.74 27.83 13.59
CA THR A 96 -14.83 28.36 14.95
C THR A 96 -16.12 27.98 15.67
N HIS A 97 -17.22 27.75 14.96
CA HIS A 97 -18.43 27.25 15.59
C HIS A 97 -18.27 25.76 15.89
N GLY A 98 -18.78 25.34 17.03
CA GLY A 98 -18.78 23.93 17.34
C GLY A 98 -18.99 23.66 18.81
N LEU A 99 -19.34 22.41 19.10
CA LEU A 99 -19.48 21.97 20.49
C LEU A 99 -18.17 22.01 21.27
N PRO A 100 -17.01 21.58 20.76
CA PRO A 100 -15.80 21.57 21.60
C PRO A 100 -15.44 22.93 22.16
N ILE A 101 -15.61 24.01 21.40
CA ILE A 101 -15.37 25.35 21.94
C ILE A 101 -16.44 25.70 22.96
N GLU A 102 -17.69 25.34 22.68
CA GLU A 102 -18.77 25.56 23.64
C GLU A 102 -18.50 24.80 24.94
N THR A 103 -18.05 23.55 24.83
CA THR A 103 -17.78 22.75 26.02
C THR A 103 -16.62 23.31 26.82
N ALA A 104 -15.56 23.77 26.14
CA ALA A 104 -14.35 24.19 26.84
C ALA A 104 -14.62 25.36 27.77
N LEU A 105 -15.40 26.34 27.31
CA LEU A 105 -15.74 27.46 28.19
C LEU A 105 -16.67 27.03 29.32
N THR A 106 -17.57 26.10 29.04
CA THR A 106 -18.48 25.62 30.07
C THR A 106 -17.71 24.92 31.20
N LYS A 107 -16.73 24.10 30.85
CA LYS A 107 -16.06 23.24 31.81
C LYS A 107 -14.65 23.73 32.15
N ASN A 108 -13.78 23.90 31.14
CA ASN A 108 -12.39 24.24 31.41
C ASN A 108 -12.27 25.61 32.08
N LYS A 109 -13.08 26.58 31.65
CA LYS A 109 -13.13 27.88 32.29
C LYS A 109 -14.36 27.98 33.18
N LYS A 110 -14.37 29.02 34.02
CA LYS A 110 -15.37 29.13 35.09
C LYS A 110 -16.53 30.00 34.61
N VAL A 111 -17.27 29.45 33.64
CA VAL A 111 -18.39 30.13 33.02
C VAL A 111 -19.65 29.33 33.30
N ASN A 112 -20.65 29.98 33.88
CA ASN A 112 -21.96 29.38 34.12
C ASN A 112 -22.99 30.07 33.25
N ARG A 113 -23.72 29.29 32.46
CA ARG A 113 -24.68 29.84 31.52
C ARG A 113 -25.94 30.37 32.18
N LYS A 114 -26.17 30.05 33.46
CA LYS A 114 -27.32 30.61 34.17
C LYS A 114 -27.15 32.11 34.40
N GLU A 115 -25.93 32.53 34.73
CA GLU A 115 -25.64 33.92 35.07
C GLU A 115 -25.69 34.86 33.87
N MET A 116 -25.67 34.33 32.65
CA MET A 116 -25.56 35.15 31.46
C MET A 116 -26.55 34.69 30.41
N THR A 117 -26.77 35.54 29.40
CA THR A 117 -27.65 35.21 28.30
C THR A 117 -26.94 34.27 27.33
N VAL A 118 -27.72 33.71 26.40
CA VAL A 118 -27.14 32.90 25.34
C VAL A 118 -26.21 33.75 24.47
N ALA A 119 -26.64 34.95 24.12
CA ALA A 119 -25.84 35.82 23.28
C ALA A 119 -24.52 36.19 23.96
N GLU A 120 -24.57 36.49 25.26
CA GLU A 120 -23.35 36.79 26.00
C GLU A 120 -22.41 35.58 26.02
N PHE A 121 -22.98 34.38 26.17
CA PHE A 121 -22.17 33.17 26.13
C PHE A 121 -21.51 32.99 24.78
N ARG A 122 -22.24 33.27 23.70
CA ARG A 122 -21.65 33.17 22.36
C ARG A 122 -20.55 34.20 22.16
N LYS A 123 -20.65 35.35 22.82
CA LYS A 123 -19.57 36.32 22.78
C LYS A 123 -18.30 35.76 23.40
N LEU A 124 -18.44 35.03 24.51
CA LEU A 124 -17.29 34.36 25.11
C LEU A 124 -16.75 33.28 24.18
N CYS A 125 -17.64 32.56 23.49
CA CYS A 125 -17.19 31.55 22.55
C CYS A 125 -16.34 32.16 21.44
N GLU A 126 -16.75 33.33 20.94
CA GLU A 126 -15.96 34.02 19.93
C GLU A 126 -14.59 34.41 20.47
N GLN A 127 -14.55 34.92 21.71
CA GLN A 127 -13.26 35.32 22.30
C GLN A 127 -12.34 34.12 22.47
N TYR A 128 -12.89 32.98 22.92
CA TYR A 128 -12.08 31.77 23.04
C TYR A 128 -11.64 31.26 21.68
N ALA A 129 -12.52 31.32 20.68
CA ALA A 129 -12.18 30.86 19.34
C ALA A 129 -11.07 31.71 18.73
N TRP A 130 -11.14 33.03 18.92
CA TRP A 130 -10.13 33.90 18.33
C TRP A 130 -8.74 33.63 18.91
N GLU A 131 -8.67 33.35 20.22
CA GLU A 131 -7.38 33.02 20.83
C GLU A 131 -6.77 31.78 20.19
N GLN A 132 -7.59 30.75 19.95
CA GLN A 132 -7.09 29.54 19.32
C GLN A 132 -6.67 29.78 17.88
N VAL A 133 -7.40 30.64 17.16
CA VAL A 133 -7.01 30.98 15.80
C VAL A 133 -5.64 31.64 15.80
N ASN A 134 -5.41 32.58 16.72
CA ASN A 134 -4.12 33.26 16.79
C ASN A 134 -3.00 32.29 17.17
N GLY A 135 -3.28 31.36 18.09
CA GLY A 135 -2.28 30.37 18.43
C GLY A 135 -1.90 29.50 17.26
N GLN A 136 -2.90 28.97 16.55
CA GLN A 136 -2.62 28.13 15.39
C GLN A 136 -1.96 28.93 14.27
N ARG A 137 -2.39 30.19 14.09
CA ARG A 137 -1.84 31.01 13.02
C ARG A 137 -0.33 31.14 13.15
N GLU A 138 0.16 31.41 14.36
CA GLU A 138 1.59 31.52 14.57
C GLU A 138 2.29 30.19 14.33
N GLN A 139 1.68 29.08 14.77
CA GLN A 139 2.26 27.77 14.54
C GLN A 139 2.34 27.47 13.05
N PHE A 140 1.29 27.81 12.30
CA PHE A 140 1.32 27.63 10.85
C PHE A 140 2.38 28.52 10.21
N LYS A 141 2.49 29.77 10.67
CA LYS A 141 3.51 30.66 10.14
C LYS A 141 4.92 30.17 10.47
N ARG A 142 5.08 29.44 11.58
CA ARG A 142 6.38 28.90 11.92
C ARG A 142 6.79 27.78 10.98
N LEU A 143 5.81 27.08 10.38
CA LEU A 143 6.10 26.11 9.34
C LEU A 143 6.66 26.75 8.08
N GLY A 144 6.55 28.07 7.95
CA GLY A 144 7.00 28.76 6.76
C GLY A 144 5.97 28.87 5.67
N VAL A 145 4.72 28.49 5.94
CA VAL A 145 3.67 28.55 4.92
C VAL A 145 3.27 30.00 4.69
N ARG A 146 3.32 30.40 3.42
CA ARG A 146 2.92 31.74 3.01
C ARG A 146 1.43 31.80 2.76
N GLY A 147 0.85 32.97 2.98
CA GLY A 147 -0.57 33.17 2.71
C GLY A 147 -1.06 34.44 3.34
N ASP A 148 -2.34 34.74 3.08
CA ASP A 148 -2.99 35.94 3.61
C ASP A 148 -3.38 35.71 5.06
N TRP A 149 -2.36 35.57 5.91
CA TRP A 149 -2.59 35.27 7.32
C TRP A 149 -3.18 36.45 8.06
N ASP A 150 -2.87 37.67 7.65
CA ASP A 150 -3.39 38.86 8.32
C ASP A 150 -4.82 39.18 7.91
N ASN A 151 -5.33 38.57 6.85
CA ASN A 151 -6.74 38.70 6.47
C ASN A 151 -7.31 37.35 6.09
N PRO A 152 -7.45 36.44 7.06
CA PRO A 152 -8.01 35.11 6.80
C PRO A 152 -9.53 35.17 6.80
N TYR A 153 -10.14 33.99 6.67
CA TYR A 153 -11.58 33.85 6.82
C TYR A 153 -11.86 32.92 8.01
N VAL A 154 -12.90 33.26 8.78
CA VAL A 154 -13.37 32.41 9.86
C VAL A 154 -14.88 32.27 9.73
N THR A 155 -15.40 31.16 10.23
CA THR A 155 -16.82 30.85 10.08
C THR A 155 -17.70 31.75 10.92
N LEU A 156 -17.15 32.41 11.95
CA LEU A 156 -17.95 33.32 12.76
C LEU A 156 -18.08 34.71 12.15
N GLN A 157 -17.39 34.98 11.04
CA GLN A 157 -17.43 36.30 10.43
C GLN A 157 -18.86 36.63 9.99
N PRO A 158 -19.32 37.86 10.19
CA PRO A 158 -20.67 38.22 9.75
C PRO A 158 -20.92 37.97 8.27
N GLN A 159 -19.92 38.25 7.42
CA GLN A 159 -20.07 37.97 6.00
C GLN A 159 -20.18 36.48 5.73
N TYR A 160 -19.38 35.67 6.44
CA TYR A 160 -19.45 34.22 6.27
C TYR A 160 -20.83 33.70 6.66
N GLU A 161 -21.34 34.14 7.81
CA GLU A 161 -22.67 33.72 8.24
C GLU A 161 -23.75 34.23 7.30
N ALA A 162 -23.58 35.43 6.77
CA ALA A 162 -24.56 35.97 5.83
C ALA A 162 -24.67 35.11 4.58
N GLN A 163 -23.54 34.66 4.05
CA GLN A 163 -23.56 33.79 2.87
C GLN A 163 -24.07 32.40 3.20
N GLN A 164 -23.74 31.88 4.39
CA GLN A 164 -24.24 30.58 4.78
C GLN A 164 -25.76 30.58 4.89
N ILE A 165 -26.34 31.69 5.40
CA ILE A 165 -27.79 31.85 5.38
C ILE A 165 -28.31 31.84 3.96
N LYS A 166 -27.59 32.50 3.04
CA LYS A 166 -28.00 32.47 1.64
C LYS A 166 -27.98 31.06 1.08
N VAL A 167 -26.97 30.26 1.45
CA VAL A 167 -26.90 28.89 0.98
C VAL A 167 -28.13 28.11 1.47
N PHE A 168 -28.48 28.26 2.74
CA PHE A 168 -29.68 27.63 3.26
C PHE A 168 -30.91 28.07 2.48
N GLY A 169 -31.02 29.37 2.20
CA GLY A 169 -32.20 29.88 1.52
C GLY A 169 -32.32 29.35 0.10
N ASP A 170 -31.21 29.31 -0.64
CA ASP A 170 -31.26 28.82 -2.02
C ASP A 170 -31.62 27.34 -2.04
N MET A 171 -31.05 26.54 -1.15
CA MET A 171 -31.41 25.13 -1.08
C MET A 171 -32.87 24.96 -0.67
N ALA A 172 -33.35 25.78 0.28
CA ALA A 172 -34.74 25.71 0.68
C ALA A 172 -35.68 26.11 -0.45
N LYS A 173 -35.30 27.13 -1.22
CA LYS A 173 -36.12 27.56 -2.35
C LYS A 173 -36.31 26.44 -3.36
N LYS A 174 -35.24 25.71 -3.67
CA LYS A 174 -35.31 24.59 -4.59
C LYS A 174 -35.98 23.36 -3.98
N GLY A 175 -36.47 23.44 -2.76
CA GLY A 175 -37.16 22.33 -2.14
C GLY A 175 -36.27 21.24 -1.58
N TYR A 176 -34.97 21.49 -1.44
CA TYR A 176 -34.04 20.51 -0.91
C TYR A 176 -33.95 20.55 0.61
N ILE A 177 -34.68 21.43 1.27
CA ILE A 177 -34.62 21.59 2.72
C ILE A 177 -36.01 21.36 3.29
N TYR A 178 -36.09 20.53 4.33
CA TYR A 178 -37.37 20.24 4.96
C TYR A 178 -37.13 19.91 6.43
N LYS A 179 -38.21 19.93 7.20
CA LYS A 179 -38.20 19.50 8.59
C LYS A 179 -39.08 18.26 8.72
N GLY A 180 -38.57 17.23 9.40
CA GLY A 180 -39.28 15.98 9.50
C GLY A 180 -38.94 15.23 10.77
N LEU A 181 -39.82 14.29 11.12
CA LEU A 181 -39.64 13.42 12.27
C LEU A 181 -39.07 12.10 11.76
N LYS A 182 -37.76 11.93 11.91
CA LYS A 182 -37.07 10.71 11.48
C LYS A 182 -36.03 10.35 12.53
N PRO A 183 -35.73 9.06 12.68
CA PRO A 183 -34.64 8.68 13.58
C PRO A 183 -33.32 9.25 13.11
N VAL A 184 -32.53 9.73 14.06
CA VAL A 184 -31.22 10.31 13.78
C VAL A 184 -30.26 9.85 14.87
N TYR A 185 -28.97 10.04 14.62
CA TYR A 185 -27.98 9.85 15.67
C TYR A 185 -28.20 10.90 16.75
N TRP A 186 -28.25 10.44 18.00
CA TRP A 186 -28.48 11.32 19.14
C TRP A 186 -27.42 11.07 20.19
N SER A 187 -26.80 12.14 20.67
CA SER A 187 -25.82 12.03 21.73
C SER A 187 -26.46 12.42 23.05
N PRO A 188 -26.71 11.47 23.95
CA PRO A 188 -27.28 11.83 25.26
C PRO A 188 -26.38 12.77 26.06
N SER A 189 -25.06 12.64 25.92
CA SER A 189 -24.15 13.52 26.64
C SER A 189 -24.28 14.97 26.16
N SER A 190 -24.37 15.18 24.85
CA SER A 190 -24.51 16.52 24.30
C SER A 190 -25.95 16.98 24.21
N GLU A 191 -26.92 16.08 24.46
CA GLU A 191 -28.35 16.39 24.37
C GLU A 191 -28.71 16.99 23.01
N SER A 192 -28.18 16.40 21.95
CA SER A 192 -28.38 16.94 20.61
C SER A 192 -28.43 15.83 19.58
N ALA A 193 -28.96 16.16 18.41
CA ALA A 193 -28.89 15.28 17.26
C ALA A 193 -27.48 15.31 16.67
N LEU A 194 -27.20 14.34 15.81
CA LEU A 194 -25.86 14.17 15.26
C LEU A 194 -25.98 13.74 13.80
N ALA A 195 -24.83 13.55 13.17
CA ALA A 195 -24.75 13.08 11.78
C ALA A 195 -23.62 12.07 11.67
N GLU A 196 -23.71 11.23 10.64
CA GLU A 196 -22.71 10.17 10.46
C GLU A 196 -21.32 10.75 10.31
N ALA A 197 -21.19 11.96 9.76
CA ALA A 197 -19.89 12.62 9.70
C ALA A 197 -19.37 12.95 11.09
N GLU A 198 -20.25 13.06 12.09
CA GLU A 198 -19.87 13.30 13.47
C GLU A 198 -19.95 12.05 14.32
N ILE A 199 -19.71 10.88 13.73
CA ILE A 199 -19.79 9.61 14.42
C ILE A 199 -18.47 8.87 14.28
N GLU A 200 -17.90 8.46 15.41
CA GLU A 200 -16.70 7.64 15.42
C GLU A 200 -17.06 6.28 16.01
N TYR A 201 -16.70 5.22 15.30
CA TYR A 201 -17.06 3.86 15.70
C TYR A 201 -16.00 3.28 16.61
N TYR A 202 -16.36 2.99 17.85
CA TYR A 202 -15.49 2.37 18.85
C TYR A 202 -16.05 1.01 19.23
N ASP A 203 -15.22 0.23 19.91
CA ASP A 203 -15.67 -1.02 20.49
C ASP A 203 -16.50 -0.76 21.74
N LYS A 204 -17.59 -1.50 21.88
CA LYS A 204 -18.46 -1.38 23.04
C LYS A 204 -18.86 -2.77 23.50
N ARG A 205 -19.01 -2.94 24.81
CA ARG A 205 -19.46 -4.19 25.40
C ARG A 205 -20.92 -4.02 25.83
N SER A 206 -21.81 -4.75 25.18
CA SER A 206 -23.24 -4.70 25.47
C SER A 206 -23.74 -6.11 25.77
N ALA A 207 -25.04 -6.23 25.99
CA ALA A 207 -25.67 -7.50 26.32
C ALA A 207 -26.45 -8.01 25.11
N SER A 208 -26.19 -9.25 24.72
CA SER A 208 -26.87 -9.88 23.59
C SER A 208 -27.90 -10.87 24.12
N ILE A 209 -29.16 -10.65 23.78
CA ILE A 209 -30.26 -11.44 24.31
C ILE A 209 -31.08 -12.03 23.17
N TYR A 210 -31.75 -13.14 23.48
CA TYR A 210 -32.73 -13.75 22.59
C TYR A 210 -34.07 -13.78 23.33
N VAL A 211 -35.10 -13.22 22.71
CA VAL A 211 -36.38 -12.97 23.36
C VAL A 211 -37.49 -13.67 22.58
N ALA A 212 -38.36 -14.37 23.30
CA ALA A 212 -39.47 -15.08 22.69
C ALA A 212 -40.72 -14.20 22.70
N PHE A 213 -41.36 -14.08 21.54
CA PHE A 213 -42.61 -13.34 21.38
C PHE A 213 -43.72 -14.34 21.14
N ASN A 214 -44.65 -14.44 22.09
CA ASN A 214 -45.78 -15.35 21.95
C ASN A 214 -46.71 -14.87 20.84
N VAL A 215 -47.41 -15.82 20.22
CA VAL A 215 -48.32 -15.53 19.12
C VAL A 215 -49.72 -15.32 19.68
N LYS A 216 -50.30 -14.15 19.42
CA LYS A 216 -51.68 -13.89 19.84
C LYS A 216 -52.69 -14.46 18.85
N ASP A 217 -52.48 -14.22 17.55
CA ASP A 217 -53.34 -14.74 16.51
C ASP A 217 -52.45 -15.17 15.35
N GLY A 218 -52.47 -16.47 15.03
CA GLY A 218 -51.68 -16.98 13.93
C GLY A 218 -52.28 -16.76 12.56
N LYS A 219 -53.55 -16.34 12.50
CA LYS A 219 -54.24 -16.07 11.23
C LYS A 219 -54.16 -17.26 10.28
N GLY A 220 -54.29 -18.47 10.83
CA GLY A 220 -54.29 -19.67 10.03
C GLY A 220 -52.93 -20.16 9.60
N VAL A 221 -51.85 -19.50 9.99
CA VAL A 221 -50.51 -19.86 9.58
C VAL A 221 -49.70 -20.43 10.73
N LEU A 222 -49.84 -19.87 11.93
CA LEU A 222 -49.11 -20.30 13.11
C LEU A 222 -50.10 -20.76 14.18
N GLU A 223 -49.55 -21.18 15.32
CA GLU A 223 -50.34 -21.72 16.41
C GLU A 223 -50.07 -20.95 17.70
N GLN A 224 -51.07 -20.98 18.60
CA GLN A 224 -51.01 -20.16 19.80
C GLN A 224 -49.85 -20.54 20.71
N ASP A 225 -49.38 -21.78 20.63
CA ASP A 225 -48.27 -22.25 21.46
C ASP A 225 -46.91 -22.03 20.82
N GLU A 226 -46.86 -21.44 19.64
CA GLU A 226 -45.60 -21.15 18.96
C GLU A 226 -45.18 -19.70 19.21
N LYS A 227 -43.87 -19.46 19.12
CA LYS A 227 -43.30 -18.18 19.49
C LYS A 227 -42.30 -17.72 18.45
N PHE A 228 -42.09 -16.41 18.38
CA PHE A 228 -41.03 -15.81 17.58
C PHE A 228 -39.79 -15.64 18.45
N ILE A 229 -38.62 -15.87 17.88
CA ILE A 229 -37.35 -15.59 18.54
C ILE A 229 -36.72 -14.39 17.87
N ILE A 230 -36.40 -13.37 18.66
CA ILE A 230 -35.74 -12.18 18.16
C ILE A 230 -34.42 -12.02 18.88
N TRP A 231 -33.48 -11.36 18.21
CA TRP A 231 -32.15 -11.09 18.75
C TRP A 231 -31.90 -9.60 18.73
N THR A 232 -31.36 -9.09 19.83
CA THR A 232 -31.03 -7.67 19.91
C THR A 232 -29.93 -7.48 20.95
N THR A 233 -29.12 -6.44 20.75
CA THR A 233 -28.10 -6.04 21.71
C THR A 233 -28.48 -4.76 22.44
N THR A 234 -29.70 -4.27 22.26
CA THR A 234 -30.19 -3.05 22.90
C THR A 234 -31.49 -3.37 23.61
N PRO A 235 -31.41 -3.97 24.81
CA PRO A 235 -32.64 -4.28 25.56
C PRO A 235 -33.50 -3.06 25.85
N TRP A 236 -32.89 -1.86 25.95
CA TRP A 236 -33.66 -0.66 26.21
C TRP A 236 -34.59 -0.29 25.06
N THR A 237 -34.43 -0.88 23.88
CA THR A 237 -35.36 -0.64 22.79
C THR A 237 -36.61 -1.53 22.88
N MET A 238 -36.61 -2.53 23.76
CA MET A 238 -37.79 -3.37 23.92
C MET A 238 -39.06 -2.60 24.27
N PRO A 239 -39.05 -1.61 25.18
CA PRO A 239 -40.29 -0.88 25.45
C PRO A 239 -40.88 -0.17 24.24
N ALA A 240 -40.06 0.15 23.24
CA ALA A 240 -40.51 0.84 22.04
C ALA A 240 -40.90 -0.11 20.91
N ASN A 241 -41.01 -1.41 21.20
CA ASN A 241 -41.35 -2.36 20.16
C ASN A 241 -42.76 -2.10 19.64
N GLN A 242 -42.93 -2.28 18.33
CA GLN A 242 -44.24 -2.25 17.71
C GLN A 242 -44.54 -3.45 16.82
N GLY A 243 -43.54 -4.22 16.42
CA GLY A 243 -43.80 -5.36 15.57
C GLY A 243 -42.57 -6.21 15.36
N ILE A 244 -42.76 -7.30 14.62
CA ILE A 244 -41.69 -8.23 14.28
C ILE A 244 -41.49 -8.18 12.77
N ALA A 245 -40.30 -7.76 12.35
CA ALA A 245 -39.98 -7.66 10.94
C ALA A 245 -39.43 -8.99 10.43
N VAL A 246 -39.95 -9.44 9.29
CA VAL A 246 -39.45 -10.65 8.63
C VAL A 246 -39.16 -10.32 7.17
N ASN A 247 -38.29 -11.12 6.58
CA ASN A 247 -37.98 -10.98 5.16
C ASN A 247 -39.02 -11.73 4.34
N PRO A 248 -39.69 -11.08 3.39
CA PRO A 248 -40.79 -11.76 2.66
C PRO A 248 -40.38 -13.00 1.89
N GLU A 249 -39.13 -13.09 1.43
CA GLU A 249 -38.71 -14.21 0.58
C GLU A 249 -37.74 -15.16 1.29
N LEU A 250 -37.54 -15.01 2.59
CA LEU A 250 -36.78 -16.00 3.34
C LEU A 250 -37.72 -17.08 3.86
N GLN A 251 -37.18 -18.29 3.99
CA GLN A 251 -37.94 -19.42 4.52
C GLN A 251 -37.78 -19.48 6.03
N TYR A 252 -38.90 -19.53 6.74
CA TYR A 252 -38.92 -19.62 8.19
C TYR A 252 -39.50 -20.98 8.59
N SER A 253 -38.95 -21.54 9.66
CA SER A 253 -39.32 -22.87 10.11
C SER A 253 -39.74 -22.83 11.57
N VAL A 254 -40.81 -23.56 11.88
CA VAL A 254 -41.24 -23.77 13.26
C VAL A 254 -40.46 -24.94 13.81
N VAL A 255 -39.63 -24.68 14.82
CA VAL A 255 -38.73 -25.67 15.38
C VAL A 255 -39.15 -25.93 16.82
N GLU A 256 -39.38 -27.21 17.16
CA GLU A 256 -39.63 -27.62 18.53
C GLU A 256 -38.29 -27.92 19.18
N ALA A 257 -37.87 -27.09 20.13
CA ALA A 257 -36.57 -27.19 20.76
C ALA A 257 -36.75 -27.27 22.27
N ASP A 258 -36.45 -28.42 22.85
CA ASP A 258 -36.53 -28.64 24.30
C ASP A 258 -37.91 -28.28 24.82
N GLY A 259 -38.92 -28.93 24.24
CA GLY A 259 -40.29 -28.75 24.67
C GLY A 259 -40.87 -27.37 24.44
N ALA A 260 -40.50 -26.72 23.34
CA ALA A 260 -41.05 -25.41 23.01
C ALA A 260 -40.93 -25.20 21.50
N LYS A 261 -41.96 -24.60 20.91
CA LYS A 261 -42.01 -24.37 19.48
C LYS A 261 -41.69 -22.90 19.18
N TYR A 262 -40.70 -22.68 18.33
CA TYR A 262 -40.20 -21.34 18.02
C TYR A 262 -40.16 -21.15 16.51
N VAL A 263 -40.20 -19.88 16.08
CA VAL A 263 -40.16 -19.51 14.68
C VAL A 263 -38.84 -18.80 14.43
N VAL A 264 -37.97 -19.42 13.62
CA VAL A 264 -36.70 -18.83 13.21
C VAL A 264 -36.53 -19.09 11.72
N ALA A 265 -35.62 -18.33 11.11
CA ALA A 265 -35.31 -18.53 9.71
C ALA A 265 -34.64 -19.89 9.49
N THR A 266 -34.94 -20.51 8.35
CA THR A 266 -34.45 -21.85 8.09
C THR A 266 -32.93 -21.90 8.06
N GLU A 267 -32.29 -20.92 7.43
CA GLU A 267 -30.84 -20.90 7.32
C GLU A 267 -30.14 -20.46 8.60
N LEU A 268 -30.90 -20.13 9.65
CA LEU A 268 -30.32 -19.73 10.92
C LEU A 268 -30.63 -20.68 12.06
N ILE A 269 -31.30 -21.81 11.80
CA ILE A 269 -31.72 -22.70 12.88
C ILE A 269 -30.51 -23.24 13.63
N GLU A 270 -29.49 -23.71 12.89
CA GLU A 270 -28.31 -24.27 13.54
C GLU A 270 -27.52 -23.20 14.27
N THR A 271 -27.41 -22.01 13.68
CA THR A 271 -26.71 -20.91 14.34
C THR A 271 -27.41 -20.53 15.64
N VAL A 272 -28.75 -20.40 15.59
CA VAL A 272 -29.51 -20.11 16.79
C VAL A 272 -29.36 -21.23 17.81
N ALA A 273 -29.44 -22.48 17.35
CA ALA A 273 -29.37 -23.62 18.26
C ALA A 273 -28.07 -23.64 19.04
N LYS A 274 -26.98 -23.16 18.45
CA LYS A 274 -25.72 -23.12 19.17
C LYS A 274 -25.70 -22.01 20.22
N GLU A 275 -26.29 -20.86 19.90
CA GLU A 275 -26.23 -19.72 20.82
C GLU A 275 -27.10 -19.95 22.06
N ILE A 276 -28.34 -20.40 21.85
CA ILE A 276 -29.22 -20.73 22.98
C ILE A 276 -28.85 -22.06 23.61
N GLU A 277 -27.95 -22.82 22.99
CA GLU A 277 -27.49 -24.11 23.50
C GLU A 277 -28.64 -25.11 23.64
N TRP A 278 -29.43 -25.21 22.57
CA TRP A 278 -30.52 -26.19 22.53
C TRP A 278 -29.96 -27.60 22.54
N ALA A 279 -30.66 -28.50 23.23
CA ALA A 279 -30.28 -29.90 23.28
C ALA A 279 -30.97 -30.71 22.18
N ASP A 280 -32.29 -30.74 22.18
CA ASP A 280 -33.09 -31.44 21.18
C ASP A 280 -33.90 -30.41 20.41
N TYR A 281 -33.60 -30.23 19.13
CA TYR A 281 -34.37 -29.33 18.28
C TYR A 281 -34.77 -30.05 17.00
N LYS A 282 -36.05 -29.99 16.68
CA LYS A 282 -36.61 -30.64 15.49
C LYS A 282 -37.41 -29.63 14.70
N THR A 283 -37.29 -29.68 13.38
CA THR A 283 -38.07 -28.81 12.50
C THR A 283 -39.43 -29.44 12.24
N LEU A 284 -40.49 -28.78 12.70
CA LEU A 284 -41.84 -29.32 12.55
C LEU A 284 -42.49 -28.90 11.24
N ARG A 285 -42.44 -27.60 10.91
CA ARG A 285 -43.11 -27.07 9.74
C ARG A 285 -42.18 -26.07 9.05
N THR A 286 -42.69 -25.46 7.97
CA THR A 286 -41.92 -24.49 7.21
C THR A 286 -42.86 -23.64 6.37
N VAL A 287 -42.73 -22.32 6.49
CA VAL A 287 -43.51 -21.36 5.70
C VAL A 287 -42.58 -20.27 5.21
N LYS A 288 -43.04 -19.52 4.20
CA LYS A 288 -42.30 -18.38 3.71
C LYS A 288 -42.72 -17.13 4.47
N GLY A 289 -41.81 -16.15 4.55
CA GLY A 289 -42.05 -14.98 5.36
C GLY A 289 -43.26 -14.17 4.92
N SER A 290 -43.63 -14.27 3.65
CA SER A 290 -44.79 -13.52 3.16
C SER A 290 -46.09 -13.98 3.83
N GLU A 291 -46.16 -15.26 4.22
CA GLU A 291 -47.36 -15.80 4.82
C GLU A 291 -47.57 -15.35 6.26
N LEU A 292 -46.55 -14.77 6.89
CA LEU A 292 -46.62 -14.38 8.29
C LEU A 292 -47.07 -12.94 8.49
N GLU A 293 -47.43 -12.24 7.42
CA GLU A 293 -47.66 -10.80 7.52
C GLU A 293 -48.85 -10.48 8.44
N ARG A 294 -49.91 -11.27 8.37
CA ARG A 294 -51.10 -11.01 9.17
C ARG A 294 -50.96 -11.45 10.61
N VAL A 295 -49.89 -12.18 10.96
CA VAL A 295 -49.73 -12.71 12.31
C VAL A 295 -49.55 -11.57 13.30
N VAL A 296 -50.20 -11.69 14.46
CA VAL A 296 -50.09 -10.72 15.55
C VAL A 296 -49.39 -11.39 16.72
N ALA A 297 -48.32 -10.78 17.20
CA ALA A 297 -47.52 -11.32 18.29
C ALA A 297 -47.82 -10.58 19.59
N GLU A 298 -47.28 -11.13 20.68
CA GLU A 298 -47.46 -10.59 22.02
C GLU A 298 -46.17 -9.98 22.52
N HIS A 299 -46.22 -8.73 22.97
CA HIS A 299 -45.05 -8.11 23.56
C HIS A 299 -44.72 -8.81 24.87
N PRO A 300 -43.47 -9.22 25.08
CA PRO A 300 -43.14 -10.04 26.26
C PRO A 300 -43.46 -9.38 27.59
N ILE A 301 -43.34 -8.05 27.67
CA ILE A 301 -43.51 -7.34 28.93
C ILE A 301 -44.92 -6.78 29.03
N TYR A 302 -45.27 -5.88 28.11
CA TYR A 302 -46.54 -5.17 28.22
C TYR A 302 -47.72 -5.92 27.62
N LYS A 303 -47.49 -7.07 27.01
CA LYS A 303 -48.52 -7.92 26.40
C LYS A 303 -49.30 -7.22 25.29
N ARG A 304 -48.82 -6.08 24.81
CA ARG A 304 -49.52 -5.40 23.73
C ARG A 304 -49.27 -6.10 22.40
N ASP A 305 -50.06 -5.73 21.40
CA ASP A 305 -49.93 -6.34 20.09
C ASP A 305 -48.58 -6.00 19.46
N SER A 306 -48.02 -6.96 18.74
CA SER A 306 -46.77 -6.80 18.01
C SER A 306 -47.01 -7.34 16.59
N LEU A 307 -47.25 -6.44 15.65
CA LEU A 307 -47.65 -6.84 14.31
C LEU A 307 -46.44 -7.34 13.53
N VAL A 308 -46.52 -8.57 13.03
CA VAL A 308 -45.49 -9.08 12.14
C VAL A 308 -45.54 -8.28 10.85
N VAL A 309 -44.40 -7.71 10.46
CA VAL A 309 -44.33 -6.86 9.28
C VAL A 309 -43.28 -7.42 8.34
N LEU A 310 -43.44 -7.12 7.06
CA LEU A 310 -42.54 -7.58 6.01
C LEU A 310 -41.53 -6.49 5.69
N GLY A 311 -40.26 -6.86 5.66
CA GLY A 311 -39.20 -5.91 5.39
C GLY A 311 -38.04 -6.50 4.61
N ASP A 312 -37.56 -5.77 3.60
CA ASP A 312 -36.41 -6.21 2.83
C ASP A 312 -35.11 -6.14 3.62
N HIS A 313 -35.05 -5.29 4.66
CA HIS A 313 -33.83 -5.12 5.43
C HIS A 313 -33.50 -6.34 6.28
N VAL A 314 -34.49 -7.19 6.57
CA VAL A 314 -34.25 -8.33 7.45
C VAL A 314 -33.31 -9.31 6.75
N THR A 315 -32.15 -9.53 7.35
CA THR A 315 -31.08 -10.33 6.76
C THR A 315 -30.88 -11.63 7.53
N THR A 316 -30.32 -12.61 6.84
CA THR A 316 -29.98 -13.91 7.42
C THR A 316 -28.54 -13.95 7.92
N ASP A 317 -27.88 -12.80 8.03
CA ASP A 317 -26.47 -12.75 8.38
C ASP A 317 -26.20 -12.76 9.87
N ALA A 318 -27.15 -12.31 10.69
CA ALA A 318 -26.91 -12.26 12.13
C ALA A 318 -28.24 -12.45 12.87
N GLY A 319 -28.13 -12.94 14.10
CA GLY A 319 -29.29 -13.19 14.94
C GLY A 319 -30.23 -14.19 14.32
N THR A 320 -31.52 -13.99 14.58
CA THR A 320 -32.57 -14.79 13.97
C THR A 320 -33.11 -14.10 12.73
N GLY A 321 -34.01 -14.78 12.05
CA GLY A 321 -34.68 -14.17 10.92
C GLY A 321 -35.77 -13.21 11.28
N CYS A 322 -36.03 -13.03 12.58
CA CYS A 322 -37.07 -12.14 13.08
C CYS A 322 -36.42 -11.02 13.88
N VAL A 323 -36.68 -9.78 13.47
CA VAL A 323 -36.10 -8.59 14.09
C VAL A 323 -37.21 -7.81 14.77
N HIS A 324 -37.02 -7.50 16.05
CA HIS A 324 -38.01 -6.69 16.76
C HIS A 324 -37.90 -5.26 16.27
N THR A 325 -39.04 -4.67 15.93
CA THR A 325 -39.11 -3.41 15.19
C THR A 325 -39.53 -2.29 16.12
N ALA A 326 -38.62 -1.32 16.33
CA ALA A 326 -38.90 -0.12 17.09
C ALA A 326 -38.72 1.09 16.19
N PRO A 327 -39.79 1.63 15.61
CA PRO A 327 -39.64 2.71 14.63
C PRO A 327 -38.95 3.96 15.15
N GLY A 328 -39.00 4.20 16.47
CA GLY A 328 -38.37 5.36 17.05
C GLY A 328 -36.91 5.24 17.38
N HIS A 329 -36.29 4.08 17.14
CA HIS A 329 -34.88 3.88 17.46
C HIS A 329 -34.09 3.27 16.30
N GLY A 330 -34.58 3.41 15.07
CA GLY A 330 -33.88 2.84 13.92
C GLY A 330 -34.42 3.32 12.59
N GLU A 331 -33.53 3.52 11.61
CA GLU A 331 -33.95 4.00 10.30
C GLU A 331 -34.80 2.97 9.58
N ASP A 332 -34.33 1.72 9.51
CA ASP A 332 -35.10 0.69 8.81
C ASP A 332 -36.40 0.40 9.54
N ASP A 333 -36.39 0.48 10.88
CA ASP A 333 -37.62 0.27 11.64
C ASP A 333 -38.63 1.36 11.35
N PHE A 334 -38.17 2.60 11.17
CA PHE A 334 -39.08 3.70 10.88
C PHE A 334 -39.69 3.57 9.49
N ILE A 335 -38.91 3.12 8.51
CA ILE A 335 -39.41 3.00 7.14
C ILE A 335 -40.53 1.97 7.08
N VAL A 336 -40.29 0.78 7.65
CA VAL A 336 -41.33 -0.24 7.69
C VAL A 336 -42.47 0.20 8.58
N GLY A 337 -42.15 0.92 9.67
CA GLY A 337 -43.20 1.42 10.55
C GLY A 337 -44.20 2.31 9.83
N GLN A 338 -43.70 3.20 8.98
N GLN A 338 -43.70 3.21 8.99
CA GLN A 338 -44.60 4.06 8.21
CA GLN A 338 -44.59 4.06 8.20
C GLN A 338 -45.34 3.27 7.14
C GLN A 338 -45.35 3.26 7.16
N LYS A 339 -44.74 2.18 6.63
CA LYS A 339 -45.42 1.36 5.64
C LYS A 339 -46.67 0.71 6.21
N TYR A 340 -46.60 0.23 7.45
CA TYR A 340 -47.72 -0.40 8.13
C TYR A 340 -48.44 0.53 9.09
N GLY A 341 -48.10 1.82 9.09
CA GLY A 341 -48.74 2.77 9.98
C GLY A 341 -48.53 2.46 11.45
N LEU A 342 -47.32 2.05 11.82
CA LEU A 342 -47.01 1.78 13.21
C LEU A 342 -46.68 3.08 13.94
N GLU A 343 -46.98 3.10 15.24
CA GLU A 343 -46.70 4.27 16.05
C GLU A 343 -45.19 4.46 16.20
N VAL A 344 -44.74 5.71 16.06
CA VAL A 344 -43.33 6.05 16.19
C VAL A 344 -43.10 6.35 17.67
N LEU A 345 -42.72 5.32 18.43
CA LEU A 345 -42.60 5.40 19.88
C LEU A 345 -41.13 5.55 20.26
N CYS A 346 -40.79 6.63 20.96
CA CYS A 346 -39.43 6.94 21.38
C CYS A 346 -39.44 7.21 22.88
N PRO A 347 -39.42 6.16 23.69
CA PRO A 347 -39.57 6.35 25.14
C PRO A 347 -38.31 6.86 25.83
N VAL A 348 -37.36 7.38 25.05
CA VAL A 348 -36.13 7.95 25.58
C VAL A 348 -36.13 9.44 25.30
N ASP A 349 -35.69 10.23 26.29
CA ASP A 349 -35.62 11.67 26.16
C ASP A 349 -34.24 12.11 25.70
N SER A 350 -34.06 13.43 25.58
CA SER A 350 -32.81 13.99 25.09
C SER A 350 -31.63 13.71 26.01
N LYS A 351 -31.90 13.41 27.28
CA LYS A 351 -30.85 13.11 28.25
C LYS A 351 -30.56 11.63 28.36
N GLY A 352 -31.19 10.80 27.54
CA GLY A 352 -30.94 9.37 27.55
C GLY A 352 -31.70 8.59 28.59
N HIS A 353 -32.71 9.18 29.21
CA HIS A 353 -33.48 8.53 30.26
C HIS A 353 -34.84 8.08 29.75
N MET A 354 -35.30 6.95 30.26
CA MET A 354 -36.59 6.40 29.86
C MET A 354 -37.72 7.29 30.36
N THR A 355 -38.67 7.58 29.48
CA THR A 355 -39.79 8.46 29.80
C THR A 355 -40.96 7.63 30.34
N ASN A 356 -42.13 8.27 30.46
CA ASN A 356 -43.32 7.58 30.93
C ASN A 356 -43.85 6.57 29.92
N GLU A 357 -43.51 6.71 28.64
CA GLU A 357 -43.95 5.78 27.62
C GLU A 357 -43.30 4.41 27.74
N ALA A 358 -42.48 4.19 28.77
CA ALA A 358 -41.89 2.89 29.07
C ALA A 358 -42.20 2.54 30.52
N PRO A 359 -43.45 2.20 30.81
CA PRO A 359 -43.85 1.95 32.21
C PRO A 359 -43.00 0.85 32.84
N GLY A 360 -42.70 1.03 34.12
CA GLY A 360 -41.84 0.12 34.84
C GLY A 360 -40.36 0.40 34.71
N PHE A 361 -39.98 1.35 33.85
CA PHE A 361 -38.57 1.70 33.67
C PHE A 361 -38.36 3.20 33.60
N GLU A 362 -39.37 4.01 33.93
CA GLU A 362 -39.28 5.45 33.80
C GLU A 362 -38.18 6.01 34.70
N GLY A 363 -37.46 7.00 34.19
CA GLY A 363 -36.44 7.70 34.95
C GLY A 363 -35.06 7.09 34.91
N LEU A 364 -34.88 5.96 34.24
CA LEU A 364 -33.59 5.27 34.21
C LEU A 364 -32.83 5.63 32.94
N PHE A 365 -31.51 5.71 33.06
CA PHE A 365 -30.66 5.82 31.90
C PHE A 365 -30.79 4.55 31.07
N TYR A 366 -30.57 4.68 29.75
CA TYR A 366 -30.80 3.53 28.87
C TYR A 366 -29.87 2.38 29.20
N ASP A 367 -28.61 2.68 29.52
CA ASP A 367 -27.68 1.63 29.94
C ASP A 367 -28.13 1.00 31.26
N LYS A 368 -28.58 1.83 32.21
CA LYS A 368 -29.05 1.32 33.50
C LYS A 368 -30.39 0.62 33.41
N ALA A 369 -31.07 0.69 32.27
CA ALA A 369 -32.37 0.05 32.09
C ALA A 369 -32.27 -1.32 31.42
N ASN A 370 -31.11 -1.67 30.85
CA ASN A 370 -30.98 -2.96 30.19
C ASN A 370 -31.18 -4.11 31.18
N LYS A 371 -30.54 -4.01 32.35
CA LYS A 371 -30.65 -5.08 33.34
C LYS A 371 -32.07 -5.26 33.88
N PRO A 372 -32.80 -4.20 34.27
CA PRO A 372 -34.20 -4.42 34.68
C PRO A 372 -35.04 -5.07 33.60
N ILE A 373 -34.83 -4.67 32.34
CA ILE A 373 -35.63 -5.22 31.24
C ILE A 373 -35.36 -6.71 31.09
N THR A 374 -34.09 -7.10 31.06
CA THR A 374 -33.74 -8.51 30.95
C THR A 374 -34.25 -9.31 32.15
N ASP A 375 -34.18 -8.72 33.35
CA ASP A 375 -34.73 -9.38 34.52
C ASP A 375 -36.24 -9.57 34.41
N LYS A 376 -36.94 -8.54 33.94
CA LYS A 376 -38.38 -8.67 33.73
C LYS A 376 -38.67 -9.69 32.63
N LEU A 377 -37.87 -9.70 31.57
CA LEU A 377 -38.06 -10.66 30.50
C LEU A 377 -37.92 -12.09 31.00
N GLU A 378 -36.92 -12.35 31.85
CA GLU A 378 -36.77 -13.68 32.42
C GLU A 378 -37.90 -14.01 33.39
N GLU A 379 -38.34 -13.01 34.16
CA GLU A 379 -39.46 -13.24 35.09
C GLU A 379 -40.73 -13.57 34.33
N GLU A 380 -40.92 -12.99 33.15
CA GLU A 380 -42.03 -13.34 32.27
C GLU A 380 -41.80 -14.65 31.53
N GLY A 381 -40.58 -15.17 31.54
CA GLY A 381 -40.29 -16.40 30.81
C GLY A 381 -40.03 -16.21 29.33
N ALA A 382 -39.63 -15.01 28.92
CA ALA A 382 -39.36 -14.73 27.52
C ALA A 382 -37.88 -14.65 27.17
N LEU A 383 -37.00 -14.80 28.16
CA LEU A 383 -35.56 -14.67 27.94
C LEU A 383 -34.96 -16.05 27.70
N LEU A 384 -34.63 -16.35 26.45
CA LEU A 384 -34.07 -17.64 26.09
C LEU A 384 -32.56 -17.70 26.26
N LYS A 385 -31.87 -16.58 26.06
CA LYS A 385 -30.42 -16.52 26.19
C LYS A 385 -30.01 -15.12 26.55
N LEU A 386 -29.06 -15.00 27.49
CA LEU A 386 -28.43 -13.74 27.81
C LEU A 386 -26.92 -13.91 27.67
N SER A 387 -26.30 -13.02 26.90
CA SER A 387 -24.87 -13.06 26.66
C SER A 387 -24.35 -11.63 26.58
N PHE A 388 -23.05 -11.49 26.81
CA PHE A 388 -22.37 -10.19 26.70
C PHE A 388 -21.31 -10.29 25.63
N ILE A 389 -21.32 -9.34 24.69
CA ILE A 389 -20.42 -9.35 23.54
C ILE A 389 -19.78 -7.98 23.39
N THR A 390 -18.69 -7.94 22.62
CA THR A 390 -18.00 -6.71 22.27
C THR A 390 -18.08 -6.52 20.77
N HIS A 391 -18.58 -5.35 20.34
CA HIS A 391 -18.78 -5.06 18.93
C HIS A 391 -18.59 -3.57 18.69
N SER A 392 -18.39 -3.21 17.42
CA SER A 392 -18.25 -1.81 17.05
C SER A 392 -19.60 -1.11 17.17
N TYR A 393 -19.59 0.07 17.79
CA TYR A 393 -20.80 0.82 18.08
C TYR A 393 -20.55 2.29 17.78
N PRO A 394 -21.56 3.01 17.29
CA PRO A 394 -21.38 4.43 16.99
C PRO A 394 -21.21 5.26 18.25
N HIS A 395 -20.19 6.12 18.26
CA HIS A 395 -19.90 7.00 19.38
C HIS A 395 -19.85 8.44 18.90
N ASP A 396 -19.96 9.36 19.86
CA ASP A 396 -19.99 10.79 19.54
C ASP A 396 -18.63 11.27 19.06
N TRP A 397 -18.66 12.21 18.11
CA TRP A 397 -17.42 12.75 17.55
C TRP A 397 -16.58 13.44 18.61
N ARG A 398 -17.21 14.23 19.48
CA ARG A 398 -16.48 15.04 20.44
C ARG A 398 -16.37 14.36 21.81
N THR A 399 -17.49 13.99 22.41
CA THR A 399 -17.47 13.42 23.75
C THR A 399 -16.94 12.00 23.78
N LYS A 400 -16.84 11.32 22.63
CA LYS A 400 -16.39 9.93 22.57
C LYS A 400 -17.28 9.01 23.41
N LYS A 401 -18.57 9.33 23.47
CA LYS A 401 -19.52 8.54 24.24
C LYS A 401 -20.56 7.91 23.32
N PRO A 402 -21.06 6.73 23.66
CA PRO A 402 -21.98 6.01 22.76
C PRO A 402 -23.25 6.80 22.49
N THR A 403 -23.73 6.72 21.25
CA THR A 403 -24.94 7.39 20.83
C THR A 403 -26.08 6.39 20.72
N ILE A 404 -27.30 6.93 20.60
CA ILE A 404 -28.50 6.14 20.38
C ILE A 404 -29.28 6.78 19.23
N PHE A 405 -30.30 6.06 18.78
CA PHE A 405 -31.20 6.56 17.74
C PHE A 405 -32.51 7.01 18.37
N ARG A 406 -32.89 8.26 18.12
CA ARG A 406 -34.15 8.80 18.58
C ARG A 406 -34.87 9.46 17.42
N ALA A 407 -36.18 9.23 17.34
CA ALA A 407 -37.01 9.83 16.30
C ALA A 407 -37.47 11.20 16.79
N THR A 408 -36.90 12.26 16.22
CA THR A 408 -37.18 13.63 16.61
C THR A 408 -37.41 14.48 15.36
N ALA A 409 -38.08 15.61 15.57
CA ALA A 409 -38.26 16.58 14.50
C ALA A 409 -36.96 17.35 14.31
N GLN A 410 -36.33 17.20 13.15
CA GLN A 410 -35.09 17.87 12.81
C GLN A 410 -35.20 18.47 11.43
N TRP A 411 -34.15 19.20 11.03
CA TRP A 411 -34.06 19.77 9.70
C TRP A 411 -33.12 18.93 8.85
N PHE A 412 -33.53 18.62 7.63
CA PHE A 412 -32.77 17.74 6.75
C PHE A 412 -32.59 18.39 5.39
N ALA A 413 -31.51 18.00 4.71
CA ALA A 413 -31.28 18.34 3.31
C ALA A 413 -31.46 17.07 2.49
N SER A 414 -32.38 17.11 1.52
CA SER A 414 -32.76 15.93 0.76
C SER A 414 -31.80 15.77 -0.42
N ILE A 415 -30.75 14.97 -0.21
CA ILE A 415 -29.81 14.67 -1.28
C ILE A 415 -30.52 13.92 -2.41
N LYS A 416 -31.56 13.17 -2.08
CA LYS A 416 -32.23 12.32 -3.07
C LYS A 416 -32.80 13.11 -4.23
N ASP A 417 -33.18 14.37 -4.01
CA ASP A 417 -33.80 15.16 -5.06
C ASP A 417 -32.80 15.73 -6.07
N PHE A 418 -31.50 15.65 -5.78
CA PHE A 418 -30.49 16.03 -6.77
C PHE A 418 -29.29 15.10 -6.74
N ARG A 419 -29.48 13.84 -6.31
CA ARG A 419 -28.36 12.89 -6.28
C ARG A 419 -27.79 12.63 -7.67
N GLU A 420 -28.63 12.72 -8.70
CA GLU A 420 -28.13 12.57 -10.07
C GLU A 420 -27.14 13.68 -10.41
N ASP A 421 -27.45 14.91 -9.97
CA ASP A 421 -26.55 16.03 -10.26
C ASP A 421 -25.23 15.90 -9.51
N LEU A 422 -25.27 15.39 -8.27
CA LEU A 422 -24.05 15.16 -7.52
C LEU A 422 -23.14 14.16 -8.23
N LEU A 423 -23.70 13.05 -8.68
CA LEU A 423 -22.89 12.00 -9.28
C LEU A 423 -22.25 12.47 -10.59
N LYS A 424 -22.99 13.22 -11.39
CA LYS A 424 -22.41 13.79 -12.61
C LYS A 424 -21.31 14.80 -12.26
N ALA A 425 -21.47 15.51 -11.15
CA ALA A 425 -20.43 16.45 -10.72
C ALA A 425 -19.17 15.73 -10.28
N VAL A 426 -19.33 14.57 -9.64
CA VAL A 426 -18.17 13.78 -9.23
C VAL A 426 -17.38 13.33 -10.46
N GLU A 427 -18.07 12.91 -11.51
CA GLU A 427 -17.40 12.40 -12.69
C GLU A 427 -16.72 13.50 -13.49
N LYS A 428 -17.18 14.74 -13.38
CA LYS A 428 -16.56 15.86 -14.06
C LYS A 428 -15.45 16.52 -13.24
N THR A 429 -15.06 15.90 -12.13
CA THR A 429 -13.98 16.37 -11.28
C THR A 429 -12.80 15.42 -11.37
N LYS A 430 -11.59 15.96 -11.31
CA LYS A 430 -10.38 15.15 -11.28
C LYS A 430 -10.03 14.79 -9.84
N TRP A 431 -9.63 13.53 -9.65
CA TRP A 431 -9.33 13.00 -8.31
C TRP A 431 -7.93 12.41 -8.32
N VAL A 432 -7.10 12.88 -7.39
CA VAL A 432 -5.75 12.34 -7.19
C VAL A 432 -5.61 12.00 -5.71
N PRO A 433 -5.53 10.72 -5.33
CA PRO A 433 -5.57 9.51 -6.18
C PRO A 433 -6.90 9.32 -6.89
N THR A 434 -6.93 8.51 -7.95
CA THR A 434 -8.14 8.34 -8.72
C THR A 434 -9.23 7.64 -7.92
N TRP A 435 -8.85 6.77 -6.97
CA TRP A 435 -9.86 6.02 -6.22
C TRP A 435 -10.72 6.94 -5.36
N GLY A 436 -10.29 8.19 -5.15
CA GLY A 436 -11.13 9.12 -4.41
C GLY A 436 -12.44 9.42 -5.10
N GLU A 437 -12.48 9.29 -6.43
CA GLU A 437 -13.74 9.41 -7.15
C GLU A 437 -14.71 8.32 -6.74
N THR A 438 -14.22 7.09 -6.61
CA THR A 438 -15.07 5.97 -6.22
C THR A 438 -15.63 6.16 -4.81
N ARG A 439 -14.80 6.69 -3.90
CA ARG A 439 -15.23 6.87 -2.53
C ARG A 439 -16.42 7.81 -2.43
N LEU A 440 -16.35 8.96 -3.11
CA LEU A 440 -17.46 9.90 -3.05
C LEU A 440 -18.64 9.43 -3.89
N TYR A 441 -18.37 8.77 -5.03
CA TYR A 441 -19.46 8.25 -5.84
C TYR A 441 -20.27 7.20 -5.08
N ASN A 442 -19.58 6.33 -4.34
CA ASN A 442 -20.28 5.35 -3.52
C ASN A 442 -20.95 6.02 -2.31
N MET A 443 -20.28 7.01 -1.70
CA MET A 443 -20.86 7.68 -0.55
C MET A 443 -22.11 8.46 -0.93
N VAL A 444 -22.07 9.20 -2.04
CA VAL A 444 -23.24 9.95 -2.48
C VAL A 444 -24.38 9.01 -2.84
N ARG A 445 -24.06 7.90 -3.51
CA ARG A 445 -25.10 6.97 -3.93
C ARG A 445 -25.75 6.29 -2.73
N ASP A 446 -24.96 5.96 -1.70
CA ASP A 446 -25.42 5.15 -0.59
C ASP A 446 -25.81 5.96 0.65
N ARG A 447 -25.85 7.28 0.55
CA ARG A 447 -26.14 8.11 1.71
C ARG A 447 -27.63 8.36 1.87
N GLY A 448 -28.04 8.63 3.10
CA GLY A 448 -29.35 9.14 3.39
C GLY A 448 -29.34 10.66 3.43
N ASP A 449 -30.49 11.22 3.82
CA ASP A 449 -30.58 12.66 3.94
C ASP A 449 -29.71 13.18 5.08
N TRP A 450 -29.33 14.45 4.97
CA TRP A 450 -28.37 15.07 5.87
C TRP A 450 -29.10 15.85 6.96
N CYS A 451 -28.95 15.42 8.21
CA CYS A 451 -29.52 16.12 9.35
C CYS A 451 -28.62 17.30 9.69
N ILE A 452 -29.14 18.51 9.50
CA ILE A 452 -28.35 19.73 9.60
C ILE A 452 -28.65 20.55 10.84
N SER A 453 -29.66 20.15 11.63
CA SER A 453 -30.06 20.92 12.79
C SER A 453 -29.38 20.36 14.04
N ARG A 454 -28.84 21.26 14.86
CA ARG A 454 -28.18 20.93 16.12
C ARG A 454 -28.81 21.71 17.25
N GLN A 455 -28.95 21.07 18.40
CA GLN A 455 -29.51 21.70 19.60
C GLN A 455 -28.36 22.21 20.48
N ARG A 456 -27.66 23.21 19.95
CA ARG A 456 -26.55 23.84 20.66
C ARG A 456 -26.71 25.36 20.60
N ALA A 457 -25.70 26.09 21.10
CA ALA A 457 -25.74 27.55 21.06
C ALA A 457 -24.69 28.17 20.15
N TRP A 458 -23.50 27.56 20.04
CA TRP A 458 -22.40 28.14 19.28
C TRP A 458 -22.47 27.64 17.84
N GLY A 459 -23.10 28.44 16.98
CA GLY A 459 -23.24 28.09 15.58
C GLY A 459 -24.29 28.95 14.91
N VAL A 460 -24.32 28.85 13.59
CA VAL A 460 -25.22 29.70 12.79
C VAL A 460 -26.66 29.25 13.01
N PRO A 461 -27.60 30.16 13.28
CA PRO A 461 -29.00 29.76 13.44
C PRO A 461 -29.61 29.27 12.13
N ILE A 462 -30.58 28.37 12.26
CA ILE A 462 -31.42 27.97 11.14
C ILE A 462 -32.36 29.14 10.86
N PRO A 463 -32.31 29.74 9.68
CA PRO A 463 -33.07 30.98 9.42
C PRO A 463 -34.52 30.71 9.05
N VAL A 464 -35.26 30.13 9.97
CA VAL A 464 -36.66 29.79 9.76
C VAL A 464 -37.50 30.48 10.83
N PHE A 465 -38.60 31.09 10.39
CA PHE A 465 -39.60 31.64 11.29
C PHE A 465 -40.86 30.78 11.25
N TYR A 466 -41.57 30.74 12.38
CA TYR A 466 -42.82 30.01 12.49
C TYR A 466 -43.93 30.98 12.87
N ALA A 467 -45.09 30.81 12.23
CA ALA A 467 -46.22 31.70 12.40
C ALA A 467 -47.12 31.20 13.54
N GLU A 468 -48.31 31.78 13.68
CA GLU A 468 -49.24 31.34 14.71
C GLU A 468 -49.84 29.98 14.37
N ASN A 469 -49.99 29.67 13.08
CA ASN A 469 -50.40 28.34 12.66
C ASN A 469 -49.26 27.33 12.76
N GLU A 470 -48.09 27.76 13.25
CA GLU A 470 -46.92 26.91 13.42
C GLU A 470 -46.43 26.32 12.10
N GLU A 471 -46.67 27.04 11.00
CA GLU A 471 -46.14 26.60 9.72
C GLU A 471 -44.85 27.36 9.41
N PRO A 472 -43.85 26.66 8.86
CA PRO A 472 -42.55 27.29 8.62
C PRO A 472 -42.63 28.41 7.60
N ILE A 473 -41.75 29.40 7.76
CA ILE A 473 -41.68 30.56 6.88
C ILE A 473 -40.26 30.63 6.35
N ILE A 474 -40.09 30.29 5.07
CA ILE A 474 -38.80 30.43 4.38
C ILE A 474 -39.05 31.03 3.00
N THR A 475 -38.84 32.32 2.86
CA THR A 475 -38.95 33.00 1.57
C THR A 475 -37.66 33.74 1.27
N ASP A 476 -37.46 34.07 0.00
CA ASP A 476 -36.28 34.83 -0.39
C ASP A 476 -36.24 36.19 0.30
N GLU A 477 -37.41 36.78 0.56
CA GLU A 477 -37.46 38.05 1.29
C GLU A 477 -36.93 37.88 2.71
N THR A 478 -37.33 36.80 3.39
CA THR A 478 -36.90 36.59 4.76
C THR A 478 -35.43 36.17 4.83
N ILE A 479 -34.99 35.34 3.89
CA ILE A 479 -33.61 34.86 3.89
C ILE A 479 -32.64 36.02 3.64
N GLU A 480 -32.95 36.86 2.64
CA GLU A 480 -32.09 37.99 2.33
C GLU A 480 -32.08 39.00 3.48
N HIS A 481 -33.23 39.22 4.12
CA HIS A 481 -33.28 40.14 5.25
C HIS A 481 -32.45 39.63 6.42
N VAL A 482 -32.53 38.33 6.72
CA VAL A 482 -31.70 37.75 7.77
C VAL A 482 -30.23 37.83 7.39
N SER A 483 -29.92 37.56 6.12
CA SER A 483 -28.54 37.63 5.67
C SER A 483 -27.99 39.05 5.77
N ASN A 484 -28.80 40.06 5.44
CA ASN A 484 -28.37 41.44 5.58
C ASN A 484 -28.14 41.79 7.04
N LEU A 485 -29.03 41.35 7.93
CA LEU A 485 -28.85 41.59 9.36
C LEU A 485 -27.62 40.88 9.89
N PHE A 486 -27.34 39.67 9.41
CA PHE A 486 -26.14 38.97 9.86
C PHE A 486 -24.88 39.62 9.33
N ARG A 487 -24.92 40.18 8.11
CA ARG A 487 -23.75 40.86 7.57
C ARG A 487 -23.44 42.14 8.33
N GLU A 488 -24.47 42.81 8.86
CA GLU A 488 -24.25 44.07 9.56
C GLU A 488 -24.09 43.91 11.07
N HIS A 489 -24.77 42.92 11.67
CA HIS A 489 -24.74 42.76 13.12
C HIS A 489 -24.11 41.45 13.59
N GLY A 490 -23.99 40.46 12.73
CA GLY A 490 -23.54 39.14 13.14
C GLY A 490 -24.69 38.25 13.56
N SER A 491 -24.38 36.97 13.76
CA SER A 491 -25.40 35.99 14.08
C SER A 491 -26.03 36.21 15.46
N ASN A 492 -25.35 36.94 16.35
CA ASN A 492 -25.89 37.18 17.68
C ASN A 492 -27.19 37.98 17.65
N VAL A 493 -27.48 38.69 16.56
CA VAL A 493 -28.72 39.45 16.47
C VAL A 493 -29.93 38.51 16.51
N TRP A 494 -29.76 37.28 16.02
CA TRP A 494 -30.84 36.31 16.10
C TRP A 494 -31.14 35.94 17.56
N PHE A 495 -30.12 35.93 18.41
CA PHE A 495 -30.28 35.59 19.81
C PHE A 495 -30.57 36.80 20.69
N GLU A 496 -30.43 38.02 20.18
CA GLU A 496 -30.62 39.23 20.98
C GLU A 496 -32.02 39.82 20.81
N ARG A 497 -32.40 40.15 19.57
CA ARG A 497 -33.72 40.70 19.33
C ARG A 497 -34.73 39.57 19.14
N GLU A 498 -36.00 39.94 19.00
CA GLU A 498 -37.09 38.98 18.90
C GLU A 498 -37.40 38.67 17.45
N ALA A 499 -38.34 37.74 17.25
CA ALA A 499 -38.66 37.26 15.90
C ALA A 499 -39.22 38.37 15.03
N LYS A 500 -40.07 39.22 15.60
CA LYS A 500 -40.67 40.30 14.82
C LYS A 500 -39.60 41.24 14.29
N ASP A 501 -38.62 41.59 15.12
CA ASP A 501 -37.56 42.48 14.69
C ASP A 501 -36.58 41.80 13.73
N LEU A 502 -36.64 40.48 13.61
CA LEU A 502 -35.80 39.73 12.67
C LEU A 502 -36.45 39.53 11.31
N LEU A 503 -37.71 39.92 11.17
CA LEU A 503 -38.45 39.83 9.93
C LEU A 503 -38.45 41.17 9.21
N PRO A 504 -38.84 41.19 7.93
CA PRO A 504 -38.92 42.48 7.22
C PRO A 504 -39.91 43.42 7.89
N GLU A 505 -39.64 44.72 7.74
CA GLU A 505 -40.44 45.76 8.41
C GLU A 505 -41.93 45.52 8.25
N GLY A 506 -42.42 45.55 7.02
CA GLY A 506 -43.79 45.19 6.76
C GLY A 506 -43.90 43.73 6.36
N PHE A 507 -44.26 42.87 7.30
CA PHE A 507 -44.35 41.44 7.02
C PHE A 507 -45.78 40.97 7.27
N THR A 508 -46.38 40.38 6.24
CA THR A 508 -47.73 39.84 6.30
C THR A 508 -47.68 38.35 6.01
N HIS A 509 -48.18 37.55 6.93
CA HIS A 509 -48.36 36.12 6.71
C HIS A 509 -49.76 35.74 7.18
N GLU A 510 -50.48 35.00 6.34
CA GLU A 510 -51.85 34.61 6.68
C GLU A 510 -51.90 33.72 7.92
N GLY A 511 -50.81 33.02 8.22
CA GLY A 511 -50.76 32.17 9.40
C GLY A 511 -50.62 32.90 10.71
N SER A 512 -50.39 34.21 10.67
CA SER A 512 -50.32 35.05 11.87
C SER A 512 -51.26 36.24 11.68
N PRO A 513 -52.57 36.03 11.83
CA PRO A 513 -53.50 37.17 11.75
C PRO A 513 -53.23 38.24 12.80
N ASN A 514 -52.80 37.84 14.01
CA ASN A 514 -52.47 38.80 15.05
C ASN A 514 -51.09 39.43 14.86
N GLY A 515 -50.30 38.93 13.93
CA GLY A 515 -48.95 39.44 13.73
C GLY A 515 -47.90 38.84 14.63
N ARG A 516 -48.24 37.81 15.41
CA ARG A 516 -47.27 37.17 16.29
CA ARG A 516 -47.28 37.16 16.29
C ARG A 516 -46.45 36.14 15.51
N PHE A 517 -45.15 36.13 15.77
CA PHE A 517 -44.23 35.22 15.09
C PHE A 517 -43.24 34.63 16.09
N THR A 518 -42.68 33.49 15.70
CA THR A 518 -41.70 32.78 16.51
C THR A 518 -40.51 32.42 15.63
N LYS A 519 -39.36 32.19 16.26
CA LYS A 519 -38.12 31.88 15.57
C LYS A 519 -37.56 30.54 16.03
N GLU A 520 -37.05 29.78 15.07
CA GLU A 520 -36.39 28.51 15.36
C GLU A 520 -35.14 28.74 16.21
N THR A 521 -34.87 27.80 17.11
CA THR A 521 -33.73 27.88 18.01
C THR A 521 -32.58 26.97 17.60
N ASP A 522 -32.80 26.00 16.73
CA ASP A 522 -31.75 25.07 16.34
C ASP A 522 -30.70 25.77 15.48
N ILE A 523 -29.45 25.30 15.60
CA ILE A 523 -28.36 25.85 14.82
C ILE A 523 -27.93 24.82 13.77
N MET A 524 -27.06 25.24 12.87
CA MET A 524 -26.62 24.41 11.77
C MET A 524 -25.46 23.51 12.18
N ASP A 525 -25.30 22.42 11.43
CA ASP A 525 -24.17 21.52 11.62
C ASP A 525 -22.88 22.22 11.22
N VAL A 526 -21.81 21.93 11.97
CA VAL A 526 -20.51 22.54 11.67
C VAL A 526 -20.03 22.12 10.29
N TRP A 527 -20.45 20.94 9.82
CA TRP A 527 -20.13 20.54 8.46
C TRP A 527 -20.85 21.41 7.43
N PHE A 528 -22.02 21.92 7.78
CA PHE A 528 -22.68 22.91 6.92
C PHE A 528 -21.89 24.21 6.91
N ASP A 529 -21.34 24.61 8.06
CA ASP A 529 -20.53 25.83 8.11
C ASP A 529 -19.32 25.72 7.19
N SER A 530 -18.58 24.61 7.30
CA SER A 530 -17.42 24.40 6.44
C SER A 530 -17.84 24.12 4.99
N GLY A 531 -18.95 23.42 4.81
CA GLY A 531 -19.43 23.09 3.47
C GLY A 531 -20.01 24.24 2.69
N SER A 532 -20.14 25.42 3.29
CA SER A 532 -20.60 26.62 2.59
C SER A 532 -19.45 27.56 2.24
N SER A 533 -18.21 27.15 2.49
CA SER A 533 -17.06 28.05 2.31
C SER A 533 -16.88 28.46 0.86
N HIS A 534 -17.38 27.69 -0.10
CA HIS A 534 -17.29 28.10 -1.51
C HIS A 534 -18.11 29.35 -1.76
N GLN A 535 -19.31 29.43 -1.20
CA GLN A 535 -20.14 30.63 -1.34
C GLN A 535 -19.65 31.75 -0.41
N ALA A 536 -19.23 31.39 0.80
CA ALA A 536 -18.88 32.40 1.80
C ALA A 536 -17.47 32.94 1.65
N VAL A 537 -16.61 32.29 0.89
CA VAL A 537 -15.24 32.75 0.74
C VAL A 537 -14.91 32.97 -0.73
N LEU A 538 -15.02 31.92 -1.54
CA LEU A 538 -14.64 32.02 -2.95
C LEU A 538 -15.50 33.04 -3.68
N GLU A 539 -16.81 33.01 -3.45
CA GLU A 539 -17.73 33.96 -4.08
C GLU A 539 -17.78 35.30 -3.37
N GLU A 540 -17.28 35.38 -2.13
CA GLU A 540 -17.31 36.63 -1.36
C GLU A 540 -16.02 37.42 -1.50
N ARG A 541 -14.88 36.74 -1.39
CA ARG A 541 -13.59 37.41 -1.54
C ARG A 541 -13.36 37.76 -3.01
N GLU A 542 -12.92 39.00 -3.26
CA GLU A 542 -12.68 39.44 -4.63
C GLU A 542 -11.35 38.98 -5.18
N ASP A 543 -10.48 38.40 -4.36
CA ASP A 543 -9.24 37.80 -4.83
C ASP A 543 -9.39 36.31 -5.10
N LEU A 544 -10.59 35.76 -4.95
CA LEU A 544 -10.86 34.35 -5.17
C LEU A 544 -12.07 34.19 -6.08
N GLN A 545 -12.31 32.96 -6.53
CA GLN A 545 -13.43 32.67 -7.40
C GLN A 545 -13.86 31.22 -7.21
N ARG A 546 -15.05 30.92 -7.72
CA ARG A 546 -15.61 29.58 -7.67
C ARG A 546 -16.03 29.20 -9.09
N PRO A 547 -15.68 28.00 -9.56
CA PRO A 547 -15.03 26.88 -8.86
C PRO A 547 -13.57 27.13 -8.51
N ALA A 548 -13.14 26.66 -7.35
CA ALA A 548 -11.72 26.66 -7.02
C ALA A 548 -10.99 25.63 -7.86
N ASP A 549 -9.71 25.87 -8.10
CA ASP A 549 -8.92 24.91 -8.86
C ASP A 549 -8.70 23.62 -8.08
N LEU A 550 -8.38 23.72 -6.79
CA LEU A 550 -7.93 22.55 -6.06
C LEU A 550 -8.37 22.59 -4.61
N TYR A 551 -8.92 21.46 -4.13
CA TYR A 551 -9.14 21.18 -2.72
C TYR A 551 -8.09 20.16 -2.28
N LEU A 552 -7.38 20.45 -1.19
CA LEU A 552 -6.27 19.61 -0.72
C LEU A 552 -6.48 19.32 0.77
N GLU A 553 -7.14 18.21 1.09
CA GLU A 553 -7.37 17.81 2.46
C GLU A 553 -7.12 16.30 2.59
N GLY A 554 -7.29 15.77 3.81
CA GLY A 554 -6.99 14.39 4.08
C GLY A 554 -8.08 13.42 3.64
N SER A 555 -7.76 12.13 3.78
CA SER A 555 -8.68 11.06 3.40
C SER A 555 -9.93 11.01 4.27
N ASP A 556 -9.93 11.69 5.40
CA ASP A 556 -11.10 11.75 6.27
C ASP A 556 -12.13 12.77 5.80
N GLN A 557 -11.85 13.48 4.71
CA GLN A 557 -12.74 14.51 4.20
C GLN A 557 -13.60 14.05 3.03
N TYR A 558 -13.46 12.79 2.60
CA TYR A 558 -14.41 12.24 1.64
C TYR A 558 -15.81 12.20 2.22
N ARG A 559 -15.93 11.85 3.50
CA ARG A 559 -17.18 12.04 4.22
C ARG A 559 -17.30 13.46 4.78
N GLY A 560 -16.19 14.16 4.93
CA GLY A 560 -16.20 15.48 5.53
C GLY A 560 -16.32 16.62 4.52
N TRP A 561 -15.27 17.43 4.41
CA TRP A 561 -15.36 18.68 3.68
C TRP A 561 -15.68 18.46 2.21
N PHE A 562 -15.08 17.44 1.59
CA PHE A 562 -15.33 17.20 0.17
C PHE A 562 -16.81 16.92 -0.09
N ASN A 563 -17.43 16.11 0.75
CA ASN A 563 -18.83 15.73 0.53
C ASN A 563 -19.77 16.92 0.79
N SER A 564 -19.61 17.59 1.93
CA SER A 564 -20.53 18.66 2.30
C SER A 564 -20.37 19.85 1.35
N SER A 565 -19.14 20.16 0.95
CA SER A 565 -18.93 21.23 -0.02
C SER A 565 -19.56 20.89 -1.36
N LEU A 566 -19.45 19.63 -1.78
CA LEU A 566 -20.11 19.21 -3.02
C LEU A 566 -21.63 19.28 -2.88
N SER A 567 -22.17 18.87 -1.73
CA SER A 567 -23.62 18.80 -1.56
C SER A 567 -24.25 20.20 -1.63
N THR A 568 -23.63 21.18 -0.97
CA THR A 568 -24.17 22.53 -1.01
C THR A 568 -23.93 23.21 -2.36
N SER A 569 -22.73 23.02 -2.92
CA SER A 569 -22.39 23.70 -4.16
C SER A 569 -23.23 23.20 -5.33
N VAL A 570 -23.38 21.88 -5.45
CA VAL A 570 -24.19 21.33 -6.55
C VAL A 570 -25.65 21.74 -6.40
N ALA A 571 -26.13 21.82 -5.15
CA ALA A 571 -27.50 22.25 -4.93
C ALA A 571 -27.74 23.68 -5.41
N VAL A 572 -26.80 24.58 -5.12
CA VAL A 572 -26.99 26.00 -5.38
C VAL A 572 -26.52 26.39 -6.78
N THR A 573 -25.41 25.82 -7.25
CA THR A 573 -24.84 26.20 -8.54
C THR A 573 -25.00 25.15 -9.63
N GLY A 574 -25.29 23.90 -9.27
CA GLY A 574 -25.36 22.83 -10.24
C GLY A 574 -24.03 22.23 -10.62
N GLU A 575 -22.92 22.76 -10.10
CA GLU A 575 -21.59 22.28 -10.41
C GLU A 575 -20.82 22.03 -9.12
N ALA A 576 -19.72 21.30 -9.25
CA ALA A 576 -18.85 21.06 -8.11
C ALA A 576 -18.12 22.34 -7.73
N PRO A 577 -17.78 22.52 -6.45
CA PRO A 577 -17.03 23.72 -6.05
C PRO A 577 -15.57 23.67 -6.43
N TYR A 578 -15.07 22.52 -6.88
CA TYR A 578 -13.65 22.32 -7.14
C TYR A 578 -13.45 21.65 -8.50
N LYS A 579 -12.45 22.12 -9.24
CA LYS A 579 -12.10 21.45 -10.49
C LYS A 579 -11.43 20.11 -10.22
N GLY A 580 -10.51 20.08 -9.25
CA GLY A 580 -9.87 18.84 -8.86
C GLY A 580 -9.65 18.80 -7.37
N VAL A 581 -9.55 17.57 -6.84
CA VAL A 581 -9.34 17.33 -5.41
C VAL A 581 -8.11 16.45 -5.24
N LEU A 582 -7.23 16.85 -4.32
CA LEU A 582 -6.06 16.07 -3.96
C LEU A 582 -6.19 15.60 -2.52
N SER A 583 -5.99 14.31 -2.30
CA SER A 583 -6.13 13.69 -0.99
C SER A 583 -4.79 13.18 -0.48
N HIS A 584 -4.51 13.42 0.79
CA HIS A 584 -3.32 12.89 1.43
C HIS A 584 -3.72 11.95 2.57
N GLY A 585 -2.80 11.05 2.90
CA GLY A 585 -3.03 10.09 3.97
C GLY A 585 -2.70 10.64 5.34
N PHE A 586 -2.83 9.77 6.34
CA PHE A 586 -2.57 10.14 7.72
C PHE A 586 -1.11 9.88 8.08
N ALA A 587 -0.61 10.67 9.03
CA ALA A 587 0.76 10.54 9.48
C ALA A 587 0.87 9.46 10.54
N LEU A 588 1.79 8.52 10.35
CA LEU A 588 2.03 7.42 11.27
C LEU A 588 3.44 7.54 11.85
N ASP A 589 3.82 6.58 12.68
CA ASP A 589 5.14 6.56 13.27
C ASP A 589 6.05 5.66 12.43
N GLY A 590 7.28 5.43 12.93
CA GLY A 590 8.25 4.65 12.18
C GLY A 590 7.79 3.24 11.89
N GLU A 591 7.15 2.60 12.87
CA GLU A 591 6.63 1.25 12.68
C GLU A 591 5.34 1.22 11.87
N GLY A 592 4.72 2.37 11.62
CA GLY A 592 3.48 2.42 10.90
C GLY A 592 2.24 2.38 11.75
N ARG A 593 2.37 2.48 13.06
CA ARG A 593 1.23 2.51 13.97
C ARG A 593 0.72 3.94 14.11
N LYS A 594 -0.59 4.07 14.30
CA LYS A 594 -1.19 5.39 14.47
C LYS A 594 -0.61 6.08 15.70
N MET A 595 -0.43 7.39 15.59
CA MET A 595 0.09 8.15 16.72
C MET A 595 -0.95 8.20 17.84
N SER A 596 -0.48 8.11 19.07
CA SER A 596 -1.36 8.09 20.23
C SER A 596 -0.59 8.54 21.46
N LYS A 597 -1.26 9.30 22.34
CA LYS A 597 -0.65 9.68 23.60
C LYS A 597 -0.38 8.48 24.49
N SER A 598 -1.10 7.38 24.29
CA SER A 598 -0.85 6.17 25.05
C SER A 598 0.53 5.60 24.73
N LEU A 599 0.83 5.43 23.45
CA LEU A 599 2.11 4.87 23.03
C LEU A 599 3.25 5.85 23.21
N GLY A 600 2.96 7.14 23.26
CA GLY A 600 4.02 8.14 23.23
C GLY A 600 4.77 8.20 21.93
N ASN A 601 4.10 7.92 20.80
CA ASN A 601 4.70 7.95 19.48
C ASN A 601 4.31 9.18 18.68
N VAL A 602 3.85 10.23 19.35
CA VAL A 602 3.35 11.42 18.67
C VAL A 602 4.52 12.33 18.33
N VAL A 603 4.55 12.81 17.09
CA VAL A 603 5.56 13.77 16.64
C VAL A 603 4.91 15.14 16.59
N ILE A 604 5.39 16.06 17.44
CA ILE A 604 4.79 17.37 17.61
C ILE A 604 5.50 18.35 16.71
N PRO A 605 4.81 19.04 15.79
CA PRO A 605 5.49 20.02 14.93
C PRO A 605 6.21 21.11 15.70
N GLU A 606 5.69 21.51 16.87
CA GLU A 606 6.33 22.56 17.66
C GLU A 606 7.72 22.14 18.11
N LYS A 607 7.87 20.89 18.56
CA LYS A 607 9.18 20.41 18.98
C LYS A 607 10.10 20.21 17.79
N VAL A 608 9.58 19.67 16.69
CA VAL A 608 10.41 19.45 15.50
C VAL A 608 10.99 20.76 15.01
N MET A 609 10.18 21.82 15.00
CA MET A 609 10.68 23.13 14.60
C MET A 609 11.70 23.69 15.57
N LYS A 610 11.69 23.24 16.83
CA LYS A 610 12.64 23.76 17.82
C LYS A 610 13.94 22.98 17.86
N GLN A 611 13.98 21.76 17.35
CA GLN A 611 15.19 20.94 17.40
C GLN A 611 15.82 20.68 16.04
N LEU A 612 15.03 20.70 14.96
CA LEU A 612 15.56 20.48 13.62
C LEU A 612 15.27 21.63 12.67
N GLY A 613 14.09 22.23 12.75
CA GLY A 613 13.73 23.32 11.87
C GLY A 613 12.56 22.98 10.98
N ALA A 614 11.91 24.01 10.41
CA ALA A 614 10.77 23.77 9.54
C ALA A 614 11.21 23.13 8.22
N ASP A 615 12.35 23.54 7.68
CA ASP A 615 12.76 23.06 6.36
C ASP A 615 13.02 21.56 6.35
N ILE A 616 13.50 20.99 7.45
CA ILE A 616 13.62 19.53 7.53
C ILE A 616 12.24 18.88 7.44
N LEU A 617 11.28 19.42 8.19
CA LEU A 617 9.92 18.88 8.13
C LEU A 617 9.28 19.13 6.77
N ARG A 618 9.56 20.28 6.16
CA ARG A 618 9.12 20.51 4.79
C ARG A 618 9.78 19.55 3.83
N LEU A 619 11.07 19.26 4.04
CA LEU A 619 11.76 18.30 3.19
C LEU A 619 11.22 16.88 3.37
N TRP A 620 10.78 16.53 4.59
CA TRP A 620 10.18 15.23 4.80
C TRP A 620 8.87 15.09 4.04
N VAL A 621 8.06 16.16 3.99
CA VAL A 621 6.79 16.10 3.29
C VAL A 621 7.01 15.76 1.82
N ALA A 622 7.98 16.41 1.18
CA ALA A 622 8.34 16.05 -0.18
C ALA A 622 8.94 14.65 -0.27
N SER A 623 9.44 14.12 0.85
CA SER A 623 10.11 12.82 0.83
C SER A 623 9.15 11.64 0.76
N VAL A 624 7.87 11.85 1.04
CA VAL A 624 6.92 10.77 1.19
C VAL A 624 5.89 10.79 0.08
N ASP A 625 5.28 9.63 -0.17
CA ASP A 625 4.17 9.51 -1.09
C ASP A 625 2.90 9.87 -0.31
N TYR A 626 2.66 11.18 -0.21
CA TYR A 626 1.62 11.72 0.65
C TYR A 626 0.23 11.20 0.28
N GLN A 627 0.02 10.77 -0.96
CA GLN A 627 -1.29 10.31 -1.41
C GLN A 627 -1.75 9.04 -0.72
N ALA A 628 -0.95 8.51 0.21
CA ALA A 628 -1.37 7.44 1.10
C ALA A 628 -0.76 7.72 2.46
N ASP A 629 -1.05 6.86 3.43
CA ASP A 629 -0.50 7.05 4.78
C ASP A 629 1.02 7.01 4.74
N VAL A 630 1.64 7.86 5.56
CA VAL A 630 3.08 8.03 5.57
C VAL A 630 3.60 7.79 6.99
N ARG A 631 4.92 7.69 7.10
CA ARG A 631 5.58 7.41 8.36
C ARG A 631 6.58 8.50 8.70
N VAL A 632 6.75 8.77 9.99
CA VAL A 632 7.70 9.77 10.45
C VAL A 632 8.02 9.47 11.92
N SER A 633 9.30 9.58 12.27
CA SER A 633 9.76 9.50 13.64
C SER A 633 10.91 10.51 13.79
N ASP A 634 11.52 10.53 14.98
CA ASP A 634 12.71 11.35 15.16
C ASP A 634 13.86 10.82 14.31
N ASN A 635 14.00 9.50 14.23
CA ASN A 635 15.03 8.91 13.39
C ASN A 635 14.77 9.21 11.92
N ILE A 636 13.51 9.14 11.49
CA ILE A 636 13.16 9.42 10.10
C ILE A 636 13.55 10.85 9.75
N LEU A 637 13.23 11.80 10.62
CA LEU A 637 13.58 13.19 10.39
C LEU A 637 15.10 13.38 10.39
N LYS A 638 15.80 12.65 11.26
CA LYS A 638 17.27 12.72 11.29
C LYS A 638 17.86 12.23 9.97
N GLN A 639 17.25 11.21 9.36
CA GLN A 639 17.67 10.78 8.03
C GLN A 639 17.48 11.91 7.02
N VAL A 640 16.34 12.61 7.11
CA VAL A 640 16.08 13.73 6.21
C VAL A 640 17.09 14.84 6.44
N ALA A 641 17.50 15.04 7.69
CA ALA A 641 18.50 16.06 8.00
C ALA A 641 19.82 15.77 7.30
N GLU A 642 20.19 14.49 7.18
CA GLU A 642 21.39 14.12 6.45
C GLU A 642 21.29 14.55 4.98
N VAL A 643 20.14 14.31 4.35
CA VAL A 643 19.94 14.73 2.98
C VAL A 643 20.01 16.25 2.87
N TYR A 644 19.40 16.95 3.84
CA TYR A 644 19.45 18.42 3.82
C TYR A 644 20.88 18.92 3.91
N ARG A 645 21.71 18.29 4.74
CA ARG A 645 23.10 18.71 4.89
C ARG A 645 23.85 18.57 3.58
N LYS A 646 23.62 17.48 2.85
CA LYS A 646 24.25 17.32 1.54
C LYS A 646 23.82 18.43 0.58
N ILE A 647 22.52 18.75 0.57
CA ILE A 647 22.03 19.81 -0.30
C ILE A 647 22.62 21.16 0.11
N ARG A 648 22.64 21.44 1.42
CA ARG A 648 23.20 22.71 1.88
C ARG A 648 24.69 22.80 1.56
N ASN A 649 25.41 21.69 1.70
CA ASN A 649 26.84 21.68 1.33
C ASN A 649 27.01 21.95 -0.16
N THR A 650 26.12 21.41 -0.99
CA THR A 650 26.18 21.69 -2.42
C THR A 650 25.98 23.17 -2.69
N PHE A 651 25.02 23.80 -2.02
CA PHE A 651 24.82 25.24 -2.17
C PHE A 651 26.02 26.02 -1.63
N ARG A 652 26.57 25.59 -0.48
CA ARG A 652 27.68 26.34 0.10
C ARG A 652 28.91 26.30 -0.79
N PHE A 653 29.14 25.19 -1.50
CA PHE A 653 30.26 25.12 -2.42
C PHE A 653 30.08 26.11 -3.57
N LEU A 654 28.89 26.13 -4.16
CA LEU A 654 28.62 27.02 -5.30
C LEU A 654 28.81 28.48 -4.89
N LEU A 655 28.26 28.87 -3.74
CA LEU A 655 28.41 30.25 -3.28
C LEU A 655 29.87 30.56 -2.99
N GLY A 656 30.59 29.63 -2.36
CA GLY A 656 31.97 29.88 -2.00
C GLY A 656 32.87 30.08 -3.21
N ASN A 657 32.66 29.28 -4.26
CA ASN A 657 33.51 29.32 -5.44
C ASN A 657 33.03 30.34 -6.48
N LEU A 658 31.94 31.05 -6.22
CA LEU A 658 31.50 32.15 -7.06
C LEU A 658 31.81 33.50 -6.42
N ALA A 659 32.76 33.54 -5.49
CA ALA A 659 33.09 34.80 -4.81
C ALA A 659 33.67 35.82 -5.77
N ASP A 660 34.57 35.39 -6.66
CA ASP A 660 35.24 36.28 -7.60
C ASP A 660 34.57 36.33 -8.96
N PHE A 661 33.44 35.64 -9.14
CA PHE A 661 32.80 35.53 -10.44
C PHE A 661 31.76 36.63 -10.60
N ASN A 662 31.94 37.48 -11.61
CA ASN A 662 30.94 38.47 -11.97
C ASN A 662 30.31 38.06 -13.29
N PRO A 663 29.02 37.72 -13.32
CA PRO A 663 28.42 37.25 -14.58
C PRO A 663 28.49 38.28 -15.71
N THR A 664 28.47 39.57 -15.38
CA THR A 664 28.48 40.60 -16.42
C THR A 664 29.75 40.56 -17.25
N THR A 665 30.88 40.20 -16.64
CA THR A 665 32.17 40.22 -17.33
C THR A 665 32.84 38.86 -17.48
N ASP A 666 32.69 37.97 -16.51
CA ASP A 666 33.46 36.73 -16.47
C ASP A 666 32.70 35.54 -17.05
N ALA A 667 31.50 35.74 -17.58
CA ALA A 667 30.72 34.63 -18.09
C ALA A 667 31.29 34.12 -19.41
N VAL A 668 31.24 32.81 -19.59
CA VAL A 668 31.70 32.15 -20.81
C VAL A 668 30.47 31.61 -21.54
N ALA A 669 30.38 31.93 -22.83
CA ALA A 669 29.24 31.47 -23.62
C ALA A 669 29.28 29.95 -23.78
N VAL A 670 28.11 29.38 -24.07
CA VAL A 670 27.98 27.93 -24.14
C VAL A 670 28.80 27.36 -25.29
N GLU A 671 28.93 28.10 -26.39
CA GLU A 671 29.74 27.62 -27.52
C GLU A 671 31.21 27.52 -27.13
N ASP A 672 31.71 28.48 -26.34
CA ASP A 672 33.08 28.45 -25.86
C ASP A 672 33.26 27.62 -24.61
N LEU A 673 32.20 27.03 -24.09
CA LEU A 673 32.30 26.14 -22.95
C LEU A 673 32.91 24.80 -23.38
N ARG A 674 33.53 24.13 -22.41
CA ARG A 674 34.07 22.79 -22.67
C ARG A 674 32.92 21.79 -22.79
N GLU A 675 33.23 20.63 -23.37
CA GLU A 675 32.20 19.61 -23.57
C GLU A 675 31.65 19.10 -22.24
N VAL A 676 32.53 18.83 -21.27
CA VAL A 676 32.08 18.33 -19.98
C VAL A 676 31.25 19.39 -19.25
N ASP A 677 31.59 20.67 -19.43
CA ASP A 677 30.81 21.75 -18.84
C ASP A 677 29.41 21.81 -19.46
N ARG A 678 29.33 21.75 -20.78
CA ARG A 678 28.02 21.73 -21.44
C ARG A 678 27.25 20.46 -21.11
N TYR A 679 27.96 19.36 -20.88
CA TYR A 679 27.31 18.12 -20.47
C TYR A 679 26.61 18.29 -19.13
N MET A 680 27.24 19.02 -18.21
CA MET A 680 26.59 19.33 -16.94
C MET A 680 25.36 20.20 -17.14
N LEU A 681 25.44 21.17 -18.06
CA LEU A 681 24.29 22.00 -18.36
C LEU A 681 23.15 21.19 -18.95
N VAL A 682 23.48 20.17 -19.75
CA VAL A 682 22.44 19.28 -20.27
C VAL A 682 21.76 18.55 -19.12
N LYS A 683 22.53 18.03 -18.18
CA LYS A 683 21.96 17.37 -17.01
C LYS A 683 21.18 18.36 -16.16
N LEU A 684 21.63 19.62 -16.07
CA LEU A 684 20.86 20.63 -15.36
C LEU A 684 19.51 20.88 -16.03
N ASN A 685 19.50 20.94 -17.37
CA ASN A 685 18.23 21.13 -18.08
C ASN A 685 17.29 19.96 -17.86
N LYS A 686 17.83 18.74 -17.82
CA LYS A 686 17.01 17.57 -17.49
C LYS A 686 16.39 17.71 -16.10
N LEU A 687 17.18 18.21 -15.15
CA LEU A 687 16.66 18.44 -13.81
C LEU A 687 15.53 19.47 -13.83
N ILE A 688 15.69 20.55 -14.59
CA ILE A 688 14.63 21.55 -14.69
C ILE A 688 13.36 20.91 -15.22
N ASP A 689 13.48 20.08 -16.27
CA ASP A 689 12.30 19.51 -16.89
C ASP A 689 11.58 18.56 -15.95
N LYS A 690 12.32 17.64 -15.31
CA LYS A 690 11.68 16.70 -14.40
C LYS A 690 11.09 17.39 -13.18
N VAL A 691 11.83 18.35 -12.60
CA VAL A 691 11.38 19.00 -11.37
C VAL A 691 10.10 19.79 -11.62
N LYS A 692 10.08 20.58 -12.69
CA LYS A 692 8.86 21.34 -12.99
C LYS A 692 7.71 20.41 -13.38
N LYS A 693 8.00 19.36 -14.14
CA LYS A 693 6.95 18.40 -14.50
C LYS A 693 6.47 17.62 -13.29
N SER A 694 7.33 17.42 -12.29
CA SER A 694 6.91 16.75 -11.06
C SER A 694 6.09 17.67 -10.16
N TYR A 695 6.40 18.97 -10.15
CA TYR A 695 5.53 19.93 -9.47
C TYR A 695 4.15 19.97 -10.12
N ASP A 696 4.10 19.93 -11.44
CA ASP A 696 2.82 19.98 -12.14
C ASP A 696 1.98 18.74 -11.88
N SER A 697 2.62 17.60 -11.67
CA SER A 697 1.92 16.34 -11.41
C SER A 697 1.68 16.08 -9.94
N TYR A 698 2.08 17.01 -9.07
CA TYR A 698 1.97 16.86 -7.62
C TYR A 698 2.78 15.68 -7.10
N GLU A 699 3.86 15.33 -7.81
CA GLU A 699 4.72 14.21 -7.42
C GLU A 699 6.01 14.77 -6.81
N PHE A 700 5.93 15.08 -5.51
CA PHE A 700 7.04 15.77 -4.85
C PHE A 700 8.20 14.84 -4.53
N SER A 701 7.94 13.54 -4.28
CA SER A 701 9.04 12.62 -4.00
C SER A 701 9.97 12.48 -5.20
N SER A 702 9.45 12.66 -6.41
CA SER A 702 10.32 12.71 -7.58
C SER A 702 11.30 13.87 -7.47
N ILE A 703 10.81 15.05 -7.08
CA ILE A 703 11.69 16.20 -6.91
C ILE A 703 12.71 15.94 -5.80
N TYR A 704 12.27 15.26 -4.74
CA TYR A 704 13.16 14.97 -3.62
C TYR A 704 14.35 14.13 -4.06
N HIS A 705 14.07 13.03 -4.78
CA HIS A 705 15.16 12.15 -5.20
C HIS A 705 15.97 12.76 -6.33
N ALA A 706 15.32 13.46 -7.26
CA ALA A 706 16.03 14.07 -8.38
C ALA A 706 17.05 15.09 -7.88
N VAL A 707 16.64 15.93 -6.94
CA VAL A 707 17.55 16.93 -6.39
C VAL A 707 18.68 16.27 -5.60
N HIS A 708 18.34 15.27 -4.78
CA HIS A 708 19.35 14.60 -3.97
C HIS A 708 20.41 13.96 -4.84
N ASN A 709 20.00 13.23 -5.87
CA ASN A 709 20.96 12.57 -6.75
C ASN A 709 21.79 13.60 -7.51
N PHE A 710 21.17 14.69 -7.96
CA PHE A 710 21.90 15.70 -8.71
C PHE A 710 22.98 16.34 -7.87
N CYS A 711 22.70 16.61 -6.60
CA CYS A 711 23.69 17.24 -5.73
C CYS A 711 24.76 16.26 -5.29
N THR A 712 24.43 14.98 -5.11
CA THR A 712 25.37 14.02 -4.55
C THR A 712 26.25 13.37 -5.62
N ILE A 713 25.64 12.68 -6.57
CA ILE A 713 26.42 11.89 -7.53
C ILE A 713 26.84 12.72 -8.74
N ASP A 714 26.05 13.73 -9.13
CA ASP A 714 26.35 14.50 -10.32
C ASP A 714 27.19 15.74 -10.03
N MET A 715 27.11 16.30 -8.83
CA MET A 715 27.83 17.52 -8.49
C MET A 715 28.93 17.28 -7.48
N SER A 716 28.59 16.76 -6.29
CA SER A 716 29.59 16.60 -5.24
C SER A 716 30.60 15.51 -5.61
N SER A 717 30.12 14.40 -6.17
CA SER A 717 30.98 13.26 -6.46
C SER A 717 31.71 13.38 -7.80
N PHE A 718 31.13 14.07 -8.78
CA PHE A 718 31.72 14.09 -10.11
C PHE A 718 32.22 15.47 -10.52
N TYR A 719 31.35 16.47 -10.59
CA TYR A 719 31.75 17.74 -11.20
C TYR A 719 32.56 18.59 -10.21
N LEU A 720 32.07 18.71 -8.98
CA LEU A 720 32.83 19.44 -7.96
C LEU A 720 34.10 18.72 -7.57
N ASP A 721 34.17 17.41 -7.80
CA ASP A 721 35.34 16.65 -7.39
C ASP A 721 36.59 17.08 -8.16
N PHE A 722 36.48 17.22 -9.48
CA PHE A 722 37.61 17.70 -10.26
C PHE A 722 37.58 19.21 -10.49
N ALA A 723 36.49 19.88 -10.12
CA ALA A 723 36.46 21.34 -10.22
C ALA A 723 37.34 22.00 -9.16
N LYS A 724 37.59 21.31 -8.04
CA LYS A 724 38.42 21.89 -6.98
C LYS A 724 39.83 22.20 -7.48
N ASP A 725 40.39 21.31 -8.30
CA ASP A 725 41.75 21.53 -8.79
C ASP A 725 41.84 22.80 -9.63
N VAL A 726 40.87 23.02 -10.53
CA VAL A 726 40.88 24.23 -11.32
C VAL A 726 40.53 25.45 -10.48
N LEU A 727 39.50 25.34 -9.64
CA LEU A 727 39.00 26.49 -8.90
C LEU A 727 40.01 26.96 -7.85
N TYR A 728 40.68 26.04 -7.17
CA TYR A 728 41.54 26.43 -6.06
C TYR A 728 42.94 26.83 -6.52
N ILE A 729 43.41 26.28 -7.63
CA ILE A 729 44.82 26.30 -8.00
C ILE A 729 45.08 27.19 -9.21
N GLU A 730 44.28 27.05 -10.26
CA GLU A 730 44.48 27.83 -11.47
C GLU A 730 44.21 29.31 -11.21
N ALA A 731 44.63 30.13 -12.18
CA ALA A 731 44.48 31.58 -12.04
C ALA A 731 43.01 31.98 -12.06
N GLU A 732 42.73 33.17 -11.52
CA GLU A 732 41.34 33.60 -11.39
C GLU A 732 40.66 33.73 -12.75
N ASN A 733 41.35 34.34 -13.71
CA ASN A 733 40.77 34.54 -15.03
C ASN A 733 41.09 33.40 -16.00
N ASN A 734 41.62 32.28 -15.49
CA ASN A 734 41.82 31.11 -16.32
C ASN A 734 40.49 30.68 -16.93
N VAL A 735 40.50 30.44 -18.24
CA VAL A 735 39.24 30.20 -18.95
C VAL A 735 38.58 28.91 -18.49
N GLU A 736 39.37 27.89 -18.15
CA GLU A 736 38.79 26.67 -17.59
C GLU A 736 38.10 26.96 -16.26
N ARG A 737 38.73 27.80 -15.42
CA ARG A 737 38.10 28.15 -14.15
C ARG A 737 36.85 28.99 -14.36
N ARG A 738 36.89 29.94 -15.29
CA ARG A 738 35.70 30.72 -15.59
C ARG A 738 34.59 29.85 -16.18
N SER A 739 34.96 28.88 -17.01
CA SER A 739 33.97 27.99 -17.60
C SER A 739 33.25 27.19 -16.51
N ILE A 740 33.99 26.70 -15.51
CA ILE A 740 33.36 26.01 -14.40
C ILE A 740 32.47 26.96 -13.61
N GLN A 741 32.96 28.18 -13.35
CA GLN A 741 32.17 29.15 -12.59
C GLN A 741 30.88 29.52 -13.33
N THR A 742 30.93 29.58 -14.67
CA THR A 742 29.72 29.82 -15.44
C THR A 742 28.69 28.73 -15.21
N VAL A 743 29.14 27.47 -15.23
CA VAL A 743 28.23 26.35 -14.99
C VAL A 743 27.71 26.37 -13.56
N LEU A 744 28.59 26.69 -12.59
CA LEU A 744 28.15 26.77 -11.20
C LEU A 744 27.15 27.89 -10.98
N TYR A 745 27.39 29.06 -11.59
CA TYR A 745 26.45 30.16 -11.44
C TYR A 745 25.10 29.83 -12.07
N GLU A 746 25.12 29.20 -13.25
CA GLU A 746 23.88 28.75 -13.86
C GLU A 746 23.16 27.74 -12.98
N THR A 747 23.90 26.79 -12.42
CA THR A 747 23.28 25.78 -11.55
C THR A 747 22.79 26.39 -10.25
N LEU A 748 23.53 27.37 -9.71
CA LEU A 748 23.13 27.98 -8.44
C LEU A 748 21.80 28.71 -8.57
N LEU A 749 21.59 29.43 -9.68
CA LEU A 749 20.32 30.12 -9.88
C LEU A 749 19.18 29.13 -10.06
N SER A 750 19.37 28.15 -10.95
CA SER A 750 18.30 27.20 -11.23
C SER A 750 17.95 26.36 -10.01
N LEU A 751 18.97 25.91 -9.26
CA LEU A 751 18.71 25.05 -8.12
C LEU A 751 17.93 25.79 -7.03
N THR A 752 18.30 27.04 -6.74
CA THR A 752 17.62 27.80 -5.71
C THR A 752 16.16 28.04 -6.07
N LYS A 753 15.89 28.40 -7.32
CA LYS A 753 14.50 28.61 -7.74
C LYS A 753 13.71 27.31 -7.70
N LEU A 754 14.32 26.20 -8.11
CA LEU A 754 13.61 24.93 -8.12
C LEU A 754 13.18 24.50 -6.73
N VAL A 755 14.09 24.64 -5.74
CA VAL A 755 13.80 24.17 -4.39
C VAL A 755 13.07 25.21 -3.55
N SER A 756 12.83 26.41 -4.09
CA SER A 756 12.14 27.44 -3.32
C SER A 756 10.79 26.99 -2.76
N PRO A 757 9.92 26.29 -3.50
CA PRO A 757 8.65 25.86 -2.89
C PRO A 757 8.83 24.92 -1.70
N ILE A 758 9.92 24.16 -1.63
CA ILE A 758 10.05 23.14 -0.59
C ILE A 758 10.97 23.60 0.52
N LEU A 759 12.24 23.82 0.22
CA LEU A 759 13.19 24.34 1.20
C LEU A 759 13.17 25.87 1.15
N SER A 760 12.04 26.43 1.57
CA SER A 760 11.80 27.85 1.40
C SER A 760 12.80 28.69 2.19
N HIS A 761 13.03 28.33 3.45
CA HIS A 761 13.94 29.13 4.28
C HIS A 761 15.36 29.12 3.72
N THR A 762 15.84 27.96 3.29
CA THR A 762 17.20 27.88 2.79
C THR A 762 17.34 28.50 1.40
N ALA A 763 16.29 28.42 0.57
CA ALA A 763 16.36 29.00 -0.76
C ALA A 763 16.55 30.51 -0.70
N ASP A 764 15.80 31.19 0.18
CA ASP A 764 16.00 32.62 0.36
C ASP A 764 17.34 32.91 1.03
N GLU A 765 17.78 32.04 1.92
CA GLU A 765 19.10 32.23 2.54
C GLU A 765 20.20 32.17 1.49
N VAL A 766 20.11 31.21 0.56
CA VAL A 766 21.09 31.12 -0.52
C VAL A 766 20.95 32.31 -1.48
N TRP A 767 19.71 32.72 -1.75
CA TRP A 767 19.45 33.74 -2.76
C TRP A 767 20.12 35.07 -2.42
N VAL A 768 20.13 35.44 -1.14
CA VAL A 768 20.77 36.68 -0.71
C VAL A 768 22.25 36.66 -1.06
N HIS A 769 22.92 35.52 -0.84
CA HIS A 769 24.35 35.41 -1.08
C HIS A 769 24.69 35.10 -2.53
N ILE A 770 23.72 34.98 -3.41
CA ILE A 770 24.02 34.72 -4.82
C ILE A 770 24.61 35.99 -5.45
N PRO A 771 25.74 35.90 -6.14
CA PRO A 771 26.34 37.12 -6.71
C PRO A 771 25.47 37.72 -7.80
N ASN A 772 25.44 39.05 -7.84
CA ASN A 772 24.81 39.83 -8.90
C ASN A 772 23.33 39.45 -9.07
N VAL A 773 22.57 39.70 -8.01
CA VAL A 773 21.14 39.40 -7.97
C VAL A 773 20.38 40.68 -7.60
N THR A 774 19.27 40.92 -8.29
CA THR A 774 18.52 42.16 -8.11
C THR A 774 17.24 41.99 -7.31
N GLU A 775 16.53 40.88 -7.47
CA GLU A 775 15.25 40.72 -6.79
C GLU A 775 15.45 40.54 -5.28
N GLU A 776 14.48 41.05 -4.53
CA GLU A 776 14.58 41.00 -3.07
C GLU A 776 14.56 39.55 -2.56
N SER A 777 13.70 38.71 -3.14
CA SER A 777 13.55 37.34 -2.71
C SER A 777 13.43 36.42 -3.91
N VAL A 778 13.81 35.15 -3.71
CA VAL A 778 13.65 34.15 -4.75
C VAL A 778 12.18 33.93 -5.09
N GLN A 779 11.28 34.22 -4.14
CA GLN A 779 9.85 34.06 -4.41
C GLN A 779 9.36 35.00 -5.49
N LEU A 780 10.10 36.08 -5.77
CA LEU A 780 9.69 37.12 -6.69
C LEU A 780 10.23 36.90 -8.10
N VAL A 781 10.75 35.71 -8.40
CA VAL A 781 11.22 35.38 -9.73
C VAL A 781 10.49 34.13 -10.22
N ASP A 782 10.52 33.93 -11.54
CA ASP A 782 9.87 32.78 -12.14
C ASP A 782 10.80 31.57 -12.15
N MET A 783 10.21 30.40 -12.35
CA MET A 783 11.00 29.18 -12.46
C MET A 783 11.89 29.24 -13.70
N PRO A 784 13.08 28.63 -13.64
CA PRO A 784 13.93 28.58 -14.83
C PRO A 784 13.28 27.77 -15.95
N GLU A 785 13.62 28.12 -17.18
CA GLU A 785 13.13 27.42 -18.36
C GLU A 785 14.22 26.56 -18.95
N VAL A 786 13.81 25.47 -19.60
CA VAL A 786 14.75 24.56 -20.25
C VAL A 786 15.22 25.17 -21.56
N GLN A 787 16.54 25.25 -21.74
CA GLN A 787 17.13 25.71 -22.98
C GLN A 787 17.87 24.56 -23.66
N GLU A 788 17.69 24.44 -24.97
N GLU A 788 17.68 24.43 -24.97
CA GLU A 788 18.33 23.38 -25.73
CA GLU A 788 18.34 23.38 -25.72
C GLU A 788 19.84 23.62 -25.84
C GLU A 788 19.84 23.63 -25.80
N ILE A 789 20.61 22.54 -25.78
CA ILE A 789 22.06 22.58 -25.92
C ILE A 789 22.42 21.81 -27.18
N GLU A 790 23.17 22.46 -28.07
CA GLU A 790 23.54 21.84 -29.34
C GLU A 790 24.38 20.59 -29.10
N GLY A 791 24.05 19.51 -29.81
CA GLY A 791 24.78 18.27 -29.65
C GLY A 791 24.54 17.55 -28.35
N ALA A 792 23.41 17.81 -27.70
CA ALA A 792 23.16 17.22 -26.38
C ALA A 792 23.13 15.70 -26.45
N ASP A 793 22.49 15.15 -27.49
CA ASP A 793 22.39 13.69 -27.60
C ASP A 793 23.77 13.05 -27.73
N GLN A 794 24.65 13.65 -28.52
CA GLN A 794 26.01 13.14 -28.62
C GLN A 794 26.79 13.40 -27.33
N LEU A 795 26.54 14.53 -26.68
CA LEU A 795 27.22 14.83 -25.41
C LEU A 795 26.85 13.83 -24.34
N VAL A 796 25.56 13.49 -24.22
CA VAL A 796 25.13 12.52 -23.22
C VAL A 796 25.64 11.14 -23.57
N GLU A 797 25.60 10.77 -24.85
CA GLU A 797 26.03 9.43 -25.27
C GLU A 797 27.48 9.17 -24.87
N LYS A 798 28.33 10.18 -24.97
CA LYS A 798 29.74 10.00 -24.63
C LYS A 798 29.97 10.05 -23.12
N TRP A 799 29.57 11.14 -22.48
CA TRP A 799 29.98 11.38 -21.10
C TRP A 799 29.23 10.49 -20.11
N ASP A 800 28.09 9.92 -20.50
CA ASP A 800 27.52 8.84 -19.68
C ASP A 800 28.45 7.65 -19.64
N ALA A 801 29.04 7.28 -20.78
CA ALA A 801 30.02 6.21 -20.80
C ALA A 801 31.24 6.58 -19.97
N PHE A 802 31.67 7.85 -20.03
CA PHE A 802 32.79 8.28 -19.20
C PHE A 802 32.46 8.21 -17.72
N MET A 803 31.23 8.58 -17.35
CA MET A 803 30.85 8.52 -15.94
C MET A 803 30.87 7.09 -15.44
N GLU A 804 30.36 6.14 -16.23
CA GLU A 804 30.41 4.73 -15.84
C GLU A 804 31.85 4.25 -15.73
N LEU A 805 32.71 4.69 -16.66
CA LEU A 805 34.14 4.36 -16.56
C LEU A 805 34.74 4.95 -15.29
N ARG A 806 34.38 6.19 -14.94
CA ARG A 806 34.93 6.81 -13.75
C ARG A 806 34.52 6.06 -12.49
N ASP A 807 33.27 5.60 -12.43
CA ASP A 807 32.83 4.83 -11.27
C ASP A 807 33.63 3.54 -11.13
N GLU A 808 33.92 2.87 -12.24
CA GLU A 808 34.81 1.72 -12.19
C GLU A 808 36.23 2.14 -11.81
N VAL A 809 36.67 3.31 -12.29
CA VAL A 809 37.96 3.85 -11.89
C VAL A 809 37.99 4.13 -10.39
N LEU A 810 36.91 4.73 -9.88
CA LEU A 810 36.84 5.00 -8.45
C LEU A 810 36.85 3.72 -7.63
N LYS A 811 36.16 2.68 -8.11
CA LYS A 811 36.20 1.39 -7.43
C LYS A 811 37.61 0.83 -7.40
N ALA A 812 38.36 0.97 -8.50
CA ALA A 812 39.74 0.52 -8.53
C ALA A 812 40.61 1.32 -7.55
N LEU A 813 40.42 2.63 -7.49
CA LEU A 813 41.20 3.45 -6.57
C LEU A 813 40.89 3.11 -5.12
N GLU A 814 39.61 2.89 -4.80
CA GLU A 814 39.25 2.52 -3.44
C GLU A 814 39.88 1.18 -3.04
N GLN A 815 39.93 0.24 -3.98
CA GLN A 815 40.57 -1.04 -3.69
C GLN A 815 42.06 -0.86 -3.40
N ALA A 816 42.72 0.03 -4.14
CA ALA A 816 44.15 0.21 -3.96
C ALA A 816 44.48 0.78 -2.58
N ARG A 817 43.68 1.75 -2.11
CA ARG A 817 43.96 2.32 -0.80
C ARG A 817 43.66 1.32 0.31
N ASN A 818 42.68 0.44 0.12
CA ASN A 818 42.42 -0.61 1.09
C ASN A 818 43.55 -1.63 1.16
N GLU A 819 44.37 -1.72 0.11
CA GLU A 819 45.52 -2.60 0.09
C GLU A 819 46.82 -1.87 0.41
N LYS A 820 46.73 -0.63 0.90
CA LYS A 820 47.90 0.17 1.26
C LYS A 820 48.80 0.43 0.06
N VAL A 821 48.22 0.48 -1.14
CA VAL A 821 49.00 0.83 -2.33
C VAL A 821 49.09 2.35 -2.48
N ILE A 822 47.97 3.04 -2.22
CA ILE A 822 47.93 4.50 -2.22
C ILE A 822 47.20 4.95 -0.96
N GLY A 823 47.44 6.20 -0.59
CA GLY A 823 46.73 6.77 0.56
C GLY A 823 45.71 7.80 0.12
N LYS A 824 45.75 8.14 -1.16
CA LYS A 824 44.96 9.23 -1.73
C LYS A 824 45.02 9.12 -3.24
N SER A 825 43.94 9.52 -3.92
CA SER A 825 43.87 9.35 -5.36
C SER A 825 44.95 10.15 -6.09
N LEU A 826 45.42 11.24 -5.48
CA LEU A 826 46.47 12.04 -6.10
C LEU A 826 47.84 11.37 -6.03
N GLU A 827 48.01 10.35 -5.19
CA GLU A 827 49.28 9.66 -5.05
C GLU A 827 49.41 8.48 -6.00
N ALA A 828 48.51 8.36 -6.96
CA ALA A 828 48.38 7.15 -7.78
C ALA A 828 48.65 7.44 -9.25
N LYS A 829 49.18 6.43 -9.93
CA LYS A 829 49.22 6.39 -11.39
C LYS A 829 48.18 5.38 -11.87
N LEU A 830 47.32 5.80 -12.80
CA LEU A 830 46.33 4.93 -13.37
C LEU A 830 46.86 4.34 -14.67
N THR A 831 46.93 3.01 -14.74
CA THR A 831 47.25 2.30 -15.96
C THR A 831 45.99 1.58 -16.42
N LEU A 832 45.51 1.91 -17.61
CA LEU A 832 44.25 1.38 -18.12
C LEU A 832 44.52 0.44 -19.29
N TYR A 833 43.90 -0.72 -19.25
CA TYR A 833 43.88 -1.67 -20.36
C TYR A 833 42.45 -1.72 -20.88
N PRO A 834 42.07 -0.79 -21.74
CA PRO A 834 40.65 -0.60 -22.07
C PRO A 834 40.14 -1.63 -23.07
N THR A 835 38.81 -1.70 -23.16
CA THR A 835 38.17 -2.39 -24.26
C THR A 835 38.28 -1.53 -25.52
N ALA A 836 37.82 -2.10 -26.64
CA ALA A 836 37.88 -1.38 -27.91
C ALA A 836 37.02 -0.12 -27.86
N ASP A 837 35.82 -0.21 -27.26
CA ASP A 837 34.97 0.97 -27.12
C ASP A 837 35.58 1.99 -26.17
N THR A 838 36.15 1.52 -25.06
CA THR A 838 36.74 2.44 -24.08
C THR A 838 37.92 3.19 -24.67
N LYS A 839 38.74 2.51 -25.48
CA LYS A 839 39.87 3.17 -26.13
C LYS A 839 39.38 4.29 -27.05
N GLU A 840 38.29 4.05 -27.78
CA GLU A 840 37.71 5.11 -28.61
C GLU A 840 37.23 6.28 -27.77
N LEU A 841 36.59 5.98 -26.63
CA LEU A 841 36.04 7.04 -25.78
C LEU A 841 37.14 7.94 -25.23
N LEU A 842 38.21 7.33 -24.71
CA LEU A 842 39.31 8.10 -24.13
C LEU A 842 40.05 8.91 -25.18
N ALA A 843 39.99 8.51 -26.45
CA ALA A 843 40.62 9.28 -27.51
C ALA A 843 39.74 10.46 -27.95
N SER A 844 38.43 10.39 -27.73
CA SER A 844 37.52 11.46 -28.12
C SER A 844 37.31 12.50 -27.04
N ILE A 845 38.05 12.41 -25.94
CA ILE A 845 37.93 13.37 -24.84
C ILE A 845 39.14 14.30 -24.89
N SER A 846 38.90 15.59 -25.15
CA SER A 846 39.98 16.57 -25.22
C SER A 846 40.41 17.08 -23.85
N GLU A 847 39.63 16.83 -22.81
CA GLU A 847 40.01 17.24 -21.48
C GLU A 847 41.07 16.30 -20.90
N ASN A 848 41.76 16.78 -19.86
CA ASN A 848 42.76 15.97 -19.17
C ASN A 848 42.03 14.90 -18.36
N VAL A 849 41.98 13.67 -18.88
CA VAL A 849 41.27 12.61 -18.20
C VAL A 849 41.94 12.27 -16.87
N GLY A 850 43.27 12.38 -16.80
CA GLY A 850 43.96 12.19 -15.54
C GLY A 850 43.53 13.20 -14.50
N GLN A 851 43.33 14.46 -14.91
CA GLN A 851 42.78 15.46 -14.01
C GLN A 851 41.36 15.12 -13.60
N LEU A 852 40.55 14.61 -14.54
CA LEU A 852 39.18 14.24 -14.24
C LEU A 852 39.09 13.02 -13.34
N PHE A 853 40.15 12.22 -13.25
CA PHE A 853 40.20 11.09 -12.33
C PHE A 853 40.90 11.42 -11.02
N ILE A 854 41.33 12.67 -10.84
CA ILE A 854 42.00 13.14 -9.63
C ILE A 854 43.20 12.24 -9.33
N VAL A 855 44.03 12.00 -10.35
CA VAL A 855 45.23 11.20 -10.20
C VAL A 855 46.41 12.00 -10.74
N SER A 856 47.62 11.57 -10.35
CA SER A 856 48.82 12.25 -10.80
C SER A 856 49.30 11.78 -12.16
N ASP A 857 48.97 10.56 -12.56
CA ASP A 857 49.39 10.06 -13.86
C ASP A 857 48.34 9.10 -14.41
N LEU A 858 48.16 9.13 -15.73
CA LEU A 858 47.28 8.20 -16.42
C LEU A 858 48.00 7.66 -17.64
N GLU A 859 47.90 6.35 -17.85
CA GLU A 859 48.51 5.70 -19.00
C GLU A 859 47.53 4.67 -19.57
N VAL A 860 47.17 4.84 -20.83
CA VAL A 860 46.35 3.87 -21.54
C VAL A 860 47.30 2.96 -22.32
N ALA A 861 47.46 1.73 -21.84
CA ALA A 861 48.43 0.80 -22.40
C ALA A 861 47.81 -0.02 -23.53
N GLU A 862 48.68 -0.51 -24.42
CA GLU A 862 48.28 -1.37 -25.52
C GLU A 862 48.59 -2.84 -25.28
N GLY A 863 49.30 -3.18 -24.21
CA GLY A 863 49.66 -4.55 -23.93
C GLY A 863 48.53 -5.32 -23.27
N GLU A 864 48.81 -6.60 -23.02
CA GLU A 864 47.87 -7.44 -22.31
C GLU A 864 47.79 -7.03 -20.84
N ALA A 865 46.62 -7.20 -20.26
CA ALA A 865 46.42 -6.84 -18.85
C ALA A 865 47.11 -7.86 -17.95
N PRO A 866 47.86 -7.41 -16.94
CA PRO A 866 48.51 -8.37 -16.02
C PRO A 866 47.48 -9.13 -15.20
N ALA A 867 47.93 -10.26 -14.66
CA ALA A 867 47.03 -11.12 -13.89
C ALA A 867 46.55 -10.43 -12.63
N GLU A 868 47.36 -9.55 -12.05
CA GLU A 868 46.98 -8.83 -10.84
C GLU A 868 46.12 -7.61 -11.12
N ALA A 869 45.82 -7.31 -12.38
CA ALA A 869 44.98 -6.17 -12.71
C ALA A 869 43.57 -6.35 -12.17
N GLN A 870 42.93 -5.23 -11.84
CA GLN A 870 41.55 -5.25 -11.41
C GLN A 870 40.65 -5.27 -12.64
N LYS A 871 39.88 -6.33 -12.80
CA LYS A 871 39.03 -6.49 -13.97
C LYS A 871 37.73 -5.72 -13.82
N PHE A 872 37.34 -5.02 -14.89
CA PHE A 872 36.08 -4.31 -14.95
C PHE A 872 35.53 -4.42 -16.37
N SER A 873 34.28 -3.97 -16.54
CA SER A 873 33.65 -4.06 -17.85
C SER A 873 34.32 -3.13 -18.86
N TYR A 874 34.52 -1.87 -18.49
CA TYR A 874 35.09 -0.90 -19.43
C TYR A 874 36.58 -1.10 -19.65
N ALA A 875 37.31 -1.53 -18.63
CA ALA A 875 38.76 -1.66 -18.75
C ALA A 875 39.29 -2.54 -17.64
N SER A 876 40.51 -3.03 -17.83
CA SER A 876 41.29 -3.64 -16.77
C SER A 876 42.27 -2.59 -16.25
N ILE A 877 42.24 -2.36 -14.94
CA ILE A 877 42.91 -1.22 -14.34
C ILE A 877 43.95 -1.72 -13.35
N VAL A 878 45.14 -1.10 -13.39
CA VAL A 878 46.18 -1.29 -12.40
C VAL A 878 46.45 0.05 -11.74
N VAL A 879 46.34 0.11 -10.41
CA VAL A 879 46.60 1.32 -9.66
C VAL A 879 47.95 1.17 -8.97
N SER A 880 48.89 2.04 -9.33
CA SER A 880 50.23 2.05 -8.78
C SER A 880 50.52 3.41 -8.16
N LYS A 881 51.63 3.48 -7.42
CA LYS A 881 52.06 4.73 -6.82
C LYS A 881 52.69 5.63 -7.88
N ALA A 882 52.23 6.87 -7.95
CA ALA A 882 52.73 7.80 -8.95
C ALA A 882 54.19 8.16 -8.69
N GLU A 883 54.97 8.22 -9.75
CA GLU A 883 56.38 8.55 -9.63
C GLU A 883 56.58 10.06 -9.58
N GLY A 884 57.59 10.49 -8.84
CA GLY A 884 57.92 11.90 -8.74
C GLY A 884 57.91 12.42 -7.32
N GLU A 885 57.71 13.73 -7.16
CA GLU A 885 57.62 14.37 -5.87
C GLU A 885 56.32 15.13 -5.75
N LYS A 886 55.78 15.21 -4.54
CA LYS A 886 54.51 15.88 -4.30
C LYS A 886 54.69 17.39 -4.35
N CYS A 887 53.83 18.06 -5.12
CA CYS A 887 53.83 19.52 -5.14
C CYS A 887 53.23 20.06 -3.85
N GLU A 888 53.89 21.08 -3.27
CA GLU A 888 53.43 21.63 -2.00
C GLU A 888 52.11 22.38 -2.14
N ARG A 889 51.76 22.84 -3.34
CA ARG A 889 50.57 23.65 -3.54
C ARG A 889 49.35 22.80 -3.91
N CYS A 890 49.46 22.01 -4.97
CA CYS A 890 48.33 21.23 -5.48
C CYS A 890 48.41 19.75 -5.13
N TRP A 891 49.45 19.32 -4.42
CA TRP A 891 49.59 17.96 -3.92
C TRP A 891 49.68 16.91 -5.03
N VAL A 892 50.11 17.31 -6.23
CA VAL A 892 50.26 16.37 -7.32
C VAL A 892 51.66 15.79 -7.28
N VAL A 893 51.77 14.53 -7.71
CA VAL A 893 53.04 13.83 -7.74
C VAL A 893 53.50 13.84 -9.19
N SER A 894 54.44 14.73 -9.51
CA SER A 894 54.94 14.88 -10.87
C SER A 894 56.46 14.94 -10.84
N PRO A 895 57.11 14.46 -11.91
CA PRO A 895 58.56 14.69 -12.04
C PRO A 895 58.91 16.17 -12.19
N THR A 896 57.97 17.01 -12.62
CA THR A 896 58.22 18.44 -12.77
C THR A 896 58.44 19.13 -11.43
N VAL A 897 58.08 18.49 -10.32
CA VAL A 897 58.37 19.06 -9.00
C VAL A 897 59.87 19.00 -8.75
N GLY A 898 60.45 20.13 -8.36
CA GLY A 898 61.88 20.23 -8.17
C GLY A 898 62.65 20.77 -9.34
N GLU A 899 61.98 21.26 -10.38
CA GLU A 899 62.64 21.84 -11.53
C GLU A 899 62.87 23.34 -11.36
N ASP A 900 61.84 24.09 -10.97
N ASP A 900 61.84 24.09 -10.97
CA ASP A 900 61.98 25.51 -10.73
CA ASP A 900 61.98 25.52 -10.75
C ASP A 900 62.79 25.73 -9.47
C ASP A 900 62.78 25.74 -9.48
N GLN A 901 63.99 26.30 -9.62
CA GLN A 901 64.82 26.57 -8.45
C GLN A 901 64.27 27.72 -7.61
N ASP A 902 63.39 28.55 -8.19
CA ASP A 902 62.71 29.57 -7.40
C ASP A 902 61.58 28.98 -6.56
N HIS A 903 60.98 27.88 -7.02
CA HIS A 903 59.92 27.19 -6.28
C HIS A 903 60.26 25.70 -6.27
N PRO A 904 61.20 25.30 -5.41
CA PRO A 904 61.67 23.90 -5.45
C PRO A 904 60.60 22.87 -5.16
N THR A 905 59.51 23.25 -4.51
CA THR A 905 58.49 22.31 -4.09
C THR A 905 57.22 22.38 -4.95
N LEU A 906 57.29 23.06 -6.10
CA LEU A 906 56.12 23.28 -6.94
C LEU A 906 56.29 22.57 -8.28
N CYS A 907 55.19 22.02 -8.78
CA CYS A 907 55.16 21.50 -10.14
C CYS A 907 55.20 22.67 -11.13
N THR A 908 55.30 22.33 -12.42
CA THR A 908 55.41 23.36 -13.44
C THR A 908 54.21 24.29 -13.45
N ARG A 909 53.00 23.72 -13.36
CA ARG A 909 51.81 24.56 -13.44
C ARG A 909 51.71 25.52 -12.26
N CYS A 910 51.91 25.01 -11.04
CA CYS A 910 51.79 25.87 -9.86
C CYS A 910 52.88 26.93 -9.83
N ALA A 911 54.09 26.59 -10.26
CA ALA A 911 55.18 27.56 -10.28
C ALA A 911 54.88 28.72 -11.22
N ASP A 912 54.32 28.42 -12.39
CA ASP A 912 53.97 29.47 -13.34
C ASP A 912 52.82 30.32 -12.84
N VAL A 913 51.86 29.71 -12.17
CA VAL A 913 50.71 30.47 -11.65
C VAL A 913 51.16 31.43 -10.56
N VAL A 914 52.04 30.98 -9.66
CA VAL A 914 52.52 31.86 -8.58
C VAL A 914 53.36 33.00 -9.14
N LYS A 915 54.26 32.68 -10.08
CA LYS A 915 55.18 33.70 -10.59
C LYS A 915 54.45 34.76 -11.40
N ASN A 916 53.47 34.35 -12.21
CA ASN A 916 52.82 35.28 -13.13
C ASN A 916 51.61 35.99 -12.53
N HIS A 917 51.15 35.58 -11.35
CA HIS A 917 49.92 36.13 -10.77
C HIS A 917 50.01 36.45 -9.28
N TYR A 918 50.92 35.81 -8.54
CA TYR A 918 51.00 36.02 -7.09
C TYR A 918 52.31 36.67 -6.64
N VAL A 919 53.40 36.45 -7.36
CA VAL A 919 54.62 37.21 -7.13
C VAL A 919 54.61 38.51 -7.93
N GLN A 920 54.37 38.41 -9.24
CA GLN A 920 54.12 39.59 -10.06
C GLN A 920 52.64 39.91 -10.02
N GLN A 921 52.18 40.63 -11.05
CA GLN A 921 50.81 41.15 -11.14
C GLN A 921 49.75 40.09 -10.82
N MET B 1 58.45 1.15 -5.76
CA MET B 1 58.91 1.59 -4.45
C MET B 1 59.32 0.40 -3.58
N GLU B 2 60.47 0.51 -2.93
CA GLU B 2 60.92 -0.55 -2.03
C GLU B 2 60.07 -0.54 -0.76
N TYR B 3 60.28 -1.57 0.06
CA TYR B 3 59.55 -1.87 1.29
C TYR B 3 58.12 -2.32 1.01
N LYS B 4 57.67 -2.30 -0.24
CA LYS B 4 56.36 -2.84 -0.58
C LYS B 4 56.32 -4.35 -0.37
N ASP B 5 57.46 -5.02 -0.51
CA ASP B 5 57.55 -6.46 -0.26
C ASP B 5 57.61 -6.81 1.22
N THR B 6 57.80 -5.82 2.09
CA THR B 6 57.88 -6.04 3.52
C THR B 6 56.52 -5.91 4.21
N LEU B 7 55.45 -5.76 3.44
CA LEU B 7 54.10 -5.67 3.99
C LEU B 7 53.37 -6.99 3.83
N LEU B 8 52.54 -7.32 4.81
CA LEU B 8 51.73 -8.54 4.78
C LEU B 8 50.43 -8.24 4.04
N MET B 9 50.52 -8.25 2.70
CA MET B 9 49.37 -7.95 1.88
C MET B 9 48.37 -9.10 1.93
N PRO B 10 47.08 -8.80 1.76
CA PRO B 10 46.08 -9.87 1.72
C PRO B 10 46.34 -10.84 0.57
N LYS B 11 46.09 -12.12 0.83
CA LYS B 11 46.31 -13.18 -0.16
C LYS B 11 45.17 -14.17 -0.06
N THR B 12 44.45 -14.36 -1.17
CA THR B 12 43.35 -15.31 -1.21
C THR B 12 43.02 -15.64 -2.65
N GLU B 13 42.67 -16.91 -2.89
CA GLU B 13 42.22 -17.33 -4.21
C GLU B 13 40.77 -17.01 -4.47
N PHE B 14 40.07 -16.47 -3.48
CA PHE B 14 38.69 -16.01 -3.66
C PHE B 14 38.70 -14.74 -4.50
N PRO B 15 38.11 -14.76 -5.70
CA PRO B 15 38.23 -13.59 -6.58
C PRO B 15 37.38 -12.41 -6.12
N MET B 16 37.84 -11.22 -6.47
CA MET B 16 37.07 -10.01 -6.18
C MET B 16 35.75 -9.99 -6.94
N ARG B 17 35.77 -10.40 -8.20
CA ARG B 17 34.58 -10.47 -9.03
C ARG B 17 34.06 -11.90 -9.04
N GLY B 18 32.80 -12.08 -8.65
CA GLY B 18 32.24 -13.42 -8.60
C GLY B 18 32.04 -14.05 -9.96
N ASN B 19 31.70 -13.25 -10.96
CA ASN B 19 31.31 -13.76 -12.28
C ASN B 19 30.20 -14.79 -12.12
N LEU B 20 29.15 -14.39 -11.40
CA LEU B 20 28.07 -15.29 -11.04
C LEU B 20 27.44 -16.02 -12.22
N PRO B 21 27.14 -15.38 -13.35
CA PRO B 21 26.52 -16.13 -14.46
C PRO B 21 27.35 -17.31 -14.95
N ASN B 22 28.68 -17.27 -14.80
CA ASN B 22 29.53 -18.37 -15.23
C ASN B 22 30.08 -19.20 -14.08
N ARG B 23 30.07 -18.69 -12.86
CA ARG B 23 30.58 -19.43 -11.72
C ARG B 23 29.50 -20.28 -11.05
N GLU B 24 28.30 -19.72 -10.89
CA GLU B 24 27.21 -20.44 -10.24
C GLU B 24 26.89 -21.79 -10.89
N PRO B 25 26.84 -21.95 -12.21
CA PRO B 25 26.62 -23.29 -12.77
C PRO B 25 27.66 -24.32 -12.33
N LYS B 26 28.93 -23.90 -12.18
CA LYS B 26 29.93 -24.82 -11.65
C LYS B 26 29.61 -25.19 -10.21
N MET B 27 29.21 -24.22 -9.40
CA MET B 27 28.83 -24.50 -8.02
C MET B 27 27.65 -25.46 -7.96
N GLN B 28 26.65 -25.23 -8.82
CA GLN B 28 25.47 -26.11 -8.83
C GLN B 28 25.83 -27.52 -9.27
N GLU B 29 26.72 -27.65 -10.25
CA GLU B 29 27.19 -28.97 -10.65
C GLU B 29 27.95 -29.64 -9.50
N GLN B 30 28.76 -28.88 -8.76
CA GLN B 30 29.47 -29.43 -7.62
C GLN B 30 28.51 -29.81 -6.49
N TRP B 31 27.46 -29.01 -6.28
CA TRP B 31 26.44 -29.36 -5.29
C TRP B 31 25.77 -30.68 -5.64
N ALA B 32 25.41 -30.87 -6.91
CA ALA B 32 24.76 -32.11 -7.33
C ALA B 32 25.70 -33.30 -7.19
N GLU B 33 26.99 -33.10 -7.52
CA GLU B 33 27.95 -34.19 -7.32
C GLU B 33 28.07 -34.56 -5.85
N MET B 34 27.82 -33.61 -4.95
CA MET B 34 27.81 -33.90 -3.52
C MET B 34 26.54 -34.62 -3.07
N ASN B 35 25.48 -34.59 -3.87
CA ASN B 35 24.15 -34.97 -3.42
C ASN B 35 23.79 -34.24 -2.13
N ILE B 36 23.95 -32.91 -2.19
CA ILE B 36 23.91 -32.09 -0.98
C ILE B 36 22.56 -32.22 -0.28
N TYR B 37 21.47 -32.33 -1.06
CA TYR B 37 20.16 -32.48 -0.45
C TYR B 37 20.08 -33.74 0.39
N GLU B 38 20.63 -34.86 -0.12
CA GLU B 38 20.67 -36.08 0.68
C GLU B 38 21.58 -35.95 1.89
N LYS B 39 22.71 -35.25 1.73
CA LYS B 39 23.64 -35.06 2.84
C LYS B 39 22.99 -34.27 3.97
N VAL B 40 22.27 -33.20 3.63
CA VAL B 40 21.63 -32.38 4.65
C VAL B 40 20.48 -33.15 5.32
N GLN B 41 19.68 -33.85 4.52
CA GLN B 41 18.55 -34.58 5.08
C GLN B 41 19.01 -35.74 5.97
N LYS B 42 20.15 -36.35 5.65
CA LYS B 42 20.66 -37.42 6.50
C LYS B 42 21.38 -36.87 7.73
N ARG B 43 22.01 -35.71 7.63
CA ARG B 43 22.65 -35.13 8.81
C ARG B 43 21.62 -34.69 9.85
N THR B 44 20.46 -34.20 9.40
CA THR B 44 19.39 -33.76 10.29
C THR B 44 18.30 -34.82 10.43
N GLU B 45 18.66 -36.11 10.34
CA GLU B 45 17.65 -37.16 10.36
C GLU B 45 16.89 -37.19 11.68
N GLY B 46 17.59 -37.06 12.81
CA GLY B 46 16.95 -37.10 14.10
C GLY B 46 16.59 -35.73 14.63
N ARG B 47 15.89 -34.94 13.83
CA ARG B 47 15.54 -33.59 14.21
C ARG B 47 14.06 -33.35 14.02
N PRO B 48 13.47 -32.44 14.82
CA PRO B 48 12.04 -32.15 14.65
C PRO B 48 11.73 -31.68 13.24
N LEU B 49 10.63 -32.19 12.70
CA LEU B 49 10.28 -31.93 11.32
C LEU B 49 9.80 -30.50 11.11
N PHE B 50 10.19 -29.92 9.97
CA PHE B 50 9.58 -28.70 9.46
C PHE B 50 9.25 -28.96 7.99
N VAL B 51 7.97 -28.99 7.66
CA VAL B 51 7.52 -29.36 6.33
C VAL B 51 6.86 -28.14 5.69
N LEU B 52 7.52 -27.58 4.68
CA LEU B 52 6.96 -26.53 3.84
C LEU B 52 6.46 -27.20 2.57
N HIS B 53 5.14 -27.34 2.45
CA HIS B 53 4.56 -28.07 1.33
C HIS B 53 4.55 -27.17 0.09
N ASP B 54 5.20 -27.64 -0.97
CA ASP B 54 5.33 -26.85 -2.18
C ASP B 54 4.02 -26.87 -2.97
N GLY B 55 3.51 -25.69 -3.31
CA GLY B 55 2.34 -25.58 -4.15
C GLY B 55 2.70 -25.89 -5.58
N PRO B 56 1.91 -26.73 -6.23
CA PRO B 56 2.26 -27.20 -7.58
C PRO B 56 2.07 -26.12 -8.63
N PRO B 57 3.15 -25.65 -9.25
CA PRO B 57 3.01 -24.74 -10.39
C PRO B 57 2.54 -25.49 -11.62
N TYR B 58 1.88 -24.77 -12.52
CA TYR B 58 1.36 -25.39 -13.73
C TYR B 58 2.50 -25.67 -14.70
N ALA B 59 2.52 -26.89 -15.24
CA ALA B 59 3.61 -27.34 -16.10
C ALA B 59 3.38 -26.84 -17.52
N ASN B 60 3.64 -25.55 -17.71
CA ASN B 60 3.48 -24.94 -19.03
C ASN B 60 4.35 -23.69 -19.10
N GLY B 61 5.25 -23.64 -20.08
CA GLY B 61 6.07 -22.47 -20.28
C GLY B 61 7.22 -22.38 -19.29
N ASP B 62 7.97 -21.28 -19.42
CA ASP B 62 9.08 -21.01 -18.53
C ASP B 62 8.59 -20.36 -17.24
N ILE B 63 9.44 -20.40 -16.21
CA ILE B 63 9.09 -19.79 -14.94
C ILE B 63 9.19 -18.28 -15.05
N HIS B 64 8.27 -17.58 -14.41
CA HIS B 64 8.25 -16.13 -14.39
C HIS B 64 8.77 -15.63 -13.05
N MET B 65 8.79 -14.30 -12.89
CA MET B 65 9.36 -13.70 -11.69
C MET B 65 8.63 -14.14 -10.43
N GLY B 66 7.32 -14.35 -10.52
CA GLY B 66 6.58 -14.85 -9.37
C GLY B 66 7.04 -16.23 -8.93
N HIS B 67 7.33 -17.10 -9.89
CA HIS B 67 7.87 -18.42 -9.57
C HIS B 67 9.20 -18.30 -8.85
N ALA B 68 10.09 -17.45 -9.34
CA ALA B 68 11.38 -17.26 -8.67
C ALA B 68 11.21 -16.67 -7.28
N LEU B 69 10.31 -15.68 -7.15
CA LEU B 69 10.05 -15.10 -5.83
C LEU B 69 9.51 -16.15 -4.86
N ASN B 70 8.58 -16.98 -5.33
CA ASN B 70 7.99 -18.01 -4.47
C ASN B 70 9.03 -19.04 -4.05
N LYS B 71 9.80 -19.56 -5.02
CA LYS B 71 10.75 -20.63 -4.71
C LYS B 71 11.94 -20.13 -3.90
N ILE B 72 12.37 -18.88 -4.12
CA ILE B 72 13.51 -18.36 -3.39
C ILE B 72 13.15 -18.13 -1.92
N LEU B 73 11.95 -17.61 -1.66
CA LEU B 73 11.49 -17.45 -0.28
C LEU B 73 11.42 -18.79 0.43
N LYS B 74 10.85 -19.81 -0.23
CA LYS B 74 10.80 -21.14 0.36
C LYS B 74 12.19 -21.66 0.64
N ASP B 75 13.12 -21.47 -0.30
CA ASP B 75 14.48 -21.94 -0.13
C ASP B 75 15.14 -21.30 1.09
N PHE B 76 14.86 -20.02 1.33
CA PHE B 76 15.41 -19.34 2.50
C PHE B 76 15.00 -20.05 3.78
N ILE B 77 13.71 -20.37 3.90
CA ILE B 77 13.19 -20.95 5.14
C ILE B 77 13.68 -22.38 5.32
N VAL B 78 13.67 -23.17 4.24
CA VAL B 78 14.08 -24.57 4.36
C VAL B 78 15.57 -24.67 4.67
N ARG B 79 16.40 -23.82 4.03
CA ARG B 79 17.82 -23.82 4.34
C ARG B 79 18.06 -23.41 5.79
N TYR B 80 17.37 -22.36 6.25
CA TYR B 80 17.57 -21.90 7.62
C TYR B 80 17.15 -22.96 8.62
N LYS B 81 15.99 -23.58 8.40
CA LYS B 81 15.51 -24.60 9.32
C LYS B 81 16.45 -25.79 9.36
N SER B 82 17.04 -26.13 8.20
CA SER B 82 18.01 -27.23 8.17
C SER B 82 19.27 -26.90 8.96
N MET B 83 19.50 -25.64 9.30
CA MET B 83 20.66 -25.21 10.07
C MET B 83 20.31 -24.74 11.46
N SER B 84 19.05 -24.93 11.89
CA SER B 84 18.59 -24.43 13.18
C SER B 84 17.96 -25.53 14.03
N GLY B 85 18.40 -26.77 13.86
CA GLY B 85 17.89 -27.87 14.64
C GLY B 85 16.62 -28.51 14.12
N PHE B 86 16.31 -28.33 12.84
CA PHE B 86 15.12 -28.93 12.23
C PHE B 86 15.52 -29.83 11.08
N CYS B 87 14.68 -30.82 10.82
CA CYS B 87 14.74 -31.60 9.58
C CYS B 87 13.73 -30.99 8.62
N ALA B 88 14.21 -30.52 7.47
CA ALA B 88 13.40 -29.71 6.56
C ALA B 88 13.40 -30.35 5.16
N PRO B 89 12.61 -31.40 4.98
CA PRO B 89 12.43 -31.94 3.62
C PRO B 89 11.73 -30.92 2.74
N TYR B 90 12.05 -30.98 1.45
CA TYR B 90 11.37 -30.14 0.46
C TYR B 90 11.08 -30.98 -0.76
N VAL B 91 9.80 -31.16 -1.07
CA VAL B 91 9.36 -31.94 -2.21
C VAL B 91 8.61 -31.02 -3.17
N PRO B 92 9.27 -30.52 -4.20
CA PRO B 92 8.59 -29.65 -5.17
C PRO B 92 7.55 -30.42 -5.96
N GLY B 93 6.55 -29.69 -6.45
CA GLY B 93 5.44 -30.28 -7.16
C GLY B 93 5.18 -29.59 -8.48
N TRP B 94 4.17 -30.10 -9.19
CA TRP B 94 3.74 -29.53 -10.46
C TRP B 94 2.28 -29.92 -10.70
N ASP B 95 1.50 -28.95 -11.19
CA ASP B 95 0.13 -29.21 -11.62
C ASP B 95 0.14 -29.50 -13.12
N THR B 96 -0.30 -30.70 -13.50
CA THR B 96 -0.08 -31.21 -14.85
C THR B 96 -1.38 -31.58 -15.56
N HIS B 97 -2.52 -31.09 -15.09
CA HIS B 97 -3.81 -31.35 -15.71
C HIS B 97 -4.49 -30.03 -16.04
N GLY B 98 -5.41 -30.07 -16.99
CA GLY B 98 -6.30 -28.95 -17.23
C GLY B 98 -6.33 -28.53 -18.69
N LEU B 99 -7.15 -27.52 -18.96
CA LEU B 99 -7.30 -27.00 -20.31
C LEU B 99 -6.01 -26.49 -20.95
N PRO B 100 -5.15 -25.72 -20.24
CA PRO B 100 -3.98 -25.14 -20.93
C PRO B 100 -3.08 -26.16 -21.62
N ILE B 101 -2.89 -27.33 -21.02
CA ILE B 101 -2.07 -28.36 -21.68
C ILE B 101 -2.76 -28.84 -22.95
N GLU B 102 -4.08 -28.94 -22.94
CA GLU B 102 -4.80 -29.39 -24.12
C GLU B 102 -4.70 -28.37 -25.26
N THR B 103 -4.92 -27.09 -24.95
CA THR B 103 -4.89 -26.07 -26.00
C THR B 103 -3.50 -25.94 -26.62
N ALA B 104 -2.45 -25.94 -25.78
CA ALA B 104 -1.09 -25.84 -26.30
C ALA B 104 -0.75 -27.05 -27.17
N LEU B 105 -1.18 -28.24 -26.75
CA LEU B 105 -0.90 -29.45 -27.51
C LEU B 105 -1.58 -29.42 -28.88
N THR B 106 -2.80 -28.86 -28.94
CA THR B 106 -3.56 -28.89 -30.19
C THR B 106 -2.86 -28.12 -31.30
N LYS B 107 -2.35 -26.94 -31.00
CA LYS B 107 -1.70 -26.11 -32.02
C LYS B 107 -0.20 -26.37 -32.13
N ASN B 108 0.34 -27.30 -31.33
CA ASN B 108 1.75 -27.63 -31.45
C ASN B 108 2.08 -28.22 -32.81
N LYS B 109 1.22 -29.13 -33.30
CA LYS B 109 1.34 -29.67 -34.65
C LYS B 109 0.00 -29.66 -35.37
N LYS B 110 -0.91 -28.76 -34.98
CA LYS B 110 -2.27 -28.70 -35.52
C LYS B 110 -2.98 -30.05 -35.41
N VAL B 111 -2.66 -30.81 -34.36
CA VAL B 111 -3.34 -32.06 -34.08
C VAL B 111 -4.70 -31.75 -33.46
N ASN B 112 -5.64 -32.68 -33.61
CA ASN B 112 -7.01 -32.47 -33.18
C ASN B 112 -7.43 -33.59 -32.24
N ARG B 113 -8.27 -33.23 -31.27
CA ARG B 113 -8.81 -34.22 -30.34
C ARG B 113 -9.78 -35.18 -31.02
N LYS B 114 -10.38 -34.77 -32.14
CA LYS B 114 -11.33 -35.62 -32.86
C LYS B 114 -10.65 -36.64 -33.76
N GLU B 115 -9.36 -36.46 -34.06
CA GLU B 115 -8.63 -37.42 -34.87
C GLU B 115 -7.90 -38.46 -34.04
N MET B 116 -8.01 -38.39 -32.72
CA MET B 116 -7.35 -39.34 -31.83
C MET B 116 -8.34 -39.77 -30.74
N THR B 117 -8.10 -40.96 -30.20
CA THR B 117 -8.84 -41.40 -29.03
C THR B 117 -8.52 -40.49 -27.84
N VAL B 118 -9.47 -40.39 -26.92
CA VAL B 118 -9.25 -39.57 -25.73
C VAL B 118 -8.04 -40.10 -24.95
N ALA B 119 -7.86 -41.42 -24.91
CA ALA B 119 -6.69 -41.98 -24.25
C ALA B 119 -5.41 -41.56 -24.94
N GLU B 120 -5.39 -41.59 -26.28
CA GLU B 120 -4.21 -41.16 -27.03
C GLU B 120 -3.93 -39.68 -26.82
N PHE B 121 -4.99 -38.86 -26.85
CA PHE B 121 -4.82 -37.42 -26.65
C PHE B 121 -4.29 -37.12 -25.25
N ARG B 122 -4.80 -37.84 -24.24
CA ARG B 122 -4.30 -37.65 -22.88
C ARG B 122 -2.84 -38.05 -22.75
N LYS B 123 -2.44 -39.12 -23.43
CA LYS B 123 -1.05 -39.56 -23.37
C LYS B 123 -0.11 -38.50 -23.91
N LEU B 124 -0.50 -37.84 -25.00
CA LEU B 124 0.30 -36.73 -25.51
C LEU B 124 0.31 -35.56 -24.53
N CYS B 125 -0.81 -35.32 -23.86
CA CYS B 125 -0.85 -34.28 -22.81
C CYS B 125 0.13 -34.62 -21.70
N GLU B 126 0.16 -35.89 -21.27
CA GLU B 126 1.12 -36.30 -20.25
C GLU B 126 2.55 -36.09 -20.72
N GLN B 127 2.84 -36.41 -21.98
CA GLN B 127 4.16 -36.16 -22.54
C GLN B 127 4.49 -34.67 -22.52
N TYR B 128 3.53 -33.84 -22.90
CA TYR B 128 3.76 -32.39 -22.93
C TYR B 128 4.00 -31.85 -21.53
N ALA B 129 3.25 -32.34 -20.54
CA ALA B 129 3.46 -31.88 -19.16
C ALA B 129 4.84 -32.25 -18.65
N TRP B 130 5.30 -33.48 -18.95
CA TRP B 130 6.61 -33.90 -18.48
C TRP B 130 7.72 -33.07 -19.11
N GLU B 131 7.59 -32.75 -20.40
CA GLU B 131 8.57 -31.88 -21.04
C GLU B 131 8.61 -30.51 -20.38
N GLN B 132 7.44 -29.95 -20.08
CA GLN B 132 7.40 -28.66 -19.39
C GLN B 132 7.93 -28.77 -17.97
N VAL B 133 7.63 -29.88 -17.28
CA VAL B 133 8.14 -30.07 -15.93
C VAL B 133 9.66 -30.05 -15.93
N ASN B 134 10.28 -30.79 -16.85
CA ASN B 134 11.74 -30.84 -16.90
C ASN B 134 12.34 -29.48 -17.18
N GLY B 135 11.72 -28.71 -18.07
CA GLY B 135 12.23 -27.37 -18.34
C GLY B 135 12.17 -26.46 -17.13
N GLN B 136 11.05 -26.49 -16.40
CA GLN B 136 10.92 -25.67 -15.20
C GLN B 136 11.81 -26.18 -14.08
N ARG B 137 12.06 -27.49 -14.03
CA ARG B 137 12.94 -28.04 -12.99
C ARG B 137 14.36 -27.48 -13.13
N GLU B 138 14.89 -27.44 -14.35
CA GLU B 138 16.25 -26.95 -14.55
C GLU B 138 16.33 -25.44 -14.36
N GLN B 139 15.25 -24.72 -14.66
CA GLN B 139 15.23 -23.29 -14.38
C GLN B 139 15.18 -23.03 -12.88
N PHE B 140 14.38 -23.81 -12.15
CA PHE B 140 14.32 -23.67 -10.70
C PHE B 140 15.66 -23.99 -10.06
N LYS B 141 16.30 -25.08 -10.49
CA LYS B 141 17.59 -25.43 -9.91
C LYS B 141 18.67 -24.43 -10.29
N ARG B 142 18.51 -23.72 -11.40
CA ARG B 142 19.43 -22.63 -11.72
C ARG B 142 19.30 -21.48 -10.74
N LEU B 143 18.12 -21.31 -10.13
CA LEU B 143 17.97 -20.30 -9.09
C LEU B 143 18.76 -20.63 -7.84
N GLY B 144 19.21 -21.88 -7.70
CA GLY B 144 19.89 -22.30 -6.49
C GLY B 144 18.99 -22.90 -5.44
N VAL B 145 17.75 -23.26 -5.78
CA VAL B 145 16.83 -23.81 -4.82
C VAL B 145 17.16 -25.28 -4.59
N ARG B 146 17.30 -25.67 -3.33
CA ARG B 146 17.63 -27.03 -2.95
C ARG B 146 16.37 -27.81 -2.62
N GLY B 147 16.30 -29.04 -3.12
CA GLY B 147 15.14 -29.88 -2.85
C GLY B 147 15.31 -31.23 -3.48
N ASP B 148 14.27 -32.07 -3.29
CA ASP B 148 14.23 -33.40 -3.87
C ASP B 148 13.74 -33.33 -5.31
N TRP B 149 14.52 -32.63 -6.14
CA TRP B 149 14.15 -32.43 -7.54
C TRP B 149 14.12 -33.73 -8.33
N ASP B 150 14.79 -34.77 -7.84
CA ASP B 150 14.78 -36.07 -8.51
C ASP B 150 13.60 -36.93 -8.11
N ASN B 151 12.87 -36.57 -7.04
CA ASN B 151 11.65 -37.27 -6.64
C ASN B 151 10.55 -36.25 -6.36
N PRO B 152 10.08 -35.54 -7.39
CA PRO B 152 8.99 -34.58 -7.19
C PRO B 152 7.65 -35.29 -7.24
N TYR B 153 6.61 -34.54 -6.91
CA TYR B 153 5.23 -35.00 -7.08
C TYR B 153 4.60 -34.23 -8.23
N VAL B 154 3.93 -34.96 -9.13
CA VAL B 154 3.17 -34.35 -10.22
C VAL B 154 1.78 -34.93 -10.21
N THR B 155 0.79 -34.09 -10.50
CA THR B 155 -0.61 -34.48 -10.36
C THR B 155 -1.04 -35.58 -11.33
N LEU B 156 -0.25 -35.87 -12.36
CA LEU B 156 -0.55 -36.96 -13.28
C LEU B 156 -0.05 -38.31 -12.78
N GLN B 157 0.67 -38.34 -11.66
CA GLN B 157 1.18 -39.60 -11.14
C GLN B 157 0.00 -40.51 -10.76
N PRO B 158 0.08 -41.80 -11.08
CA PRO B 158 -1.01 -42.72 -10.69
C PRO B 158 -1.27 -42.73 -9.19
N GLN B 159 -0.22 -42.67 -8.38
CA GLN B 159 -0.40 -42.61 -6.93
C GLN B 159 -1.12 -41.34 -6.52
N TYR B 160 -0.76 -40.21 -7.12
CA TYR B 160 -1.47 -38.96 -6.87
C TYR B 160 -2.92 -39.07 -7.33
N GLU B 161 -3.13 -39.62 -8.53
CA GLU B 161 -4.49 -39.77 -9.04
C GLU B 161 -5.32 -40.67 -8.14
N ALA B 162 -4.74 -41.77 -7.67
CA ALA B 162 -5.48 -42.70 -6.81
C ALA B 162 -5.87 -42.06 -5.50
N GLN B 163 -4.96 -41.31 -4.87
CA GLN B 163 -5.29 -40.65 -3.62
C GLN B 163 -6.35 -39.58 -3.81
N GLN B 164 -6.30 -38.87 -4.95
CA GLN B 164 -7.33 -37.88 -5.23
C GLN B 164 -8.71 -38.52 -5.33
N ILE B 165 -8.77 -39.75 -5.85
CA ILE B 165 -10.04 -40.47 -5.92
C ILE B 165 -10.59 -40.72 -4.51
N LYS B 166 -9.72 -41.14 -3.58
CA LYS B 166 -10.16 -41.39 -2.22
C LYS B 166 -10.70 -40.13 -1.57
N VAL B 167 -10.04 -38.99 -1.79
CA VAL B 167 -10.52 -37.72 -1.25
C VAL B 167 -11.88 -37.38 -1.81
N PHE B 168 -12.09 -37.62 -3.10
CA PHE B 168 -13.41 -37.42 -3.69
C PHE B 168 -14.44 -38.34 -3.06
N GLY B 169 -14.08 -39.61 -2.82
CA GLY B 169 -15.03 -40.56 -2.27
C GLY B 169 -15.44 -40.25 -0.85
N ASP B 170 -14.48 -39.80 -0.02
CA ASP B 170 -14.81 -39.47 1.36
C ASP B 170 -15.79 -38.31 1.43
N MET B 171 -15.59 -37.29 0.59
CA MET B 171 -16.56 -36.20 0.52
C MET B 171 -17.89 -36.67 -0.05
N ALA B 172 -17.88 -37.73 -0.87
CA ALA B 172 -19.12 -38.24 -1.42
C ALA B 172 -19.94 -38.98 -0.38
N LYS B 173 -19.29 -39.80 0.45
CA LYS B 173 -20.02 -40.54 1.48
C LYS B 173 -20.53 -39.62 2.58
N LYS B 174 -19.96 -38.44 2.73
CA LYS B 174 -20.42 -37.47 3.72
C LYS B 174 -21.48 -36.53 3.17
N GLY B 175 -21.93 -36.73 1.94
CA GLY B 175 -22.95 -35.91 1.34
C GLY B 175 -22.46 -34.60 0.75
N TYR B 176 -21.16 -34.32 0.81
CA TYR B 176 -20.65 -33.05 0.31
C TYR B 176 -20.71 -32.98 -1.21
N ILE B 177 -20.56 -34.11 -1.89
CA ILE B 177 -20.57 -34.18 -3.35
C ILE B 177 -21.96 -34.56 -3.81
N TYR B 178 -22.54 -33.75 -4.70
CA TYR B 178 -23.86 -34.05 -5.23
C TYR B 178 -23.92 -33.59 -6.68
N LYS B 179 -24.88 -34.15 -7.41
CA LYS B 179 -25.13 -33.83 -8.81
C LYS B 179 -26.50 -33.18 -8.93
N GLY B 180 -26.63 -32.22 -9.85
CA GLY B 180 -27.90 -31.56 -10.04
C GLY B 180 -27.88 -30.67 -11.26
N LEU B 181 -29.09 -30.35 -11.73
CA LEU B 181 -29.28 -29.42 -12.83
C LEU B 181 -29.27 -28.00 -12.29
N LYS B 182 -28.48 -27.14 -12.92
CA LYS B 182 -28.32 -25.77 -12.45
C LYS B 182 -27.64 -24.93 -13.53
N PRO B 183 -28.05 -23.67 -13.72
CA PRO B 183 -27.32 -22.77 -14.62
C PRO B 183 -25.92 -22.51 -14.09
N VAL B 184 -24.91 -22.83 -14.89
CA VAL B 184 -23.52 -22.71 -14.48
C VAL B 184 -22.76 -21.89 -15.51
N TYR B 185 -21.64 -21.32 -15.08
CA TYR B 185 -20.75 -20.64 -16.01
C TYR B 185 -20.25 -21.62 -17.05
N TRP B 186 -20.32 -21.22 -18.31
CA TRP B 186 -19.91 -22.06 -19.42
C TRP B 186 -19.02 -21.26 -20.35
N SER B 187 -17.91 -21.85 -20.78
CA SER B 187 -17.03 -21.21 -21.74
C SER B 187 -17.23 -21.88 -23.10
N PRO B 188 -17.93 -21.26 -24.04
CA PRO B 188 -18.08 -21.88 -25.37
C PRO B 188 -16.76 -22.09 -26.07
N SER B 189 -15.77 -21.22 -25.83
CA SER B 189 -14.45 -21.43 -26.41
C SER B 189 -13.82 -22.71 -25.88
N SER B 190 -13.91 -22.94 -24.57
CA SER B 190 -13.40 -24.17 -23.97
C SER B 190 -14.38 -25.33 -24.05
N GLU B 191 -15.65 -25.06 -24.39
CA GLU B 191 -16.69 -26.09 -24.50
C GLU B 191 -16.82 -26.89 -23.21
N SER B 192 -16.69 -26.22 -22.07
CA SER B 192 -16.82 -26.86 -20.78
C SER B 192 -17.25 -25.83 -19.75
N ALA B 193 -17.75 -26.33 -18.62
CA ALA B 193 -18.23 -25.46 -17.55
C ALA B 193 -17.06 -24.87 -16.77
N LEU B 194 -17.36 -23.79 -16.05
CA LEU B 194 -16.37 -23.13 -15.19
C LEU B 194 -16.99 -22.86 -13.82
N ALA B 195 -16.26 -22.16 -12.96
CA ALA B 195 -16.73 -21.83 -11.62
C ALA B 195 -16.51 -20.34 -11.36
N GLU B 196 -17.14 -19.84 -10.30
CA GLU B 196 -16.98 -18.44 -9.93
C GLU B 196 -15.52 -18.10 -9.66
N ALA B 197 -14.79 -19.03 -9.04
CA ALA B 197 -13.36 -18.84 -8.80
C ALA B 197 -12.55 -18.81 -10.09
N GLU B 198 -13.13 -19.24 -11.21
CA GLU B 198 -12.46 -19.22 -12.51
C GLU B 198 -12.96 -18.08 -13.40
N ILE B 199 -13.71 -17.15 -12.86
CA ILE B 199 -14.36 -16.09 -13.65
C ILE B 199 -13.78 -14.75 -13.25
N GLU B 200 -13.30 -13.99 -14.24
CA GLU B 200 -12.86 -12.62 -14.07
C GLU B 200 -13.78 -11.70 -14.83
N TYR B 201 -14.09 -10.55 -14.25
CA TYR B 201 -15.04 -9.61 -14.84
C TYR B 201 -14.31 -8.57 -15.67
N TYR B 202 -14.63 -8.51 -16.96
CA TYR B 202 -14.09 -7.52 -17.87
C TYR B 202 -15.23 -6.77 -18.54
N ASP B 203 -14.93 -5.56 -19.01
CA ASP B 203 -15.92 -4.73 -19.67
C ASP B 203 -16.13 -5.19 -21.11
N LYS B 204 -17.38 -5.15 -21.56
CA LYS B 204 -17.71 -5.51 -22.93
C LYS B 204 -18.93 -4.72 -23.38
N ARG B 205 -19.09 -4.63 -24.70
CA ARG B 205 -20.24 -3.94 -25.27
C ARG B 205 -21.44 -4.89 -25.35
N SER B 206 -22.60 -4.39 -24.96
CA SER B 206 -23.83 -5.16 -25.00
C SER B 206 -24.96 -4.28 -25.51
N ALA B 207 -25.98 -4.92 -26.07
CA ALA B 207 -27.14 -4.23 -26.62
C ALA B 207 -28.23 -4.18 -25.56
N SER B 208 -28.54 -2.98 -25.07
CA SER B 208 -29.58 -2.77 -24.07
C SER B 208 -30.91 -2.57 -24.80
N ILE B 209 -31.80 -3.55 -24.70
CA ILE B 209 -33.06 -3.55 -25.43
C ILE B 209 -34.22 -3.54 -24.44
N TYR B 210 -35.25 -2.77 -24.77
CA TYR B 210 -36.51 -2.76 -24.04
C TYR B 210 -37.55 -3.45 -24.92
N VAL B 211 -38.05 -4.60 -24.46
CA VAL B 211 -38.96 -5.42 -25.26
C VAL B 211 -40.37 -5.27 -24.71
N ALA B 212 -41.36 -5.42 -25.58
CA ALA B 212 -42.76 -5.32 -25.22
C ALA B 212 -43.40 -6.70 -25.28
N PHE B 213 -43.94 -7.15 -24.15
CA PHE B 213 -44.70 -8.40 -24.07
C PHE B 213 -46.18 -8.03 -23.96
N ASN B 214 -46.92 -8.24 -25.04
CA ASN B 214 -48.35 -7.94 -24.99
C ASN B 214 -49.09 -8.97 -24.16
N VAL B 215 -50.07 -8.51 -23.39
CA VAL B 215 -50.80 -9.40 -22.50
C VAL B 215 -51.77 -10.26 -23.30
N LYS B 216 -51.83 -11.54 -22.96
CA LYS B 216 -52.80 -12.46 -23.56
C LYS B 216 -54.00 -12.71 -22.65
N ASP B 217 -53.76 -13.00 -21.37
CA ASP B 217 -54.81 -13.25 -20.39
C ASP B 217 -54.51 -12.38 -19.17
N GLY B 218 -55.20 -11.25 -19.07
CA GLY B 218 -54.96 -10.33 -17.98
C GLY B 218 -55.38 -10.83 -16.62
N LYS B 219 -56.21 -11.88 -16.59
CA LYS B 219 -56.66 -12.51 -15.34
C LYS B 219 -57.35 -11.49 -14.43
N GLY B 220 -58.11 -10.58 -15.03
CA GLY B 220 -58.87 -9.61 -14.27
C GLY B 220 -58.07 -8.48 -13.67
N VAL B 221 -56.78 -8.37 -14.00
CA VAL B 221 -55.95 -7.29 -13.47
C VAL B 221 -55.36 -6.41 -14.56
N LEU B 222 -55.22 -6.91 -15.79
CA LEU B 222 -54.73 -6.12 -16.91
C LEU B 222 -55.61 -6.38 -18.13
N GLU B 223 -55.66 -5.40 -19.02
CA GLU B 223 -56.37 -5.54 -20.28
C GLU B 223 -55.42 -5.98 -21.38
N GLN B 224 -56.00 -6.42 -22.50
CA GLN B 224 -55.18 -6.91 -23.61
C GLN B 224 -54.46 -5.79 -24.35
N ASP B 225 -54.92 -4.54 -24.22
CA ASP B 225 -54.24 -3.45 -24.92
C ASP B 225 -52.90 -3.12 -24.28
N GLU B 226 -52.73 -3.43 -23.00
CA GLU B 226 -51.52 -3.12 -22.27
C GLU B 226 -50.43 -4.15 -22.54
N LYS B 227 -49.19 -3.75 -22.33
CA LYS B 227 -48.04 -4.59 -22.64
C LYS B 227 -47.02 -4.51 -21.51
N PHE B 228 -46.24 -5.58 -21.36
CA PHE B 228 -45.17 -5.65 -20.38
C PHE B 228 -43.87 -5.17 -21.00
N ILE B 229 -43.09 -4.42 -20.22
CA ILE B 229 -41.79 -3.91 -20.66
C ILE B 229 -40.72 -4.63 -19.87
N ILE B 230 -39.94 -5.46 -20.55
CA ILE B 230 -38.77 -6.09 -19.96
C ILE B 230 -37.53 -5.39 -20.50
N TRP B 231 -36.46 -5.42 -19.73
CA TRP B 231 -35.17 -4.88 -20.17
C TRP B 231 -34.11 -5.94 -19.95
N THR B 232 -33.30 -6.17 -20.98
CA THR B 232 -32.22 -7.15 -20.89
C THR B 232 -31.05 -6.67 -21.74
N THR B 233 -29.85 -7.05 -21.32
CA THR B 233 -28.64 -6.80 -22.09
C THR B 233 -28.19 -8.02 -22.88
N THR B 234 -28.95 -9.12 -22.81
CA THR B 234 -28.60 -10.37 -23.49
C THR B 234 -29.79 -10.79 -24.34
N PRO B 235 -29.92 -10.24 -25.55
CA PRO B 235 -31.02 -10.64 -26.43
C PRO B 235 -31.00 -12.12 -26.80
N TRP B 236 -29.84 -12.78 -26.73
CA TRP B 236 -29.76 -14.19 -27.10
C TRP B 236 -30.53 -15.09 -26.14
N THR B 237 -30.88 -14.61 -24.95
CA THR B 237 -31.67 -15.40 -24.02
C THR B 237 -33.16 -15.36 -24.33
N MET B 238 -33.60 -14.45 -25.20
CA MET B 238 -35.03 -14.35 -25.50
C MET B 238 -35.64 -15.64 -26.04
N PRO B 239 -35.00 -16.41 -26.93
CA PRO B 239 -35.61 -17.68 -27.35
C PRO B 239 -35.79 -18.67 -26.21
N ALA B 240 -35.11 -18.49 -25.08
CA ALA B 240 -35.25 -19.36 -23.92
C ALA B 240 -36.29 -18.86 -22.92
N ASN B 241 -36.98 -17.76 -23.22
CA ASN B 241 -37.86 -17.15 -22.24
C ASN B 241 -39.02 -18.08 -21.87
N GLN B 242 -39.34 -18.12 -20.58
CA GLN B 242 -40.48 -18.87 -20.09
C GLN B 242 -41.45 -18.05 -19.25
N GLY B 243 -41.12 -16.80 -18.92
CA GLY B 243 -42.05 -15.98 -18.16
C GLY B 243 -41.45 -14.64 -17.83
N ILE B 244 -42.25 -13.82 -17.15
CA ILE B 244 -41.86 -12.48 -16.73
C ILE B 244 -41.91 -12.44 -15.21
N ALA B 245 -40.80 -12.08 -14.58
CA ALA B 245 -40.71 -12.04 -13.13
C ALA B 245 -41.09 -10.67 -12.62
N VAL B 246 -41.94 -10.64 -11.59
CA VAL B 246 -42.32 -9.40 -10.93
C VAL B 246 -42.13 -9.59 -9.42
N ASN B 247 -41.76 -8.51 -8.75
CA ASN B 247 -41.60 -8.54 -7.31
C ASN B 247 -42.96 -8.48 -6.63
N PRO B 248 -43.32 -9.44 -5.77
CA PRO B 248 -44.66 -9.40 -5.16
C PRO B 248 -44.94 -8.14 -4.36
N GLU B 249 -43.92 -7.60 -3.67
CA GLU B 249 -44.17 -6.47 -2.80
C GLU B 249 -44.14 -5.13 -3.53
N LEU B 250 -43.38 -5.04 -4.61
CA LEU B 250 -43.26 -3.79 -5.33
C LEU B 250 -44.57 -3.42 -6.02
N GLN B 251 -44.81 -2.12 -6.14
CA GLN B 251 -46.03 -1.61 -6.78
C GLN B 251 -45.75 -1.31 -8.24
N TYR B 252 -46.57 -1.88 -9.11
CA TYR B 252 -46.46 -1.67 -10.56
C TYR B 252 -47.56 -0.74 -11.03
N SER B 253 -47.32 -0.12 -12.19
CA SER B 253 -48.26 0.85 -12.74
C SER B 253 -48.46 0.59 -14.22
N VAL B 254 -49.63 1.01 -14.72
CA VAL B 254 -49.93 1.01 -16.14
C VAL B 254 -49.73 2.43 -16.65
N VAL B 255 -48.91 2.59 -17.69
CA VAL B 255 -48.48 3.89 -18.17
C VAL B 255 -48.97 4.08 -19.59
N GLU B 256 -49.47 5.29 -19.88
CA GLU B 256 -49.91 5.67 -21.22
C GLU B 256 -48.80 6.50 -21.86
N ALA B 257 -48.02 5.87 -22.74
CA ALA B 257 -46.89 6.52 -23.37
C ALA B 257 -46.98 6.32 -24.88
N ASP B 258 -46.97 7.43 -25.63
CA ASP B 258 -46.90 7.41 -27.09
C ASP B 258 -48.03 6.56 -27.69
N GLY B 259 -49.22 6.69 -27.11
CA GLY B 259 -50.38 5.98 -27.63
C GLY B 259 -50.39 4.49 -27.36
N ALA B 260 -49.67 4.03 -26.34
CA ALA B 260 -49.66 2.62 -25.97
C ALA B 260 -49.65 2.51 -24.45
N LYS B 261 -50.20 1.40 -23.96
CA LYS B 261 -50.32 1.16 -22.53
C LYS B 261 -49.22 0.20 -22.09
N TYR B 262 -48.41 0.62 -21.13
CA TYR B 262 -47.23 -0.11 -20.72
C TYR B 262 -47.26 -0.39 -19.22
N VAL B 263 -46.83 -1.59 -18.83
CA VAL B 263 -46.77 -2.01 -17.44
C VAL B 263 -45.32 -1.92 -16.97
N VAL B 264 -45.07 -1.05 -16.00
CA VAL B 264 -43.72 -0.78 -15.51
C VAL B 264 -43.82 -0.50 -14.01
N ALA B 265 -42.80 -0.95 -13.27
CA ALA B 265 -42.73 -0.65 -11.85
C ALA B 265 -42.75 0.86 -11.63
N THR B 266 -43.54 1.29 -10.64
CA THR B 266 -43.81 2.71 -10.46
C THR B 266 -42.53 3.49 -10.16
N GLU B 267 -41.65 2.94 -9.33
CA GLU B 267 -40.43 3.64 -8.97
C GLU B 267 -39.47 3.79 -10.13
N LEU B 268 -39.65 3.01 -11.20
CA LEU B 268 -38.81 3.09 -12.38
C LEU B 268 -39.53 3.67 -13.60
N ILE B 269 -40.68 4.32 -13.39
CA ILE B 269 -41.44 4.87 -14.51
C ILE B 269 -40.65 5.98 -15.19
N GLU B 270 -40.13 6.93 -14.40
CA GLU B 270 -39.39 8.04 -14.99
C GLU B 270 -38.03 7.60 -15.52
N THR B 271 -37.40 6.62 -14.86
CA THR B 271 -36.14 6.09 -15.36
C THR B 271 -36.32 5.47 -16.74
N VAL B 272 -37.35 4.63 -16.89
CA VAL B 272 -37.66 4.05 -18.19
C VAL B 272 -38.12 5.12 -19.16
N ALA B 273 -38.81 6.16 -18.67
CA ALA B 273 -39.25 7.24 -19.53
C ALA B 273 -38.08 7.93 -20.21
N LYS B 274 -36.97 8.11 -19.47
CA LYS B 274 -35.78 8.71 -20.06
C LYS B 274 -35.14 7.78 -21.09
N GLU B 275 -35.07 6.48 -20.80
CA GLU B 275 -34.37 5.55 -21.68
C GLU B 275 -35.10 5.37 -23.00
N ILE B 276 -36.41 5.13 -22.96
CA ILE B 276 -37.19 4.93 -24.19
C ILE B 276 -37.54 6.25 -24.87
N GLU B 277 -37.20 7.38 -24.26
CA GLU B 277 -37.45 8.70 -24.83
C GLU B 277 -38.95 8.91 -25.09
N TRP B 278 -39.75 8.65 -24.06
CA TRP B 278 -41.19 8.86 -24.15
C TRP B 278 -41.53 10.33 -24.16
N ALA B 279 -42.65 10.66 -24.79
CA ALA B 279 -43.20 12.01 -24.79
C ALA B 279 -44.61 11.94 -24.21
N ASP B 280 -44.84 12.70 -23.13
CA ASP B 280 -46.15 12.80 -22.49
C ASP B 280 -46.65 11.43 -22.03
N TYR B 281 -45.92 10.85 -21.07
CA TYR B 281 -46.29 9.57 -20.48
C TYR B 281 -47.18 9.82 -19.26
N LYS B 282 -48.30 9.11 -19.21
CA LYS B 282 -49.29 9.27 -18.14
C LYS B 282 -49.47 7.96 -17.41
N THR B 283 -49.61 8.03 -16.09
CA THR B 283 -49.90 6.86 -15.27
C THR B 283 -51.41 6.67 -15.20
N LEU B 284 -51.87 5.49 -15.61
CA LEU B 284 -53.30 5.17 -15.63
C LEU B 284 -53.75 4.44 -14.36
N ARG B 285 -53.20 3.26 -14.09
CA ARG B 285 -53.60 2.44 -12.94
C ARG B 285 -52.36 1.92 -12.22
N THR B 286 -52.47 1.78 -10.90
CA THR B 286 -51.40 1.28 -10.06
C THR B 286 -51.83 -0.03 -9.41
N VAL B 287 -50.96 -1.04 -9.48
CA VAL B 287 -51.28 -2.39 -9.02
C VAL B 287 -50.13 -2.90 -8.15
N LYS B 288 -50.43 -3.91 -7.36
CA LYS B 288 -49.43 -4.62 -6.56
C LYS B 288 -48.91 -5.83 -7.34
N GLY B 289 -47.65 -6.17 -7.09
CA GLY B 289 -47.01 -7.23 -7.85
C GLY B 289 -47.69 -8.58 -7.71
N SER B 290 -48.16 -8.89 -6.50
CA SER B 290 -48.80 -10.19 -6.27
C SER B 290 -50.04 -10.36 -7.11
N GLU B 291 -50.69 -9.27 -7.51
CA GLU B 291 -51.88 -9.36 -8.36
C GLU B 291 -51.55 -9.94 -9.73
N LEU B 292 -50.35 -9.66 -10.24
CA LEU B 292 -49.98 -10.03 -11.60
C LEU B 292 -49.64 -11.50 -11.75
N GLU B 293 -49.60 -12.27 -10.66
CA GLU B 293 -49.17 -13.66 -10.73
C GLU B 293 -50.08 -14.45 -11.67
N ARG B 294 -49.46 -15.31 -12.49
CA ARG B 294 -50.13 -16.21 -13.41
C ARG B 294 -50.89 -15.48 -14.51
N VAL B 295 -50.66 -14.19 -14.68
CA VAL B 295 -51.14 -13.48 -15.88
C VAL B 295 -50.36 -14.00 -17.08
N VAL B 296 -51.07 -14.31 -18.15
CA VAL B 296 -50.46 -14.92 -19.33
C VAL B 296 -50.09 -13.84 -20.33
N ALA B 297 -48.82 -13.80 -20.72
CA ALA B 297 -48.32 -12.90 -21.74
C ALA B 297 -47.88 -13.71 -22.95
N GLU B 298 -47.45 -13.01 -24.00
CA GLU B 298 -47.06 -13.63 -25.26
C GLU B 298 -45.59 -13.33 -25.55
N HIS B 299 -44.85 -14.37 -25.92
CA HIS B 299 -43.47 -14.19 -26.35
C HIS B 299 -43.44 -13.39 -27.65
N PRO B 300 -42.65 -12.32 -27.73
CA PRO B 300 -42.71 -11.46 -28.94
C PRO B 300 -42.39 -12.18 -30.23
N ILE B 301 -41.45 -13.12 -30.21
CA ILE B 301 -40.97 -13.77 -31.43
C ILE B 301 -41.80 -15.01 -31.73
N TYR B 302 -41.77 -15.98 -30.81
CA TYR B 302 -42.42 -17.27 -31.03
C TYR B 302 -43.90 -17.25 -30.72
N LYS B 303 -44.40 -16.18 -30.08
CA LYS B 303 -45.82 -16.03 -29.76
C LYS B 303 -46.35 -17.17 -28.90
N ARG B 304 -45.48 -17.74 -28.08
CA ARG B 304 -45.89 -18.73 -27.09
C ARG B 304 -46.33 -18.00 -25.81
N ASP B 305 -46.57 -18.74 -24.75
CA ASP B 305 -47.05 -18.17 -23.49
C ASP B 305 -45.89 -18.00 -22.52
N SER B 306 -45.78 -16.82 -21.93
CA SER B 306 -44.85 -16.54 -20.86
C SER B 306 -45.65 -16.27 -19.58
N LEU B 307 -45.33 -17.01 -18.52
CA LEU B 307 -46.10 -16.96 -17.28
C LEU B 307 -45.49 -15.91 -16.36
N VAL B 308 -46.29 -14.91 -15.98
CA VAL B 308 -45.84 -13.91 -15.01
C VAL B 308 -45.64 -14.61 -13.67
N VAL B 309 -44.43 -14.49 -13.13
CA VAL B 309 -44.05 -15.19 -11.90
C VAL B 309 -43.58 -14.17 -10.88
N LEU B 310 -43.61 -14.59 -9.61
CA LEU B 310 -43.24 -13.75 -8.49
C LEU B 310 -41.85 -14.14 -8.01
N GLY B 311 -40.96 -13.14 -7.95
CA GLY B 311 -39.59 -13.37 -7.55
C GLY B 311 -39.03 -12.20 -6.77
N ASP B 312 -38.18 -12.52 -5.80
CA ASP B 312 -37.52 -11.49 -5.02
C ASP B 312 -36.37 -10.84 -5.76
N HIS B 313 -35.79 -11.54 -6.74
CA HIS B 313 -34.63 -11.01 -7.45
C HIS B 313 -34.98 -9.74 -8.22
N VAL B 314 -36.27 -9.46 -8.43
CA VAL B 314 -36.67 -8.22 -9.05
C VAL B 314 -36.28 -7.06 -8.16
N THR B 315 -35.57 -6.09 -8.72
CA THR B 315 -35.11 -4.91 -8.00
C THR B 315 -35.54 -3.67 -8.75
N THR B 316 -35.77 -2.59 -8.00
CA THR B 316 -36.05 -1.28 -8.56
C THR B 316 -34.78 -0.46 -8.77
N ASP B 317 -33.61 -1.06 -8.53
CA ASP B 317 -32.35 -0.34 -8.67
C ASP B 317 -31.99 -0.11 -10.14
N ALA B 318 -32.36 -1.03 -11.02
CA ALA B 318 -32.02 -0.91 -12.44
C ALA B 318 -32.98 -1.76 -13.25
N GLY B 319 -33.62 -1.16 -14.25
CA GLY B 319 -34.48 -1.89 -15.15
C GLY B 319 -35.88 -1.30 -15.27
N THR B 320 -36.85 -2.17 -15.56
CA THR B 320 -38.25 -1.77 -15.71
C THR B 320 -39.14 -2.35 -14.63
N GLY B 321 -38.62 -3.19 -13.75
CA GLY B 321 -39.41 -3.90 -12.77
C GLY B 321 -39.89 -5.25 -13.24
N CYS B 322 -40.13 -5.42 -14.53
CA CYS B 322 -40.51 -6.70 -15.11
C CYS B 322 -39.28 -7.33 -15.75
N VAL B 323 -38.84 -8.45 -15.19
CA VAL B 323 -37.56 -9.06 -15.55
C VAL B 323 -37.83 -10.28 -16.42
N HIS B 324 -37.24 -10.28 -17.61
CA HIS B 324 -37.29 -11.45 -18.49
C HIS B 324 -36.68 -12.65 -17.78
N THR B 325 -37.39 -13.78 -17.82
CA THR B 325 -37.03 -14.96 -17.05
C THR B 325 -36.87 -16.15 -17.98
N ALA B 326 -35.67 -16.71 -18.03
CA ALA B 326 -35.38 -17.92 -18.78
C ALA B 326 -34.61 -18.86 -17.88
N PRO B 327 -35.20 -19.98 -17.45
CA PRO B 327 -34.49 -20.88 -16.52
C PRO B 327 -33.20 -21.43 -17.06
N GLY B 328 -33.07 -21.57 -18.38
CA GLY B 328 -31.86 -22.13 -18.96
C GLY B 328 -30.62 -21.30 -18.66
N HIS B 329 -30.76 -19.98 -18.68
CA HIS B 329 -29.64 -19.07 -18.44
C HIS B 329 -30.01 -18.13 -17.31
N GLY B 330 -29.20 -18.10 -16.26
CA GLY B 330 -29.50 -17.30 -15.10
C GLY B 330 -30.01 -18.13 -13.95
N GLU B 331 -29.34 -18.03 -12.79
CA GLU B 331 -29.73 -18.85 -11.64
C GLU B 331 -31.01 -18.33 -10.98
N ASP B 332 -31.18 -17.02 -10.88
CA ASP B 332 -32.41 -16.48 -10.30
C ASP B 332 -33.61 -16.76 -11.20
N ASP B 333 -33.41 -16.82 -12.51
CA ASP B 333 -34.47 -17.30 -13.38
C ASP B 333 -34.78 -18.76 -13.13
N PHE B 334 -33.77 -19.54 -12.72
CA PHE B 334 -33.96 -20.96 -12.49
C PHE B 334 -34.74 -21.24 -11.20
N ILE B 335 -34.41 -20.52 -10.13
CA ILE B 335 -35.05 -20.79 -8.84
C ILE B 335 -36.55 -20.48 -8.91
N VAL B 336 -36.91 -19.35 -9.52
CA VAL B 336 -38.32 -19.01 -9.68
C VAL B 336 -38.97 -19.92 -10.71
N GLY B 337 -38.20 -20.38 -11.70
CA GLY B 337 -38.75 -21.31 -12.67
C GLY B 337 -39.14 -22.64 -12.06
N GLN B 338 -38.29 -23.17 -11.16
CA GLN B 338 -38.63 -24.42 -10.48
C GLN B 338 -39.77 -24.22 -9.50
N LYS B 339 -39.92 -23.02 -8.94
CA LYS B 339 -41.02 -22.74 -8.04
C LYS B 339 -42.37 -22.87 -8.75
N TYR B 340 -42.44 -22.42 -10.00
CA TYR B 340 -43.66 -22.47 -10.80
C TYR B 340 -43.66 -23.62 -11.80
N GLY B 341 -42.63 -24.47 -11.79
CA GLY B 341 -42.58 -25.58 -12.72
C GLY B 341 -42.26 -25.20 -14.15
N LEU B 342 -41.64 -24.05 -14.37
CA LEU B 342 -41.31 -23.60 -15.71
C LEU B 342 -40.25 -24.52 -16.34
N GLU B 343 -40.34 -24.68 -17.65
CA GLU B 343 -39.42 -25.55 -18.36
C GLU B 343 -38.03 -24.93 -18.42
N VAL B 344 -37.01 -25.78 -18.22
CA VAL B 344 -35.62 -25.34 -18.29
C VAL B 344 -35.20 -25.46 -19.75
N LEU B 345 -35.45 -24.41 -20.52
CA LEU B 345 -35.10 -24.35 -21.93
C LEU B 345 -33.75 -23.66 -22.07
N CYS B 346 -32.76 -24.38 -22.60
CA CYS B 346 -31.41 -23.88 -22.79
C CYS B 346 -31.00 -24.15 -24.23
N PRO B 347 -31.46 -23.32 -25.18
CA PRO B 347 -31.22 -23.58 -26.60
C PRO B 347 -29.88 -23.05 -27.11
N VAL B 348 -28.81 -23.35 -26.37
CA VAL B 348 -27.46 -22.94 -26.75
C VAL B 348 -26.57 -24.16 -26.76
N ASP B 349 -25.81 -24.33 -27.84
CA ASP B 349 -24.89 -25.46 -27.97
C ASP B 349 -23.76 -25.32 -26.96
N SER B 350 -23.03 -26.43 -26.77
CA SER B 350 -21.84 -26.39 -25.94
C SER B 350 -20.78 -25.46 -26.50
N LYS B 351 -20.84 -25.19 -27.81
CA LYS B 351 -19.92 -24.27 -28.48
C LYS B 351 -20.49 -22.86 -28.59
N GLY B 352 -21.67 -22.61 -28.01
CA GLY B 352 -22.29 -21.31 -28.04
C GLY B 352 -23.27 -21.08 -29.17
N HIS B 353 -23.57 -22.11 -29.96
CA HIS B 353 -24.50 -21.98 -31.08
C HIS B 353 -25.93 -22.26 -30.61
N MET B 354 -26.88 -21.63 -31.29
CA MET B 354 -28.29 -21.87 -31.02
C MET B 354 -28.69 -23.23 -31.59
N THR B 355 -29.38 -24.03 -30.77
CA THR B 355 -29.79 -25.37 -31.20
C THR B 355 -31.18 -25.31 -31.83
N ASN B 356 -31.80 -26.47 -32.04
CA ASN B 356 -33.10 -26.56 -32.69
C ASN B 356 -34.23 -25.97 -31.85
N GLU B 357 -33.98 -25.65 -30.58
CA GLU B 357 -35.00 -25.05 -29.72
C GLU B 357 -35.13 -23.54 -29.90
N ALA B 358 -34.41 -22.97 -30.86
CA ALA B 358 -34.49 -21.54 -31.17
C ALA B 358 -34.76 -21.37 -32.65
N PRO B 359 -36.01 -21.58 -33.08
CA PRO B 359 -36.33 -21.50 -34.51
C PRO B 359 -36.05 -20.12 -35.09
N GLY B 360 -35.55 -20.10 -36.32
CA GLY B 360 -35.20 -18.87 -36.99
C GLY B 360 -33.81 -18.34 -36.68
N PHE B 361 -33.15 -18.88 -35.65
CA PHE B 361 -31.80 -18.49 -35.29
C PHE B 361 -30.91 -19.69 -35.06
N GLU B 362 -31.36 -20.88 -35.50
CA GLU B 362 -30.62 -22.11 -35.22
C GLU B 362 -29.28 -22.12 -35.95
N GLY B 363 -28.27 -22.63 -35.27
CA GLY B 363 -26.95 -22.73 -35.85
C GLY B 363 -26.13 -21.46 -35.85
N LEU B 364 -26.51 -20.48 -35.03
CA LEU B 364 -25.82 -19.19 -34.98
C LEU B 364 -25.17 -19.01 -33.61
N PHE B 365 -23.99 -18.42 -33.61
CA PHE B 365 -23.34 -18.04 -32.35
C PHE B 365 -24.18 -16.97 -31.66
N TYR B 366 -24.23 -17.05 -30.32
CA TYR B 366 -25.17 -16.20 -29.57
C TYR B 366 -24.86 -14.72 -29.75
N ASP B 367 -23.58 -14.34 -29.72
CA ASP B 367 -23.23 -12.94 -29.94
C ASP B 367 -23.60 -12.50 -31.34
N LYS B 368 -23.49 -13.39 -32.32
CA LYS B 368 -23.94 -13.09 -33.67
C LYS B 368 -25.45 -13.24 -33.83
N ALA B 369 -26.13 -13.84 -32.85
CA ALA B 369 -27.58 -14.01 -32.91
C ALA B 369 -28.33 -12.84 -32.27
N ASN B 370 -27.64 -11.93 -31.60
CA ASN B 370 -28.32 -10.79 -30.99
C ASN B 370 -28.98 -9.90 -32.04
N LYS B 371 -28.27 -9.61 -33.13
CA LYS B 371 -28.83 -8.75 -34.17
C LYS B 371 -30.04 -9.37 -34.86
N PRO B 372 -30.03 -10.64 -35.28
CA PRO B 372 -31.27 -11.21 -35.84
C PRO B 372 -32.43 -11.19 -34.85
N ILE B 373 -32.14 -11.41 -33.57
CA ILE B 373 -33.19 -11.38 -32.55
C ILE B 373 -33.76 -9.98 -32.41
N THR B 374 -32.88 -8.98 -32.29
CA THR B 374 -33.35 -7.60 -32.16
C THR B 374 -34.09 -7.15 -33.41
N ASP B 375 -33.63 -7.58 -34.58
CA ASP B 375 -34.35 -7.29 -35.81
C ASP B 375 -35.73 -7.93 -35.81
N LYS B 376 -35.82 -9.19 -35.39
CA LYS B 376 -37.11 -9.86 -35.33
C LYS B 376 -38.05 -9.17 -34.36
N LEU B 377 -37.52 -8.68 -33.24
CA LEU B 377 -38.34 -7.93 -32.29
C LEU B 377 -38.88 -6.66 -32.93
N GLU B 378 -38.05 -5.98 -33.73
CA GLU B 378 -38.51 -4.78 -34.42
C GLU B 378 -39.57 -5.12 -35.47
N GLU B 379 -39.43 -6.26 -36.15
CA GLU B 379 -40.38 -6.64 -37.19
C GLU B 379 -41.79 -6.77 -36.64
N GLU B 380 -41.95 -7.39 -35.47
CA GLU B 380 -43.24 -7.51 -34.82
C GLU B 380 -43.62 -6.26 -34.02
N GLY B 381 -42.73 -5.28 -33.93
CA GLY B 381 -43.00 -4.08 -33.18
C GLY B 381 -42.75 -4.18 -31.69
N ALA B 382 -42.12 -5.26 -31.23
CA ALA B 382 -41.86 -5.44 -29.80
C ALA B 382 -40.62 -4.69 -29.34
N LEU B 383 -39.78 -4.22 -30.24
CA LEU B 383 -38.58 -3.48 -29.84
C LEU B 383 -38.93 -2.01 -29.59
N LEU B 384 -38.56 -1.52 -28.42
CA LEU B 384 -38.87 -0.16 -27.99
C LEU B 384 -37.67 0.76 -28.01
N LYS B 385 -36.49 0.26 -27.66
CA LYS B 385 -35.29 1.09 -27.60
C LYS B 385 -34.07 0.18 -27.68
N LEU B 386 -33.11 0.54 -28.52
CA LEU B 386 -31.86 -0.20 -28.66
C LEU B 386 -30.71 0.78 -28.45
N SER B 387 -29.96 0.58 -27.38
CA SER B 387 -28.77 1.38 -27.08
C SER B 387 -27.65 0.45 -26.66
N PHE B 388 -26.47 0.65 -27.24
CA PHE B 388 -25.30 -0.17 -26.92
C PHE B 388 -24.56 0.46 -25.75
N ILE B 389 -24.39 -0.32 -24.67
CA ILE B 389 -23.77 0.16 -23.44
C ILE B 389 -22.69 -0.83 -23.04
N THR B 390 -21.58 -0.30 -22.51
CA THR B 390 -20.48 -1.13 -22.04
C THR B 390 -20.65 -1.41 -20.55
N HIS B 391 -20.52 -2.68 -20.16
CA HIS B 391 -20.72 -3.08 -18.78
C HIS B 391 -19.83 -4.27 -18.45
N SER B 392 -19.68 -4.55 -17.16
CA SER B 392 -18.89 -5.68 -16.71
C SER B 392 -19.59 -7.00 -17.04
N TYR B 393 -18.81 -7.97 -17.48
CA TYR B 393 -19.35 -9.27 -17.88
C TYR B 393 -18.38 -10.37 -17.45
N PRO B 394 -18.89 -11.53 -17.06
CA PRO B 394 -18.00 -12.66 -16.73
C PRO B 394 -17.20 -13.10 -17.94
N HIS B 395 -15.93 -13.43 -17.70
CA HIS B 395 -15.02 -13.86 -18.75
C HIS B 395 -14.20 -15.04 -18.27
N ASP B 396 -13.69 -15.81 -19.23
CA ASP B 396 -12.89 -16.98 -18.91
C ASP B 396 -11.56 -16.57 -18.28
N TRP B 397 -11.03 -17.45 -17.42
CA TRP B 397 -9.82 -17.14 -16.68
C TRP B 397 -8.61 -16.99 -17.60
N ARG B 398 -8.47 -17.86 -18.59
CA ARG B 398 -7.31 -17.87 -19.47
C ARG B 398 -7.61 -17.42 -20.90
N THR B 399 -8.71 -17.88 -21.48
CA THR B 399 -9.02 -17.49 -22.85
C THR B 399 -9.50 -16.05 -22.95
N LYS B 400 -9.93 -15.45 -21.83
CA LYS B 400 -10.38 -14.07 -21.77
C LYS B 400 -11.56 -13.81 -22.71
N LYS B 401 -12.37 -14.86 -22.97
CA LYS B 401 -13.58 -14.81 -23.77
C LYS B 401 -14.80 -14.80 -22.85
N PRO B 402 -15.91 -14.18 -23.29
CA PRO B 402 -17.09 -14.10 -22.43
C PRO B 402 -17.66 -15.48 -22.13
N THR B 403 -18.25 -15.61 -20.94
CA THR B 403 -18.85 -16.85 -20.48
C THR B 403 -20.34 -16.66 -20.26
N ILE B 404 -21.13 -17.62 -20.71
CA ILE B 404 -22.57 -17.58 -20.59
C ILE B 404 -23.02 -18.63 -19.57
N PHE B 405 -24.29 -18.55 -19.19
CA PHE B 405 -24.90 -19.51 -18.27
C PHE B 405 -25.70 -20.53 -19.06
N ARG B 406 -25.44 -21.80 -18.82
CA ARG B 406 -26.19 -22.90 -19.41
C ARG B 406 -26.69 -23.82 -18.31
N ALA B 407 -27.92 -24.28 -18.44
CA ALA B 407 -28.52 -25.17 -17.45
C ALA B 407 -28.11 -26.60 -17.78
N THR B 408 -27.04 -27.07 -17.14
CA THR B 408 -26.50 -28.40 -17.39
C THR B 408 -26.30 -29.12 -16.06
N ALA B 409 -26.46 -30.44 -16.10
CA ALA B 409 -26.26 -31.28 -14.93
C ALA B 409 -24.76 -31.44 -14.69
N GLN B 410 -24.27 -30.86 -13.61
CA GLN B 410 -22.86 -30.91 -13.25
C GLN B 410 -22.71 -31.56 -11.88
N TRP B 411 -21.49 -31.55 -11.36
CA TRP B 411 -21.19 -32.05 -10.02
C TRP B 411 -20.73 -30.89 -9.15
N PHE B 412 -21.16 -30.90 -7.89
CA PHE B 412 -20.96 -29.78 -6.99
C PHE B 412 -20.45 -30.28 -5.64
N ALA B 413 -19.89 -29.36 -4.87
CA ALA B 413 -19.43 -29.64 -3.52
C ALA B 413 -20.09 -28.65 -2.56
N SER B 414 -20.77 -29.19 -1.55
CA SER B 414 -21.55 -28.37 -0.63
C SER B 414 -20.67 -27.98 0.55
N ILE B 415 -20.23 -26.72 0.57
CA ILE B 415 -19.45 -26.21 1.69
C ILE B 415 -20.32 -25.96 2.90
N LYS B 416 -21.63 -25.76 2.70
CA LYS B 416 -22.52 -25.33 3.78
C LYS B 416 -22.57 -26.36 4.91
N ASP B 417 -22.54 -27.65 4.57
CA ASP B 417 -22.79 -28.68 5.57
C ASP B 417 -21.72 -28.69 6.66
N PHE B 418 -20.46 -28.45 6.29
CA PHE B 418 -19.36 -28.44 7.25
C PHE B 418 -18.72 -27.06 7.34
N ARG B 419 -19.49 -26.01 7.02
CA ARG B 419 -18.93 -24.65 6.98
C ARG B 419 -18.45 -24.21 8.36
N GLU B 420 -19.08 -24.69 9.43
CA GLU B 420 -18.63 -24.32 10.78
C GLU B 420 -17.23 -24.85 11.05
N ASP B 421 -16.94 -26.09 10.65
CA ASP B 421 -15.62 -26.65 10.85
C ASP B 421 -14.56 -25.92 10.04
N LEU B 422 -14.93 -25.39 8.87
CA LEU B 422 -14.00 -24.55 8.13
C LEU B 422 -13.60 -23.32 8.93
N LEU B 423 -14.57 -22.69 9.60
CA LEU B 423 -14.30 -21.47 10.35
C LEU B 423 -13.31 -21.72 11.48
N LYS B 424 -13.46 -22.84 12.20
CA LYS B 424 -12.52 -23.16 13.27
C LYS B 424 -11.13 -23.42 12.72
N ALA B 425 -11.04 -23.90 11.48
CA ALA B 425 -9.74 -24.12 10.85
C ALA B 425 -9.10 -22.82 10.41
N VAL B 426 -9.91 -21.83 10.02
CA VAL B 426 -9.37 -20.54 9.59
C VAL B 426 -8.62 -19.88 10.73
N GLU B 427 -9.20 -19.90 11.94
CA GLU B 427 -8.58 -19.23 13.07
C GLU B 427 -7.43 -20.01 13.70
N LYS B 428 -7.42 -21.34 13.56
CA LYS B 428 -6.39 -22.16 14.20
C LYS B 428 -5.06 -22.11 13.47
N THR B 429 -5.02 -21.55 12.27
CA THR B 429 -3.80 -21.47 11.48
C THR B 429 -3.25 -20.07 11.53
N LYS B 430 -1.95 -19.96 11.80
CA LYS B 430 -1.29 -18.66 11.81
C LYS B 430 -1.28 -18.06 10.40
N TRP B 431 -1.52 -16.76 10.30
CA TRP B 431 -1.59 -16.08 9.02
C TRP B 431 -0.58 -14.94 8.98
N VAL B 432 0.39 -15.06 8.09
CA VAL B 432 1.33 -13.97 7.80
C VAL B 432 1.21 -13.66 6.31
N PRO B 433 0.69 -12.50 5.91
CA PRO B 433 0.24 -11.37 6.74
C PRO B 433 -1.04 -11.69 7.51
N THR B 434 -1.36 -10.88 8.53
CA THR B 434 -2.47 -11.19 9.40
C THR B 434 -3.83 -11.06 8.70
N TRP B 435 -3.94 -10.13 7.74
CA TRP B 435 -5.23 -9.91 7.08
C TRP B 435 -5.68 -11.10 6.25
N GLY B 436 -4.81 -12.08 5.99
CA GLY B 436 -5.23 -13.26 5.27
C GLY B 436 -6.31 -14.05 5.99
N GLU B 437 -6.30 -14.01 7.32
CA GLU B 437 -7.33 -14.70 8.09
C GLU B 437 -8.71 -14.18 7.76
N THR B 438 -8.86 -12.85 7.69
CA THR B 438 -10.14 -12.26 7.32
C THR B 438 -10.50 -12.59 5.87
N ARG B 439 -9.49 -12.64 4.99
CA ARG B 439 -9.75 -12.92 3.58
C ARG B 439 -10.37 -14.29 3.39
N LEU B 440 -9.81 -15.31 4.02
CA LEU B 440 -10.35 -16.66 3.88
C LEU B 440 -11.61 -16.86 4.71
N TYR B 441 -11.71 -16.21 5.87
CA TYR B 441 -12.92 -16.32 6.68
C TYR B 441 -14.14 -15.80 5.93
N ASN B 442 -14.00 -14.65 5.27
CA ASN B 442 -15.10 -14.12 4.47
C ASN B 442 -15.34 -14.98 3.23
N MET B 443 -14.29 -15.61 2.70
CA MET B 443 -14.47 -16.51 1.57
C MET B 443 -15.32 -17.72 1.95
N VAL B 444 -15.09 -18.26 3.15
CA VAL B 444 -15.82 -19.47 3.58
C VAL B 444 -17.29 -19.16 3.80
N ARG B 445 -17.59 -18.09 4.55
CA ARG B 445 -18.97 -17.82 4.92
C ARG B 445 -19.81 -17.40 3.71
N ASP B 446 -19.23 -16.63 2.81
CA ASP B 446 -19.93 -16.18 1.60
C ASP B 446 -19.84 -17.16 0.45
N ARG B 447 -19.18 -18.30 0.66
CA ARG B 447 -19.02 -19.28 -0.40
C ARG B 447 -20.36 -19.90 -0.79
N GLY B 448 -20.55 -20.11 -2.09
CA GLY B 448 -21.68 -20.87 -2.57
C GLY B 448 -21.34 -22.36 -2.59
N ASP B 449 -21.73 -23.04 -3.66
CA ASP B 449 -21.39 -24.45 -3.84
C ASP B 449 -20.42 -24.61 -5.00
N TRP B 450 -19.39 -25.43 -4.78
CA TRP B 450 -18.25 -25.53 -5.70
C TRP B 450 -18.59 -26.50 -6.82
N CYS B 451 -18.78 -25.98 -8.03
CA CYS B 451 -18.94 -26.83 -9.20
C CYS B 451 -17.61 -27.46 -9.55
N ILE B 452 -17.60 -28.78 -9.75
CA ILE B 452 -16.36 -29.52 -9.86
C ILE B 452 -16.32 -30.37 -11.13
N SER B 453 -17.29 -30.19 -12.02
CA SER B 453 -17.42 -31.02 -13.21
C SER B 453 -16.92 -30.26 -14.43
N ARG B 454 -16.01 -30.88 -15.18
CA ARG B 454 -15.46 -30.32 -16.41
C ARG B 454 -15.61 -31.33 -17.54
N GLN B 455 -15.99 -30.84 -18.72
CA GLN B 455 -16.22 -31.69 -19.88
C GLN B 455 -14.98 -31.73 -20.77
N ARG B 456 -13.86 -32.12 -20.18
CA ARG B 456 -12.59 -32.20 -20.88
C ARG B 456 -11.98 -33.58 -20.69
N ALA B 457 -10.94 -33.86 -21.47
CA ALA B 457 -10.30 -35.17 -21.46
C ALA B 457 -9.10 -35.23 -20.52
N TRP B 458 -8.30 -34.17 -20.46
CA TRP B 458 -7.08 -34.19 -19.66
C TRP B 458 -7.41 -33.80 -18.23
N GLY B 459 -7.49 -34.80 -17.37
CA GLY B 459 -7.83 -34.58 -15.98
C GLY B 459 -8.20 -35.89 -15.32
N VAL B 460 -8.57 -35.79 -14.04
CA VAL B 460 -8.96 -36.94 -13.24
C VAL B 460 -10.46 -37.16 -13.46
N PRO B 461 -10.89 -38.32 -13.94
CA PRO B 461 -12.31 -38.55 -14.16
C PRO B 461 -13.10 -38.58 -12.86
N ILE B 462 -14.35 -38.14 -12.94
CA ILE B 462 -15.27 -38.24 -11.82
C ILE B 462 -15.58 -39.72 -11.64
N PRO B 463 -15.24 -40.33 -10.50
CA PRO B 463 -15.39 -41.79 -10.34
C PRO B 463 -16.82 -42.17 -9.94
N VAL B 464 -17.76 -41.89 -10.82
CA VAL B 464 -19.18 -42.15 -10.57
C VAL B 464 -19.72 -43.01 -11.71
N PHE B 465 -20.47 -44.04 -11.35
CA PHE B 465 -21.12 -44.92 -12.31
C PHE B 465 -22.64 -44.73 -12.26
N TYR B 466 -23.30 -45.14 -13.33
CA TYR B 466 -24.75 -45.03 -13.43
C TYR B 466 -25.33 -46.39 -13.79
N ALA B 467 -26.44 -46.73 -13.14
CA ALA B 467 -27.11 -47.99 -13.41
C ALA B 467 -28.05 -47.85 -14.61
N GLU B 468 -28.81 -48.91 -14.89
CA GLU B 468 -29.74 -48.85 -16.00
C GLU B 468 -30.88 -47.88 -15.73
N ASN B 469 -31.26 -47.70 -14.46
CA ASN B 469 -32.30 -46.75 -14.08
C ASN B 469 -31.78 -45.33 -13.94
N GLU B 470 -30.58 -45.05 -14.46
CA GLU B 470 -29.98 -43.71 -14.46
C GLU B 470 -29.86 -43.15 -13.05
N GLU B 471 -29.27 -43.95 -12.16
CA GLU B 471 -29.04 -43.53 -10.78
C GLU B 471 -27.55 -43.50 -10.49
N PRO B 472 -27.04 -42.41 -9.92
CA PRO B 472 -25.61 -42.36 -9.58
C PRO B 472 -25.24 -43.45 -8.60
N ILE B 473 -24.05 -44.03 -8.81
CA ILE B 473 -23.55 -45.13 -7.99
C ILE B 473 -22.24 -44.65 -7.37
N ILE B 474 -22.30 -44.26 -6.10
CA ILE B 474 -21.11 -43.85 -5.34
C ILE B 474 -21.16 -44.60 -4.00
N THR B 475 -20.50 -45.74 -3.96
CA THR B 475 -20.30 -46.50 -2.72
C THR B 475 -18.83 -46.46 -2.34
N ASP B 476 -18.54 -46.80 -1.09
CA ASP B 476 -17.15 -46.91 -0.68
C ASP B 476 -16.45 -48.03 -1.44
N GLU B 477 -17.20 -49.08 -1.81
CA GLU B 477 -16.63 -50.16 -2.60
C GLU B 477 -16.21 -49.69 -3.98
N THR B 478 -17.05 -48.90 -4.65
CA THR B 478 -16.71 -48.44 -5.99
C THR B 478 -15.55 -47.46 -5.98
N ILE B 479 -15.56 -46.51 -5.04
CA ILE B 479 -14.48 -45.53 -4.96
C ILE B 479 -13.15 -46.23 -4.71
N GLU B 480 -13.14 -47.20 -3.78
CA GLU B 480 -11.92 -47.92 -3.47
C GLU B 480 -11.41 -48.70 -4.68
N HIS B 481 -12.31 -49.35 -5.41
CA HIS B 481 -11.88 -50.15 -6.55
C HIS B 481 -11.34 -49.27 -7.67
N VAL B 482 -11.98 -48.12 -7.92
CA VAL B 482 -11.47 -47.18 -8.91
C VAL B 482 -10.09 -46.67 -8.51
N SER B 483 -9.92 -46.34 -7.22
CA SER B 483 -8.64 -45.84 -6.74
C SER B 483 -7.52 -46.85 -6.94
N ASN B 484 -7.81 -48.13 -6.70
CA ASN B 484 -6.80 -49.16 -6.94
C ASN B 484 -6.44 -49.25 -8.41
N LEU B 485 -7.45 -49.16 -9.29
CA LEU B 485 -7.17 -49.21 -10.72
C LEU B 485 -6.32 -48.03 -11.18
N PHE B 486 -6.63 -46.82 -10.68
CA PHE B 486 -5.82 -45.67 -11.03
C PHE B 486 -4.41 -45.79 -10.46
N ARG B 487 -4.29 -46.38 -9.28
CA ARG B 487 -2.96 -46.65 -8.71
C ARG B 487 -2.18 -47.62 -9.59
N GLU B 488 -2.87 -48.62 -10.16
CA GLU B 488 -2.17 -49.64 -10.93
C GLU B 488 -1.90 -49.20 -12.37
N HIS B 489 -2.88 -48.58 -13.03
CA HIS B 489 -2.78 -48.27 -14.45
C HIS B 489 -2.95 -46.80 -14.79
N GLY B 490 -3.18 -45.94 -13.80
CA GLY B 490 -3.37 -44.53 -14.06
C GLY B 490 -4.79 -44.20 -14.45
N SER B 491 -5.05 -42.89 -14.59
CA SER B 491 -6.39 -42.43 -14.91
C SER B 491 -6.82 -42.77 -16.33
N ASN B 492 -5.87 -43.12 -17.21
CA ASN B 492 -6.22 -43.40 -18.60
C ASN B 492 -7.02 -44.69 -18.73
N VAL B 493 -6.99 -45.57 -17.73
CA VAL B 493 -7.78 -46.80 -17.78
C VAL B 493 -9.27 -46.50 -17.78
N TRP B 494 -9.67 -45.31 -17.34
CA TRP B 494 -11.08 -44.92 -17.36
C TRP B 494 -11.58 -44.69 -18.78
N PHE B 495 -10.69 -44.38 -19.72
CA PHE B 495 -11.06 -44.10 -21.09
C PHE B 495 -10.72 -45.21 -22.08
N GLU B 496 -10.02 -46.26 -21.63
CA GLU B 496 -9.67 -47.38 -22.50
C GLU B 496 -10.31 -48.68 -22.04
N ARG B 497 -11.30 -48.61 -21.15
CA ARG B 497 -11.98 -49.78 -20.63
C ARG B 497 -13.46 -49.49 -20.51
N GLU B 498 -14.28 -50.54 -20.57
CA GLU B 498 -15.71 -50.40 -20.43
C GLU B 498 -16.08 -50.09 -18.98
N ALA B 499 -17.24 -49.47 -18.79
CA ALA B 499 -17.72 -49.17 -17.45
C ALA B 499 -17.89 -50.43 -16.61
N LYS B 500 -18.26 -51.55 -17.25
CA LYS B 500 -18.34 -52.81 -16.51
C LYS B 500 -16.97 -53.27 -16.04
N ASP B 501 -15.91 -52.90 -16.76
CA ASP B 501 -14.54 -53.25 -16.38
C ASP B 501 -13.98 -52.35 -15.30
N LEU B 502 -14.60 -51.21 -15.03
CA LEU B 502 -14.16 -50.29 -14.00
C LEU B 502 -14.84 -50.53 -12.66
N LEU B 503 -15.73 -51.51 -12.59
CA LEU B 503 -16.43 -51.88 -11.38
C LEU B 503 -15.91 -53.22 -10.86
N PRO B 504 -16.07 -53.50 -9.56
CA PRO B 504 -15.63 -54.80 -9.04
C PRO B 504 -16.36 -55.95 -9.70
N GLU B 505 -15.67 -57.08 -9.82
CA GLU B 505 -16.27 -58.26 -10.42
C GLU B 505 -17.50 -58.69 -9.62
N GLY B 506 -18.56 -59.05 -10.35
CA GLY B 506 -19.80 -59.42 -9.69
C GLY B 506 -20.56 -58.28 -9.08
N PHE B 507 -20.32 -57.05 -9.52
CA PHE B 507 -21.05 -55.91 -8.99
C PHE B 507 -22.49 -55.94 -9.46
N THR B 508 -23.42 -55.81 -8.51
CA THR B 508 -24.85 -55.81 -8.81
C THR B 508 -25.49 -54.58 -8.19
N HIS B 509 -26.39 -53.95 -8.95
CA HIS B 509 -27.15 -52.80 -8.48
C HIS B 509 -28.63 -53.09 -8.65
N GLU B 510 -29.41 -52.73 -7.63
CA GLU B 510 -30.84 -53.00 -7.66
C GLU B 510 -31.52 -52.27 -8.81
N GLY B 511 -30.98 -51.11 -9.22
CA GLY B 511 -31.47 -50.40 -10.38
C GLY B 511 -30.94 -50.90 -11.70
N SER B 512 -30.10 -51.93 -11.69
CA SER B 512 -29.54 -52.52 -12.90
C SER B 512 -29.93 -53.99 -12.93
N PRO B 513 -31.04 -54.34 -13.58
CA PRO B 513 -31.49 -55.74 -13.58
C PRO B 513 -30.68 -56.64 -14.52
N ASN B 514 -30.26 -56.08 -15.66
CA ASN B 514 -29.54 -56.85 -16.67
C ASN B 514 -28.03 -56.80 -16.52
N GLY B 515 -27.52 -56.16 -15.47
CA GLY B 515 -26.09 -56.05 -15.31
C GLY B 515 -25.44 -55.04 -16.21
N ARG B 516 -26.19 -54.08 -16.74
CA ARG B 516 -25.65 -53.06 -17.62
C ARG B 516 -25.33 -51.81 -16.79
N PHE B 517 -24.14 -51.25 -17.01
CA PHE B 517 -23.70 -50.08 -16.27
C PHE B 517 -23.08 -49.08 -17.23
N THR B 518 -23.11 -47.81 -16.83
CA THR B 518 -22.49 -46.73 -17.56
C THR B 518 -21.63 -45.92 -16.60
N LYS B 519 -20.73 -45.11 -17.17
CA LYS B 519 -19.76 -44.37 -16.40
C LYS B 519 -19.83 -42.89 -16.73
N GLU B 520 -19.52 -42.06 -15.73
CA GLU B 520 -19.40 -40.62 -15.96
C GLU B 520 -18.18 -40.35 -16.83
N THR B 521 -18.33 -39.37 -17.73
CA THR B 521 -17.24 -38.96 -18.61
C THR B 521 -16.61 -37.63 -18.20
N ASP B 522 -17.19 -36.92 -17.24
CA ASP B 522 -16.63 -35.65 -16.80
C ASP B 522 -15.37 -35.87 -15.98
N ILE B 523 -14.60 -34.79 -15.80
CA ILE B 523 -13.38 -34.81 -15.02
C ILE B 523 -13.46 -33.74 -13.95
N MET B 524 -12.57 -33.86 -12.96
CA MET B 524 -12.54 -32.90 -11.86
C MET B 524 -11.79 -31.64 -12.28
N ASP B 525 -12.16 -30.53 -11.63
CA ASP B 525 -11.42 -29.29 -11.81
C ASP B 525 -10.03 -29.41 -11.19
N VAL B 526 -9.06 -28.76 -11.83
CA VAL B 526 -7.67 -28.86 -11.39
C VAL B 526 -7.47 -28.27 -10.00
N TRP B 527 -8.39 -27.42 -9.54
CA TRP B 527 -8.32 -26.97 -8.16
C TRP B 527 -8.56 -28.12 -7.19
N PHE B 528 -9.29 -29.14 -7.62
CA PHE B 528 -9.38 -30.37 -6.83
C PHE B 528 -8.10 -31.18 -6.92
N ASP B 529 -7.41 -31.14 -8.05
CA ASP B 529 -6.13 -31.83 -8.17
C ASP B 529 -5.09 -31.23 -7.23
N SER B 530 -4.90 -29.91 -7.29
CA SER B 530 -3.89 -29.27 -6.46
C SER B 530 -4.31 -29.19 -5.00
N GLY B 531 -5.63 -29.20 -4.75
CA GLY B 531 -6.14 -29.16 -3.39
C GLY B 531 -6.07 -30.48 -2.64
N SER B 532 -5.82 -31.58 -3.33
CA SER B 532 -5.65 -32.89 -2.70
C SER B 532 -4.20 -33.20 -2.38
N SER B 533 -3.29 -32.23 -2.54
CA SER B 533 -1.88 -32.49 -2.33
C SER B 533 -1.58 -32.88 -0.89
N HIS B 534 -2.35 -32.37 0.07
CA HIS B 534 -2.13 -32.74 1.47
C HIS B 534 -2.38 -34.23 1.71
N GLN B 535 -3.15 -34.88 0.85
CA GLN B 535 -3.41 -36.32 0.96
C GLN B 535 -2.51 -37.15 0.07
N ALA B 536 -2.30 -36.72 -1.18
CA ALA B 536 -1.48 -37.49 -2.11
C ALA B 536 0.02 -37.27 -1.91
N VAL B 537 0.42 -36.25 -1.15
CA VAL B 537 1.83 -35.95 -0.98
C VAL B 537 2.21 -35.94 0.50
N LEU B 538 1.52 -35.11 1.29
CA LEU B 538 1.89 -34.96 2.69
C LEU B 538 1.66 -36.24 3.48
N GLU B 539 0.53 -36.91 3.27
CA GLU B 539 0.23 -38.12 4.02
C GLU B 539 0.65 -39.40 3.30
N GLU B 540 0.83 -39.35 1.98
CA GLU B 540 1.21 -40.54 1.24
C GLU B 540 2.68 -40.89 1.43
N ARG B 541 3.54 -39.90 1.60
CA ARG B 541 4.99 -40.09 1.59
C ARG B 541 5.55 -40.27 2.99
N GLU B 542 6.63 -41.06 3.08
CA GLU B 542 7.28 -41.29 4.37
C GLU B 542 8.02 -40.05 4.85
N ASP B 543 8.63 -39.30 3.93
CA ASP B 543 9.49 -38.18 4.30
C ASP B 543 8.72 -36.95 4.75
N LEU B 544 7.40 -36.91 4.56
CA LEU B 544 6.60 -35.75 4.93
C LEU B 544 5.54 -36.18 5.94
N GLN B 545 4.65 -35.23 6.28
CA GLN B 545 3.56 -35.51 7.20
C GLN B 545 2.49 -34.43 7.01
N ARG B 546 1.37 -34.63 7.69
CA ARG B 546 0.26 -33.68 7.66
C ARG B 546 -0.25 -33.43 9.07
N PRO B 547 -0.51 -32.18 9.44
CA PRO B 547 -0.45 -30.95 8.62
C PRO B 547 0.97 -30.47 8.37
N ALA B 548 1.20 -29.84 7.23
CA ALA B 548 2.46 -29.17 6.98
C ALA B 548 2.58 -27.93 7.85
N ASP B 549 3.80 -27.65 8.30
CA ASP B 549 4.01 -26.48 9.14
C ASP B 549 3.69 -25.19 8.39
N LEU B 550 4.08 -25.10 7.11
CA LEU B 550 3.94 -23.87 6.34
C LEU B 550 3.37 -24.14 4.96
N TYR B 551 2.64 -23.15 4.45
CA TYR B 551 2.13 -23.10 3.09
C TYR B 551 2.45 -21.72 2.54
N LEU B 552 3.39 -21.64 1.59
CA LEU B 552 3.91 -20.34 1.13
C LEU B 552 3.62 -20.18 -0.36
N GLU B 553 2.58 -19.40 -0.68
CA GLU B 553 2.26 -19.07 -2.07
C GLU B 553 1.89 -17.58 -2.14
N GLY B 554 1.43 -17.14 -3.31
CA GLY B 554 1.09 -15.74 -3.50
C GLY B 554 -0.30 -15.40 -2.98
N SER B 555 -0.60 -14.09 -3.02
CA SER B 555 -1.87 -13.59 -2.51
C SER B 555 -3.05 -13.99 -3.39
N ASP B 556 -2.81 -14.48 -4.60
CA ASP B 556 -3.88 -14.96 -5.47
C ASP B 556 -4.40 -16.33 -5.08
N GLN B 557 -3.77 -16.98 -4.10
CA GLN B 557 -4.14 -18.34 -3.70
C GLN B 557 -5.15 -18.37 -2.56
N TYR B 558 -5.55 -17.22 -2.03
CA TYR B 558 -6.64 -17.20 -1.05
C TYR B 558 -7.93 -17.69 -1.68
N ARG B 559 -8.15 -17.37 -2.96
CA ARG B 559 -9.25 -17.94 -3.71
C ARG B 559 -8.93 -19.34 -4.24
N GLY B 560 -7.66 -19.74 -4.22
CA GLY B 560 -7.25 -20.98 -4.83
C GLY B 560 -6.70 -22.02 -3.88
N TRP B 561 -5.39 -22.23 -3.92
CA TRP B 561 -4.78 -23.35 -3.22
C TRP B 561 -5.00 -23.28 -1.72
N PHE B 562 -4.90 -22.07 -1.14
CA PHE B 562 -5.18 -21.92 0.28
C PHE B 562 -6.62 -22.32 0.60
N ASN B 563 -7.55 -22.03 -0.31
CA ASN B 563 -8.95 -22.30 -0.07
C ASN B 563 -9.30 -23.76 -0.41
N SER B 564 -8.87 -24.24 -1.56
CA SER B 564 -9.21 -25.60 -1.97
C SER B 564 -8.58 -26.63 -1.03
N SER B 565 -7.34 -26.39 -0.60
CA SER B 565 -6.70 -27.32 0.32
C SER B 565 -7.44 -27.41 1.65
N LEU B 566 -7.91 -26.27 2.15
CA LEU B 566 -8.67 -26.29 3.40
C LEU B 566 -9.99 -27.05 3.24
N SER B 567 -10.68 -26.86 2.11
CA SER B 567 -11.98 -27.47 1.92
C SER B 567 -11.90 -28.99 1.92
N THR B 568 -10.92 -29.55 1.22
CA THR B 568 -10.80 -31.00 1.17
C THR B 568 -10.28 -31.57 2.48
N SER B 569 -9.29 -30.91 3.09
CA SER B 569 -8.67 -31.46 4.30
C SER B 569 -9.65 -31.47 5.47
N VAL B 570 -10.41 -30.40 5.66
CA VAL B 570 -11.38 -30.36 6.75
C VAL B 570 -12.49 -31.37 6.48
N ALA B 571 -12.90 -31.53 5.22
CA ALA B 571 -13.95 -32.47 4.89
C ALA B 571 -13.56 -33.90 5.24
N VAL B 572 -12.30 -34.26 5.03
CA VAL B 572 -11.83 -35.63 5.20
C VAL B 572 -11.17 -35.83 6.56
N THR B 573 -10.31 -34.90 6.98
CA THR B 573 -9.58 -35.04 8.24
C THR B 573 -10.21 -34.28 9.39
N GLY B 574 -10.98 -33.22 9.11
CA GLY B 574 -11.56 -32.40 10.15
C GLY B 574 -10.71 -31.25 10.60
N GLU B 575 -9.48 -31.15 10.12
CA GLU B 575 -8.58 -30.07 10.50
C GLU B 575 -7.86 -29.54 9.27
N ALA B 576 -7.20 -28.40 9.44
CA ALA B 576 -6.52 -27.75 8.33
C ALA B 576 -5.31 -28.57 7.89
N PRO B 577 -4.93 -28.47 6.61
CA PRO B 577 -3.73 -29.17 6.13
C PRO B 577 -2.44 -28.44 6.43
N TYR B 578 -2.50 -27.21 6.94
CA TYR B 578 -1.33 -26.42 7.25
C TYR B 578 -1.40 -25.89 8.67
N LYS B 579 -0.26 -25.91 9.36
CA LYS B 579 -0.15 -25.28 10.67
C LYS B 579 -0.06 -23.77 10.57
N GLY B 580 0.28 -23.24 9.40
CA GLY B 580 0.34 -21.81 9.19
C GLY B 580 0.46 -21.51 7.71
N VAL B 581 0.22 -20.24 7.38
CA VAL B 581 0.23 -19.79 5.99
C VAL B 581 1.07 -18.53 5.88
N LEU B 582 1.95 -18.50 4.88
CA LEU B 582 2.72 -17.32 4.52
C LEU B 582 2.36 -16.92 3.09
N SER B 583 2.03 -15.65 2.90
CA SER B 583 1.59 -15.13 1.61
C SER B 583 2.50 -13.99 1.17
N HIS B 584 2.83 -13.98 -0.12
CA HIS B 584 3.66 -12.92 -0.69
C HIS B 584 2.89 -12.22 -1.80
N GLY B 585 3.38 -11.03 -2.17
CA GLY B 585 2.75 -10.21 -3.18
C GLY B 585 3.23 -10.54 -4.58
N PHE B 586 2.75 -9.75 -5.53
CA PHE B 586 3.11 -9.90 -6.94
C PHE B 586 4.32 -9.05 -7.28
N ALA B 587 5.05 -9.46 -8.31
CA ALA B 587 6.22 -8.74 -8.77
C ALA B 587 5.80 -7.68 -9.78
N LEU B 588 6.15 -6.43 -9.51
CA LEU B 588 5.87 -5.29 -10.39
C LEU B 588 7.17 -4.72 -10.91
N ASP B 589 7.06 -3.76 -11.83
CA ASP B 589 8.23 -3.12 -12.42
C ASP B 589 8.65 -1.94 -11.54
N GLY B 590 9.65 -1.18 -11.99
CA GLY B 590 10.11 -0.04 -11.21
C GLY B 590 9.04 1.03 -11.05
N GLU B 591 8.22 1.21 -12.07
CA GLU B 591 7.15 2.19 -12.02
C GLU B 591 6.00 1.75 -11.12
N GLY B 592 5.99 0.50 -10.66
CA GLY B 592 4.91 -0.01 -9.85
C GLY B 592 3.76 -0.59 -10.62
N ARG B 593 3.93 -0.84 -11.91
CA ARG B 593 2.87 -1.39 -12.76
C ARG B 593 3.03 -2.90 -12.90
N LYS B 594 1.93 -3.56 -13.22
CA LYS B 594 1.98 -5.00 -13.48
C LYS B 594 2.77 -5.28 -14.76
N MET B 595 3.57 -6.34 -14.73
CA MET B 595 4.36 -6.72 -15.88
C MET B 595 3.47 -7.31 -16.96
N SER B 596 3.64 -6.83 -18.19
CA SER B 596 2.91 -7.37 -19.33
C SER B 596 3.80 -7.28 -20.56
N LYS B 597 3.55 -8.18 -21.51
CA LYS B 597 4.38 -8.23 -22.71
C LYS B 597 4.14 -7.03 -23.62
N SER B 598 2.92 -6.49 -23.63
CA SER B 598 2.63 -5.33 -24.46
C SER B 598 3.43 -4.11 -24.01
N LEU B 599 3.54 -3.89 -22.70
CA LEU B 599 4.33 -2.79 -22.18
C LEU B 599 5.83 -3.05 -22.27
N GLY B 600 6.23 -4.32 -22.26
CA GLY B 600 7.64 -4.64 -22.28
C GLY B 600 8.36 -4.41 -20.98
N ASN B 601 7.65 -4.41 -19.85
CA ASN B 601 8.23 -4.18 -18.54
C ASN B 601 8.53 -5.48 -17.80
N VAL B 602 8.41 -6.62 -18.48
CA VAL B 602 8.61 -7.91 -17.82
C VAL B 602 10.10 -8.14 -17.57
N VAL B 603 10.43 -8.56 -16.35
CA VAL B 603 11.78 -8.94 -15.99
C VAL B 603 11.84 -10.47 -15.96
N ILE B 604 12.60 -11.05 -16.88
CA ILE B 604 12.65 -12.51 -17.02
C ILE B 604 13.70 -13.08 -16.08
N PRO B 605 13.37 -14.09 -15.28
CA PRO B 605 14.39 -14.70 -14.42
C PRO B 605 15.58 -15.27 -15.17
N GLU B 606 15.35 -15.79 -16.38
CA GLU B 606 16.45 -16.35 -17.17
C GLU B 606 17.48 -15.28 -17.52
N LYS B 607 17.01 -14.09 -17.90
CA LYS B 607 17.93 -13.03 -18.29
C LYS B 607 18.65 -12.44 -17.09
N VAL B 608 18.02 -12.45 -15.91
CA VAL B 608 18.67 -11.93 -14.71
C VAL B 608 19.87 -12.79 -14.35
N MET B 609 19.73 -14.11 -14.41
CA MET B 609 20.84 -14.98 -14.08
C MET B 609 21.88 -15.05 -15.19
N LYS B 610 21.50 -14.74 -16.43
CA LYS B 610 22.50 -14.66 -17.50
C LYS B 610 23.35 -13.40 -17.37
N GLN B 611 22.79 -12.32 -16.83
CA GLN B 611 23.48 -11.04 -16.75
C GLN B 611 24.00 -10.70 -15.36
N LEU B 612 23.38 -11.23 -14.30
CA LEU B 612 23.77 -10.87 -12.94
C LEU B 612 24.05 -12.11 -12.09
N GLY B 613 23.33 -13.18 -12.32
CA GLY B 613 23.49 -14.39 -11.53
C GLY B 613 22.36 -14.56 -10.53
N ALA B 614 22.18 -15.81 -10.10
CA ALA B 614 21.08 -16.13 -9.18
C ALA B 614 21.24 -15.42 -7.84
N ASP B 615 22.45 -15.43 -7.29
CA ASP B 615 22.65 -14.90 -5.93
C ASP B 615 22.18 -13.46 -5.80
N ILE B 616 22.36 -12.67 -6.86
CA ILE B 616 21.84 -11.30 -6.83
C ILE B 616 20.31 -11.31 -6.78
N LEU B 617 19.68 -12.18 -7.59
CA LEU B 617 18.22 -12.25 -7.60
C LEU B 617 17.69 -12.67 -6.24
N ARG B 618 18.36 -13.62 -5.58
CA ARG B 618 17.97 -14.00 -4.23
C ARG B 618 18.17 -12.83 -3.27
N LEU B 619 19.27 -12.08 -3.42
CA LEU B 619 19.51 -10.93 -2.57
C LEU B 619 18.45 -9.85 -2.80
N TRP B 620 17.91 -9.75 -4.01
CA TRP B 620 16.79 -8.86 -4.23
C TRP B 620 15.56 -9.32 -3.46
N VAL B 621 15.30 -10.64 -3.45
CA VAL B 621 14.15 -11.16 -2.72
C VAL B 621 14.28 -10.81 -1.24
N ALA B 622 15.46 -11.04 -0.66
CA ALA B 622 15.69 -10.71 0.73
C ALA B 622 15.60 -9.22 1.02
N SER B 623 15.71 -8.38 -0.01
CA SER B 623 15.72 -6.94 0.18
C SER B 623 14.34 -6.30 0.15
N VAL B 624 13.29 -7.05 -0.14
CA VAL B 624 11.97 -6.49 -0.36
C VAL B 624 10.99 -7.05 0.67
N ASP B 625 9.88 -6.34 0.82
CA ASP B 625 8.79 -6.74 1.72
C ASP B 625 7.84 -7.63 0.93
N TYR B 626 8.16 -8.93 0.92
CA TYR B 626 7.45 -9.88 0.07
C TYR B 626 5.97 -9.98 0.43
N GLN B 627 5.62 -9.76 1.70
CA GLN B 627 4.23 -9.94 2.13
C GLN B 627 3.28 -8.97 1.45
N ALA B 628 3.80 -7.90 0.86
CA ALA B 628 3.05 -7.01 -0.03
C ALA B 628 3.68 -7.07 -1.42
N ASP B 629 3.05 -6.40 -2.37
CA ASP B 629 3.57 -6.36 -3.73
C ASP B 629 4.93 -5.67 -3.75
N VAL B 630 5.81 -6.15 -4.63
CA VAL B 630 7.20 -5.70 -4.68
C VAL B 630 7.52 -5.24 -6.10
N ARG B 631 8.64 -4.54 -6.23
CA ARG B 631 9.09 -4.00 -7.50
C ARG B 631 10.49 -4.53 -7.82
N VAL B 632 10.75 -4.70 -9.11
CA VAL B 632 12.06 -5.12 -9.58
C VAL B 632 12.25 -4.60 -11.00
N SER B 633 13.46 -4.14 -11.29
CA SER B 633 13.81 -3.64 -12.62
C SER B 633 15.32 -3.80 -12.80
N ASP B 634 15.81 -3.34 -13.95
CA ASP B 634 17.25 -3.35 -14.17
C ASP B 634 17.97 -2.46 -13.16
N ASN B 635 17.43 -1.26 -12.93
CA ASN B 635 18.05 -0.34 -11.98
C ASN B 635 17.94 -0.86 -10.55
N ILE B 636 16.80 -1.46 -10.20
CA ILE B 636 16.62 -1.99 -8.86
C ILE B 636 17.60 -3.13 -8.59
N LEU B 637 17.79 -4.01 -9.57
CA LEU B 637 18.75 -5.10 -9.41
C LEU B 637 20.19 -4.58 -9.39
N LYS B 638 20.48 -3.51 -10.14
CA LYS B 638 21.82 -2.93 -10.10
C LYS B 638 22.16 -2.41 -8.71
N GLN B 639 21.19 -1.80 -8.03
CA GLN B 639 21.42 -1.38 -6.66
C GLN B 639 21.72 -2.57 -5.77
N VAL B 640 21.00 -3.67 -5.95
CA VAL B 640 21.27 -4.89 -5.19
C VAL B 640 22.65 -5.43 -5.52
N ALA B 641 23.01 -5.43 -6.81
CA ALA B 641 24.31 -5.97 -7.21
C ALA B 641 25.46 -5.18 -6.60
N GLU B 642 25.30 -3.86 -6.49
CA GLU B 642 26.30 -3.06 -5.79
C GLU B 642 26.39 -3.45 -4.32
N VAL B 643 25.24 -3.70 -3.69
CA VAL B 643 25.24 -4.14 -2.29
C VAL B 643 25.94 -5.48 -2.16
N TYR B 644 25.62 -6.42 -3.05
CA TYR B 644 26.27 -7.72 -3.04
C TYR B 644 27.78 -7.57 -3.23
N ARG B 645 28.19 -6.60 -4.06
CA ARG B 645 29.62 -6.36 -4.26
C ARG B 645 30.28 -5.91 -2.95
N LYS B 646 29.62 -5.04 -2.20
CA LYS B 646 30.16 -4.58 -0.93
C LYS B 646 30.31 -5.74 0.06
N ILE B 647 29.30 -6.61 0.13
CA ILE B 647 29.37 -7.77 1.01
C ILE B 647 30.49 -8.70 0.58
N ARG B 648 30.60 -8.94 -0.73
CA ARG B 648 31.63 -9.85 -1.23
C ARG B 648 33.03 -9.34 -0.89
N ASN B 649 33.24 -8.03 -1.05
CA ASN B 649 34.54 -7.45 -0.69
C ASN B 649 34.82 -7.63 0.79
N THR B 650 33.79 -7.56 1.63
CA THR B 650 33.98 -7.81 3.04
C THR B 650 34.48 -9.24 3.27
N PHE B 651 33.88 -10.21 2.58
CA PHE B 651 34.32 -11.59 2.70
C PHE B 651 35.75 -11.76 2.21
N ARG B 652 36.09 -11.14 1.06
CA ARG B 652 37.43 -11.28 0.52
C ARG B 652 38.47 -10.71 1.46
N PHE B 653 38.15 -9.58 2.10
CA PHE B 653 39.08 -8.98 3.06
C PHE B 653 39.37 -9.94 4.20
N LEU B 654 38.32 -10.56 4.75
CA LEU B 654 38.50 -11.51 5.84
C LEU B 654 39.38 -12.68 5.41
N LEU B 655 39.06 -13.30 4.28
CA LEU B 655 39.87 -14.41 3.80
C LEU B 655 41.30 -13.97 3.51
N GLY B 656 41.47 -12.79 2.92
CA GLY B 656 42.80 -12.34 2.53
C GLY B 656 43.74 -12.14 3.70
N ASN B 657 43.24 -11.54 4.77
CA ASN B 657 44.06 -11.28 5.95
C ASN B 657 44.14 -12.45 6.91
N LEU B 658 43.43 -13.54 6.65
CA LEU B 658 43.53 -14.75 7.44
C LEU B 658 44.45 -15.78 6.80
N ALA B 659 45.16 -15.41 5.74
CA ALA B 659 45.98 -16.36 4.99
C ALA B 659 47.12 -16.93 5.81
N ASP B 660 47.57 -16.23 6.85
CA ASP B 660 48.67 -16.67 7.70
C ASP B 660 48.22 -17.04 9.10
N PHE B 661 46.92 -17.26 9.29
CA PHE B 661 46.34 -17.45 10.61
C PHE B 661 45.86 -18.88 10.77
N ASN B 662 46.46 -19.61 11.71
CA ASN B 662 46.00 -20.95 12.06
C ASN B 662 45.02 -20.82 13.21
N PRO B 663 43.72 -21.09 13.01
CA PRO B 663 42.76 -20.96 14.11
C PRO B 663 43.06 -21.88 15.28
N THR B 664 43.73 -23.01 15.05
CA THR B 664 44.04 -23.93 16.12
C THR B 664 45.05 -23.34 17.10
N THR B 665 46.01 -22.57 16.61
CA THR B 665 47.08 -22.03 17.45
C THR B 665 47.01 -20.51 17.57
N ASP B 666 47.02 -19.78 16.45
CA ASP B 666 47.18 -18.33 16.49
C ASP B 666 45.94 -17.60 17.03
N ALA B 667 44.88 -18.31 17.39
CA ALA B 667 43.69 -17.66 17.92
C ALA B 667 43.94 -17.11 19.33
N VAL B 668 43.35 -15.96 19.61
CA VAL B 668 43.52 -15.26 20.88
C VAL B 668 42.25 -15.41 21.70
N ALA B 669 42.41 -15.69 22.99
CA ALA B 669 41.26 -15.79 23.88
C ALA B 669 40.52 -14.46 23.94
N VAL B 670 39.20 -14.54 24.07
CA VAL B 670 38.38 -13.32 24.10
C VAL B 670 38.77 -12.45 25.28
N GLU B 671 39.09 -13.08 26.41
CA GLU B 671 39.57 -12.31 27.57
C GLU B 671 40.92 -11.66 27.28
N ASP B 672 41.81 -12.36 26.57
CA ASP B 672 43.18 -11.91 26.36
C ASP B 672 43.32 -10.92 25.22
N LEU B 673 42.32 -10.76 24.35
CA LEU B 673 42.43 -9.80 23.26
C LEU B 673 42.00 -8.41 23.73
N ARG B 674 42.12 -7.43 22.84
CA ARG B 674 41.94 -6.04 23.21
C ARG B 674 40.45 -5.67 23.29
N GLU B 675 40.19 -4.55 23.95
CA GLU B 675 38.81 -4.09 24.13
C GLU B 675 38.15 -3.78 22.80
N VAL B 676 38.86 -3.08 21.91
CA VAL B 676 38.28 -2.71 20.62
C VAL B 676 38.01 -3.94 19.77
N ASP B 677 38.90 -4.95 19.86
CA ASP B 677 38.63 -6.22 19.20
C ASP B 677 37.47 -6.94 19.85
N ARG B 678 37.40 -6.90 21.19
CA ARG B 678 36.26 -7.50 21.89
C ARG B 678 34.97 -6.77 21.57
N TYR B 679 35.04 -5.46 21.34
CA TYR B 679 33.86 -4.68 21.00
C TYR B 679 33.25 -5.16 19.69
N MET B 680 34.08 -5.46 18.69
CA MET B 680 33.57 -5.99 17.43
C MET B 680 32.96 -7.37 17.60
N LEU B 681 33.51 -8.19 18.50
CA LEU B 681 32.92 -9.50 18.77
C LEU B 681 31.51 -9.35 19.33
N VAL B 682 31.32 -8.40 20.24
CA VAL B 682 29.98 -8.17 20.78
C VAL B 682 29.02 -7.75 19.67
N LYS B 683 29.47 -6.84 18.79
CA LYS B 683 28.61 -6.42 17.67
C LYS B 683 28.32 -7.59 16.75
N LEU B 684 29.30 -8.46 16.54
CA LEU B 684 29.05 -9.68 15.78
C LEU B 684 27.96 -10.53 16.45
N ASN B 685 28.05 -10.69 17.77
CA ASN B 685 27.05 -11.48 18.49
C ASN B 685 25.69 -10.81 18.49
N LYS B 686 25.66 -9.46 18.55
CA LYS B 686 24.39 -8.76 18.38
C LYS B 686 23.81 -9.01 17.00
N LEU B 687 24.68 -9.06 15.98
CA LEU B 687 24.21 -9.36 14.62
C LEU B 687 23.67 -10.78 14.52
N ILE B 688 24.32 -11.75 15.18
CA ILE B 688 23.90 -13.13 15.09
C ILE B 688 22.47 -13.31 15.61
N ASP B 689 22.19 -12.72 16.77
CA ASP B 689 20.84 -12.83 17.34
C ASP B 689 19.81 -12.15 16.44
N LYS B 690 20.13 -10.98 15.91
CA LYS B 690 19.17 -10.26 15.08
C LYS B 690 18.83 -11.04 13.82
N VAL B 691 19.83 -11.64 13.18
CA VAL B 691 19.59 -12.37 11.94
C VAL B 691 18.79 -13.64 12.20
N LYS B 692 19.16 -14.39 13.24
CA LYS B 692 18.44 -15.62 13.56
C LYS B 692 16.98 -15.33 13.91
N LYS B 693 16.75 -14.30 14.73
CA LYS B 693 15.37 -13.92 15.05
C LYS B 693 14.63 -13.45 13.82
N SER B 694 15.30 -12.69 12.95
CA SER B 694 14.66 -12.22 11.72
C SER B 694 14.35 -13.38 10.78
N TYR B 695 15.22 -14.40 10.74
CA TYR B 695 14.89 -15.62 10.02
C TYR B 695 13.66 -16.29 10.62
N ASP B 696 13.62 -16.39 11.96
CA ASP B 696 12.51 -17.05 12.63
C ASP B 696 11.20 -16.32 12.37
N SER B 697 11.21 -15.00 12.44
CA SER B 697 10.03 -14.19 12.19
C SER B 697 9.80 -13.92 10.70
N TYR B 698 10.59 -14.55 9.83
CA TYR B 698 10.46 -14.44 8.38
C TYR B 698 10.68 -13.01 7.88
N GLU B 699 11.40 -12.19 8.65
CA GLU B 699 11.68 -10.81 8.26
C GLU B 699 13.06 -10.76 7.61
N PHE B 700 13.07 -11.07 6.32
CA PHE B 700 14.35 -11.15 5.60
C PHE B 700 14.87 -9.77 5.21
N SER B 701 13.98 -8.78 5.07
CA SER B 701 14.44 -7.42 4.78
C SER B 701 15.32 -6.87 5.90
N SER B 702 15.04 -7.26 7.14
CA SER B 702 15.91 -6.88 8.25
C SER B 702 17.29 -7.50 8.10
N ILE B 703 17.35 -8.76 7.67
CA ILE B 703 18.65 -9.40 7.42
C ILE B 703 19.41 -8.66 6.33
N TYR B 704 18.70 -8.20 5.32
CA TYR B 704 19.35 -7.49 4.21
C TYR B 704 20.06 -6.25 4.70
N HIS B 705 19.39 -5.44 5.53
CA HIS B 705 19.98 -4.20 6.00
C HIS B 705 20.99 -4.43 7.11
N ALA B 706 20.74 -5.41 7.98
CA ALA B 706 21.64 -5.66 9.10
C ALA B 706 23.03 -6.07 8.61
N VAL B 707 23.08 -6.97 7.64
CA VAL B 707 24.38 -7.39 7.09
C VAL B 707 24.99 -6.26 6.26
N HIS B 708 24.17 -5.52 5.52
CA HIS B 708 24.68 -4.42 4.70
C HIS B 708 25.37 -3.37 5.56
N ASN B 709 24.77 -3.02 6.70
CA ASN B 709 25.38 -2.03 7.58
C ASN B 709 26.61 -2.59 8.27
N PHE B 710 26.57 -3.87 8.68
CA PHE B 710 27.71 -4.46 9.36
C PHE B 710 28.94 -4.52 8.45
N CYS B 711 28.74 -4.85 7.18
CA CYS B 711 29.86 -4.94 6.25
C CYS B 711 30.37 -3.55 5.87
N THR B 712 29.47 -2.60 5.68
CA THR B 712 29.87 -1.27 5.22
C THR B 712 30.36 -0.41 6.39
N ILE B 713 29.54 -0.24 7.41
CA ILE B 713 29.82 0.70 8.50
C ILE B 713 30.71 0.06 9.55
N ASP B 714 30.24 -1.04 10.14
CA ASP B 714 30.94 -1.62 11.28
C ASP B 714 32.32 -2.16 10.89
N MET B 715 32.40 -2.85 9.75
CA MET B 715 33.66 -3.49 9.38
C MET B 715 34.53 -2.59 8.52
N SER B 716 34.05 -2.22 7.33
CA SER B 716 34.92 -1.55 6.36
C SER B 716 35.16 -0.09 6.73
N SER B 717 34.13 0.59 7.25
CA SER B 717 34.28 2.00 7.57
C SER B 717 35.25 2.22 8.73
N PHE B 718 35.17 1.39 9.77
CA PHE B 718 36.01 1.58 10.94
C PHE B 718 37.04 0.49 11.13
N TYR B 719 36.60 -0.77 11.29
CA TYR B 719 37.52 -1.78 11.82
C TYR B 719 38.56 -2.20 10.79
N LEU B 720 38.13 -2.41 9.54
CA LEU B 720 39.07 -2.84 8.52
C LEU B 720 40.05 -1.73 8.16
N ASP B 721 39.57 -0.49 8.09
CA ASP B 721 40.48 0.64 7.89
C ASP B 721 41.45 0.78 9.06
N PHE B 722 40.95 0.62 10.28
CA PHE B 722 41.80 0.70 11.46
C PHE B 722 42.78 -0.48 11.52
N ALA B 723 42.38 -1.65 11.06
CA ALA B 723 43.23 -2.83 11.14
C ALA B 723 44.35 -2.85 10.11
N LYS B 724 44.31 -1.99 9.10
CA LYS B 724 45.34 -2.00 8.07
C LYS B 724 46.71 -1.68 8.64
N ASP B 725 46.76 -0.78 9.62
CA ASP B 725 48.03 -0.36 10.21
C ASP B 725 48.65 -1.46 11.08
N VAL B 726 47.93 -2.53 11.36
CA VAL B 726 48.44 -3.64 12.16
C VAL B 726 48.63 -4.89 11.34
N LEU B 727 47.63 -5.25 10.52
CA LEU B 727 47.73 -6.46 9.70
C LEU B 727 48.85 -6.36 8.68
N TYR B 728 49.02 -5.18 8.07
CA TYR B 728 50.03 -4.98 7.05
C TYR B 728 51.38 -4.59 7.62
N ILE B 729 51.40 -3.72 8.64
CA ILE B 729 52.63 -3.08 9.10
C ILE B 729 53.33 -3.92 10.16
N GLU B 730 52.59 -4.37 11.17
CA GLU B 730 53.19 -5.07 12.29
C GLU B 730 53.58 -6.50 11.90
N ALA B 731 54.32 -7.15 12.79
CA ALA B 731 54.79 -8.50 12.54
C ALA B 731 53.62 -9.48 12.49
N GLU B 732 53.86 -10.62 11.84
CA GLU B 732 52.80 -11.61 11.67
C GLU B 732 52.27 -12.10 13.02
N ASN B 733 53.17 -12.36 13.97
CA ASN B 733 52.78 -12.83 15.29
C ASN B 733 52.65 -11.70 16.30
N ASN B 734 52.50 -10.46 15.83
CA ASN B 734 52.21 -9.37 16.75
C ASN B 734 50.92 -9.63 17.49
N VAL B 735 50.93 -9.37 18.80
CA VAL B 735 49.79 -9.71 19.65
C VAL B 735 48.55 -8.95 19.21
N GLU B 736 48.71 -7.69 18.80
CA GLU B 736 47.56 -6.92 18.31
C GLU B 736 47.04 -7.48 17.00
N ARG B 737 47.93 -8.02 16.16
CA ARG B 737 47.48 -8.59 14.89
C ARG B 737 46.70 -9.88 15.11
N ARG B 738 47.21 -10.76 15.98
CA ARG B 738 46.53 -12.03 16.21
C ARG B 738 45.15 -11.82 16.83
N SER B 739 45.01 -10.79 17.68
CA SER B 739 43.70 -10.46 18.21
C SER B 739 42.75 -10.01 17.10
N ILE B 740 43.26 -9.20 16.17
CA ILE B 740 42.44 -8.75 15.04
C ILE B 740 42.04 -9.95 14.17
N GLN B 741 43.03 -10.79 13.82
CA GLN B 741 42.74 -11.96 12.99
C GLN B 741 41.76 -12.89 13.67
N THR B 742 41.81 -12.98 15.01
CA THR B 742 40.85 -13.81 15.73
C THR B 742 39.42 -13.32 15.55
N VAL B 743 39.22 -12.01 15.67
CA VAL B 743 37.90 -11.44 15.44
C VAL B 743 37.49 -11.60 13.99
N LEU B 744 38.45 -11.43 13.07
CA LEU B 744 38.17 -11.63 11.65
C LEU B 744 37.77 -13.08 11.37
N TYR B 745 38.48 -14.03 11.98
CA TYR B 745 38.12 -15.43 11.79
C TYR B 745 36.75 -15.76 12.36
N GLU B 746 36.44 -15.23 13.55
CA GLU B 746 35.12 -15.42 14.11
C GLU B 746 34.06 -14.75 13.25
N THR B 747 34.33 -13.53 12.78
CA THR B 747 33.37 -12.83 11.92
C THR B 747 33.15 -13.59 10.63
N LEU B 748 34.23 -14.10 10.02
CA LEU B 748 34.13 -14.82 8.76
C LEU B 748 33.32 -16.10 8.92
N LEU B 749 33.58 -16.87 9.97
CA LEU B 749 32.90 -18.15 10.13
C LEU B 749 31.42 -17.96 10.41
N SER B 750 31.06 -17.00 11.26
CA SER B 750 29.65 -16.81 11.61
C SER B 750 28.88 -16.17 10.46
N LEU B 751 29.49 -15.19 9.78
CA LEU B 751 28.79 -14.49 8.71
C LEU B 751 28.55 -15.39 7.51
N THR B 752 29.48 -16.31 7.22
CA THR B 752 29.27 -17.26 6.14
C THR B 752 28.05 -18.13 6.40
N LYS B 753 27.89 -18.60 7.63
CA LYS B 753 26.73 -19.41 7.98
C LYS B 753 25.45 -18.61 7.93
N LEU B 754 25.49 -17.35 8.39
CA LEU B 754 24.28 -16.54 8.46
C LEU B 754 23.69 -16.30 7.09
N VAL B 755 24.54 -16.10 6.08
CA VAL B 755 24.07 -15.76 4.74
C VAL B 755 23.89 -16.97 3.84
N SER B 756 24.25 -18.16 4.32
CA SER B 756 24.05 -19.39 3.54
C SER B 756 22.63 -19.58 3.03
N PRO B 757 21.56 -19.31 3.78
CA PRO B 757 20.22 -19.43 3.21
C PRO B 757 19.97 -18.52 2.02
N ILE B 758 20.56 -17.32 2.00
CA ILE B 758 20.22 -16.32 0.99
C ILE B 758 21.26 -16.31 -0.12
N LEU B 759 22.51 -16.02 0.22
CA LEU B 759 23.61 -16.06 -0.74
C LEU B 759 24.24 -17.46 -0.71
N SER B 760 23.45 -18.43 -1.18
CA SER B 760 23.86 -19.83 -1.08
C SER B 760 25.10 -20.13 -1.91
N HIS B 761 25.15 -19.60 -3.14
CA HIS B 761 26.29 -19.86 -4.00
C HIS B 761 27.56 -19.24 -3.45
N THR B 762 27.47 -18.00 -2.97
CA THR B 762 28.66 -17.31 -2.47
C THR B 762 29.13 -17.89 -1.13
N ALA B 763 28.20 -18.32 -0.28
CA ALA B 763 28.57 -18.82 1.04
C ALA B 763 29.48 -20.05 0.92
N ASP B 764 29.11 -20.99 0.06
CA ASP B 764 29.96 -22.16 -0.16
C ASP B 764 31.26 -21.78 -0.83
N GLU B 765 31.25 -20.78 -1.71
CA GLU B 765 32.49 -20.29 -2.30
C GLU B 765 33.42 -19.74 -1.22
N VAL B 766 32.88 -18.99 -0.26
CA VAL B 766 33.67 -18.51 0.86
C VAL B 766 34.06 -19.67 1.78
N TRP B 767 33.14 -20.61 1.99
CA TRP B 767 33.34 -21.66 2.98
C TRP B 767 34.58 -22.49 2.68
N VAL B 768 34.80 -22.82 1.40
CA VAL B 768 35.94 -23.67 1.04
C VAL B 768 37.25 -23.02 1.46
N HIS B 769 37.36 -21.70 1.29
CA HIS B 769 38.61 -21.01 1.59
C HIS B 769 38.81 -20.74 3.08
N ILE B 770 37.78 -20.94 3.92
CA ILE B 770 37.91 -20.66 5.35
C ILE B 770 38.89 -21.65 5.97
N PRO B 771 39.86 -21.21 6.77
CA PRO B 771 40.80 -22.14 7.39
C PRO B 771 40.16 -23.05 8.43
N ASN B 772 40.67 -24.27 8.51
CA ASN B 772 40.29 -25.25 9.54
C ASN B 772 38.78 -25.52 9.54
N VAL B 773 38.20 -25.68 8.36
CA VAL B 773 36.83 -26.19 8.23
C VAL B 773 36.92 -27.65 7.77
N THR B 774 36.08 -28.49 8.37
CA THR B 774 36.13 -29.93 8.12
C THR B 774 34.85 -30.49 7.48
N GLU B 775 33.95 -29.62 7.01
CA GLU B 775 32.75 -30.07 6.34
C GLU B 775 32.79 -29.66 4.87
N GLU B 776 32.11 -30.46 4.03
CA GLU B 776 32.10 -30.18 2.60
C GLU B 776 31.42 -28.85 2.29
N SER B 777 30.30 -28.57 2.94
CA SER B 777 29.51 -27.39 2.63
C SER B 777 29.06 -26.70 3.91
N VAL B 778 28.86 -25.39 3.82
CA VAL B 778 28.29 -24.63 4.92
C VAL B 778 26.84 -25.04 5.18
N GLN B 779 26.19 -25.67 4.19
CA GLN B 779 24.84 -26.18 4.40
C GLN B 779 24.81 -27.32 5.42
N LEU B 780 25.96 -27.95 5.68
CA LEU B 780 26.05 -29.08 6.58
C LEU B 780 26.44 -28.69 8.00
N VAL B 781 26.41 -27.40 8.33
CA VAL B 781 26.68 -26.96 9.69
C VAL B 781 25.43 -26.25 10.21
N ASP B 782 25.37 -26.11 11.53
CA ASP B 782 24.28 -25.37 12.16
C ASP B 782 24.62 -23.90 12.25
N MET B 783 23.60 -23.08 12.49
CA MET B 783 23.79 -21.65 12.59
C MET B 783 24.67 -21.31 13.79
N PRO B 784 25.41 -20.21 13.74
CA PRO B 784 26.22 -19.82 14.89
C PRO B 784 25.34 -19.51 16.09
N GLU B 785 25.88 -19.80 17.27
CA GLU B 785 25.19 -19.55 18.53
C GLU B 785 25.86 -18.39 19.25
N VAL B 786 25.04 -17.49 19.79
CA VAL B 786 25.58 -16.29 20.43
C VAL B 786 26.34 -16.68 21.69
N GLN B 787 27.54 -16.13 21.83
CA GLN B 787 28.35 -16.29 23.03
C GLN B 787 28.39 -14.95 23.76
N GLU B 788 28.23 -15.00 25.09
CA GLU B 788 28.29 -13.81 25.89
C GLU B 788 29.72 -13.53 26.30
N ILE B 789 30.11 -12.26 26.22
CA ILE B 789 31.48 -11.82 26.51
C ILE B 789 31.50 -11.21 27.91
N GLU B 790 32.51 -11.57 28.70
CA GLU B 790 32.65 -11.02 30.04
C GLU B 790 32.76 -9.49 29.98
N GLY B 791 31.98 -8.82 30.83
CA GLY B 791 31.98 -7.37 30.84
C GLY B 791 31.49 -6.74 29.57
N ALA B 792 30.55 -7.38 28.87
CA ALA B 792 30.08 -6.87 27.60
C ALA B 792 29.35 -5.55 27.75
N ASP B 793 28.50 -5.43 28.78
CA ASP B 793 27.71 -4.22 28.95
C ASP B 793 28.60 -3.01 29.22
N GLN B 794 29.61 -3.17 30.07
CA GLN B 794 30.56 -2.09 30.30
C GLN B 794 31.36 -1.80 29.03
N LEU B 795 31.72 -2.85 28.29
CA LEU B 795 32.47 -2.67 27.05
C LEU B 795 31.66 -1.88 26.02
N VAL B 796 30.38 -2.21 25.88
CA VAL B 796 29.54 -1.51 24.92
C VAL B 796 29.37 -0.05 25.32
N GLU B 797 29.18 0.21 26.63
CA GLU B 797 28.97 1.58 27.09
C GLU B 797 30.17 2.46 26.75
N LYS B 798 31.38 1.96 27.00
CA LYS B 798 32.58 2.76 26.75
C LYS B 798 32.76 3.03 25.27
N TRP B 799 32.70 1.99 24.44
CA TRP B 799 33.06 2.13 23.03
C TRP B 799 31.93 2.66 22.17
N ASP B 800 30.68 2.61 22.64
CA ASP B 800 29.63 3.35 21.97
C ASP B 800 29.87 4.86 22.08
N ALA B 801 30.36 5.30 23.25
CA ALA B 801 30.74 6.69 23.41
C ALA B 801 31.93 7.05 22.52
N PHE B 802 32.89 6.13 22.40
CA PHE B 802 34.05 6.38 21.55
C PHE B 802 33.63 6.52 20.09
N MET B 803 32.67 5.71 19.64
CA MET B 803 32.17 5.83 18.28
C MET B 803 31.51 7.19 18.05
N GLU B 804 30.81 7.71 19.07
CA GLU B 804 30.27 9.06 18.97
C GLU B 804 31.39 10.08 18.79
N LEU B 805 32.47 9.94 19.57
CA LEU B 805 33.63 10.80 19.39
C LEU B 805 34.28 10.57 18.03
N ARG B 806 34.37 9.31 17.60
CA ARG B 806 35.03 9.00 16.33
C ARG B 806 34.25 9.59 15.16
N ASP B 807 32.92 9.59 15.24
CA ASP B 807 32.12 10.24 14.20
C ASP B 807 32.42 11.73 14.16
N GLU B 808 32.62 12.35 15.32
CA GLU B 808 32.88 13.79 15.35
C GLU B 808 34.26 14.12 14.80
N VAL B 809 35.28 13.30 15.10
CA VAL B 809 36.59 13.56 14.53
C VAL B 809 36.61 13.29 13.03
N LEU B 810 35.80 12.33 12.56
CA LEU B 810 35.73 12.07 11.13
C LEU B 810 35.15 13.25 10.36
N LYS B 811 34.12 13.89 10.92
CA LYS B 811 33.58 15.09 10.29
C LYS B 811 34.61 16.21 10.28
N ALA B 812 35.35 16.36 11.38
CA ALA B 812 36.40 17.38 11.44
C ALA B 812 37.49 17.11 10.41
N LEU B 813 37.88 15.85 10.25
CA LEU B 813 38.88 15.50 9.23
C LEU B 813 38.36 15.79 7.83
N GLU B 814 37.08 15.49 7.58
CA GLU B 814 36.51 15.78 6.27
C GLU B 814 36.51 17.28 5.99
N GLN B 815 36.19 18.09 7.00
CA GLN B 815 36.24 19.55 6.83
C GLN B 815 37.66 20.01 6.58
N ALA B 816 38.63 19.46 7.33
CA ALA B 816 40.03 19.85 7.14
C ALA B 816 40.51 19.49 5.74
N ARG B 817 40.09 18.33 5.23
CA ARG B 817 40.47 17.95 3.87
C ARG B 817 39.89 18.91 2.85
N ASN B 818 38.63 19.34 3.05
CA ASN B 818 38.00 20.29 2.15
C ASN B 818 38.67 21.66 2.18
N GLU B 819 39.35 22.01 3.27
CA GLU B 819 40.07 23.26 3.38
C GLU B 819 41.54 23.14 2.97
N LYS B 820 41.89 22.06 2.27
CA LYS B 820 43.25 21.83 1.75
C LYS B 820 44.29 21.84 2.87
N VAL B 821 43.90 21.39 4.06
CA VAL B 821 44.85 21.27 5.17
C VAL B 821 45.55 19.92 5.14
N ILE B 822 44.81 18.86 4.81
CA ILE B 822 45.35 17.50 4.72
C ILE B 822 44.71 16.81 3.53
N GLY B 823 45.48 15.93 2.89
CA GLY B 823 44.95 15.13 1.80
C GLY B 823 44.40 13.82 2.30
N LYS B 824 44.80 13.41 3.49
CA LYS B 824 44.37 12.15 4.09
C LYS B 824 44.54 12.26 5.59
N SER B 825 43.95 11.32 6.31
CA SER B 825 43.93 11.40 7.77
C SER B 825 45.32 11.24 8.37
N LEU B 826 46.21 10.48 7.72
CA LEU B 826 47.54 10.25 8.28
C LEU B 826 48.37 11.53 8.31
N GLU B 827 48.11 12.47 7.40
CA GLU B 827 48.87 13.71 7.35
C GLU B 827 48.43 14.71 8.43
N ALA B 828 47.56 14.30 9.34
CA ALA B 828 46.90 15.22 10.26
C ALA B 828 47.39 15.02 11.68
N LYS B 829 47.50 16.13 12.41
CA LYS B 829 47.61 16.12 13.86
C LYS B 829 46.30 16.62 14.43
N LEU B 830 45.64 15.77 15.22
CA LEU B 830 44.40 16.12 15.89
C LEU B 830 44.70 16.48 17.33
N THR B 831 44.41 17.71 17.72
CA THR B 831 44.46 18.13 19.11
C THR B 831 43.04 18.30 19.61
N LEU B 832 42.74 17.69 20.77
CA LEU B 832 41.38 17.62 21.29
C LEU B 832 41.27 18.43 22.58
N TYR B 833 40.22 19.24 22.68
CA TYR B 833 39.86 19.93 23.90
C TYR B 833 38.56 19.33 24.40
N PRO B 834 38.62 18.25 25.19
CA PRO B 834 37.41 17.48 25.49
C PRO B 834 36.70 17.93 26.77
N THR B 835 35.51 17.39 26.95
CA THR B 835 34.80 17.50 28.22
C THR B 835 35.51 16.65 29.27
N ALA B 836 35.25 16.97 30.54
CA ALA B 836 35.75 16.15 31.62
C ALA B 836 35.23 14.72 31.50
N ASP B 837 33.95 14.57 31.13
CA ASP B 837 33.41 13.25 30.86
C ASP B 837 34.11 12.60 29.68
N THR B 838 34.39 13.36 28.63
CA THR B 838 35.08 12.81 27.47
C THR B 838 36.51 12.41 27.82
N LYS B 839 37.19 13.20 28.66
CA LYS B 839 38.55 12.88 29.06
C LYS B 839 38.62 11.56 29.81
N GLU B 840 37.71 11.35 30.78
CA GLU B 840 37.73 10.10 31.54
C GLU B 840 37.44 8.91 30.62
N LEU B 841 36.67 9.13 29.55
CA LEU B 841 36.50 8.09 28.54
C LEU B 841 37.82 7.77 27.87
N LEU B 842 38.61 8.80 27.53
CA LEU B 842 39.88 8.59 26.86
C LEU B 842 40.92 7.97 27.79
N ALA B 843 40.85 8.27 29.09
CA ALA B 843 41.77 7.66 30.04
C ALA B 843 41.47 6.19 30.26
N SER B 844 40.18 5.80 30.14
CA SER B 844 39.81 4.41 30.27
C SER B 844 40.21 3.57 29.06
N ILE B 845 40.64 4.20 27.98
CA ILE B 845 41.02 3.49 26.75
C ILE B 845 42.53 3.26 26.78
N SER B 846 42.92 1.99 26.75
CA SER B 846 44.33 1.61 26.77
C SER B 846 44.94 1.48 25.39
N GLU B 847 44.15 1.62 24.33
CA GLU B 847 44.66 1.54 22.97
C GLU B 847 45.16 2.90 22.50
N ASN B 848 45.96 2.87 21.44
CA ASN B 848 46.47 4.10 20.83
C ASN B 848 45.32 4.79 20.12
N VAL B 849 44.71 5.76 20.80
CA VAL B 849 43.54 6.46 20.25
C VAL B 849 43.91 7.19 18.95
N GLY B 850 45.15 7.66 18.85
CA GLY B 850 45.59 8.24 17.58
C GLY B 850 45.58 7.24 16.45
N GLN B 851 46.00 6.00 16.73
CA GLN B 851 45.91 4.95 15.73
C GLN B 851 44.46 4.55 15.45
N LEU B 852 43.58 4.66 16.45
CA LEU B 852 42.16 4.40 16.21
C LEU B 852 41.52 5.49 15.38
N PHE B 853 42.09 6.69 15.35
CA PHE B 853 41.65 7.76 14.48
C PHE B 853 42.42 7.83 13.18
N ILE B 854 43.41 6.94 13.00
CA ILE B 854 44.24 6.87 11.79
C ILE B 854 44.85 8.24 11.52
N VAL B 855 45.58 8.76 12.50
CA VAL B 855 46.29 10.04 12.37
C VAL B 855 47.72 9.85 12.88
N SER B 856 48.59 10.77 12.48
CA SER B 856 49.99 10.69 12.89
C SER B 856 50.24 11.28 14.27
N ASP B 857 49.33 12.08 14.80
CA ASP B 857 49.56 12.75 16.08
C ASP B 857 48.23 13.09 16.72
N LEU B 858 48.08 12.75 17.99
CA LEU B 858 46.89 13.07 18.77
C LEU B 858 47.31 13.78 20.04
N GLU B 859 46.66 14.90 20.34
CA GLU B 859 46.97 15.68 21.53
C GLU B 859 45.67 15.96 22.29
N VAL B 860 45.70 15.72 23.59
CA VAL B 860 44.60 16.11 24.48
C VAL B 860 45.15 17.18 25.40
N ALA B 861 44.77 18.43 25.12
CA ALA B 861 45.33 19.55 25.86
C ALA B 861 44.79 19.58 27.29
N GLU B 862 45.53 20.27 28.16
CA GLU B 862 45.10 20.44 29.54
C GLU B 862 43.78 21.19 29.64
N GLY B 863 43.35 21.86 28.58
CA GLY B 863 42.06 22.51 28.58
C GLY B 863 42.13 24.00 28.36
N GLU B 864 41.62 24.44 27.21
CA GLU B 864 41.58 25.83 26.81
C GLU B 864 40.75 25.97 25.53
N ALA B 865 39.79 26.90 25.53
CA ALA B 865 38.92 27.06 24.38
C ALA B 865 39.71 27.54 23.18
N PRO B 866 39.71 26.82 22.05
CA PRO B 866 40.48 27.24 20.88
C PRO B 866 39.80 28.40 20.17
N ALA B 867 40.46 28.88 19.11
CA ALA B 867 39.98 30.04 18.36
C ALA B 867 38.88 29.59 17.38
N GLU B 868 37.76 29.15 17.97
CA GLU B 868 36.59 28.71 17.22
C GLU B 868 36.96 27.64 16.19
N ALA B 869 37.42 26.49 16.70
CA ALA B 869 37.92 25.41 15.87
C ALA B 869 37.07 24.16 16.09
N GLN B 870 36.07 23.97 15.23
CA GLN B 870 35.31 22.73 15.11
C GLN B 870 34.72 22.29 16.46
N LYS B 871 33.78 23.11 16.93
CA LYS B 871 33.06 22.78 18.15
C LYS B 871 32.08 21.64 17.88
N PHE B 872 32.20 20.57 18.66
CA PHE B 872 31.33 19.40 18.53
C PHE B 872 30.72 19.06 19.87
N SER B 873 29.90 18.01 19.89
CA SER B 873 29.20 17.63 21.11
C SER B 873 30.17 17.18 22.20
N TYR B 874 31.09 16.28 21.86
CA TYR B 874 32.01 15.71 22.85
C TYR B 874 33.24 16.57 23.09
N ALA B 875 33.74 17.27 22.08
CA ALA B 875 34.98 18.01 22.22
C ALA B 875 35.09 19.03 21.10
N SER B 876 36.10 19.90 21.22
CA SER B 876 36.49 20.82 20.16
C SER B 876 37.82 20.35 19.58
N ILE B 877 37.91 20.34 18.25
CA ILE B 877 39.00 19.68 17.54
C ILE B 877 39.67 20.68 16.61
N VAL B 878 41.00 20.69 16.62
CA VAL B 878 41.79 21.45 15.66
C VAL B 878 42.61 20.44 14.86
N VAL B 879 42.57 20.56 13.54
CA VAL B 879 43.27 19.65 12.65
C VAL B 879 44.49 20.37 12.10
N SER B 880 45.67 19.83 12.40
CA SER B 880 46.94 20.42 11.98
C SER B 880 47.72 19.40 11.16
N LYS B 881 48.60 19.90 10.29
CA LYS B 881 49.48 19.02 9.55
C LYS B 881 50.55 18.46 10.48
N ALA B 882 50.72 17.14 10.45
CA ALA B 882 51.66 16.49 11.36
C ALA B 882 53.09 16.92 11.05
N GLU B 883 53.92 16.90 12.08
CA GLU B 883 55.30 17.38 11.98
C GLU B 883 56.25 16.19 11.83
N GLY B 884 57.24 16.36 10.97
CA GLY B 884 58.22 15.32 10.67
C GLY B 884 58.18 14.93 9.21
N GLU B 885 59.00 13.94 8.88
CA GLU B 885 58.99 13.35 7.55
C GLU B 885 58.09 12.12 7.54
N LYS B 886 57.68 11.73 6.34
CA LYS B 886 56.76 10.61 6.17
C LYS B 886 57.53 9.31 6.06
N CYS B 887 57.15 8.34 6.90
CA CYS B 887 57.71 7.00 6.77
C CYS B 887 57.31 6.39 5.44
N GLU B 888 58.26 5.71 4.79
CA GLU B 888 58.00 5.13 3.48
C GLU B 888 57.26 3.80 3.56
N ARG B 889 56.95 3.33 4.76
CA ARG B 889 56.27 2.04 4.94
C ARG B 889 54.82 2.21 5.36
N CYS B 890 54.58 2.91 6.47
CA CYS B 890 53.23 3.12 6.98
C CYS B 890 52.70 4.52 6.69
N TRP B 891 53.50 5.36 6.03
CA TRP B 891 53.09 6.70 5.60
C TRP B 891 52.68 7.58 6.78
N VAL B 892 53.22 7.28 7.96
CA VAL B 892 52.99 8.13 9.12
C VAL B 892 54.01 9.28 9.09
N VAL B 893 53.60 10.43 9.60
CA VAL B 893 54.47 11.61 9.67
C VAL B 893 54.94 11.72 11.11
N SER B 894 56.15 11.24 11.37
CA SER B 894 56.71 11.22 12.70
C SER B 894 58.15 11.70 12.66
N PRO B 895 58.61 12.41 13.70
CA PRO B 895 60.03 12.77 13.77
C PRO B 895 60.96 11.57 13.92
N THR B 896 60.43 10.39 14.27
CA THR B 896 61.25 9.21 14.48
C THR B 896 61.90 8.70 13.20
N VAL B 897 61.48 9.20 12.03
CA VAL B 897 62.07 8.76 10.78
C VAL B 897 63.54 9.15 10.73
N GLY B 898 64.38 8.22 10.28
CA GLY B 898 65.80 8.47 10.16
C GLY B 898 66.62 8.27 11.41
N GLU B 899 66.01 7.91 12.53
CA GLU B 899 66.76 7.65 13.76
C GLU B 899 67.62 6.40 13.66
N ASP B 900 67.34 5.53 12.69
CA ASP B 900 68.17 4.36 12.40
C ASP B 900 68.74 4.51 11.00
N GLN B 901 70.07 4.44 10.88
CA GLN B 901 70.69 4.58 9.56
C GLN B 901 70.31 3.41 8.66
N ASP B 902 70.23 2.21 9.21
CA ASP B 902 69.60 1.10 8.50
C ASP B 902 68.11 1.40 8.35
N HIS B 903 67.63 1.46 7.11
CA HIS B 903 66.29 1.92 6.79
C HIS B 903 66.11 3.36 7.27
N PRO B 904 66.80 4.32 6.67
CA PRO B 904 66.73 5.71 7.16
C PRO B 904 65.48 6.46 6.75
N THR B 905 64.60 5.84 5.97
CA THR B 905 63.34 6.45 5.57
C THR B 905 62.15 5.90 6.35
N LEU B 906 62.40 5.13 7.41
CA LEU B 906 61.35 4.48 8.16
C LEU B 906 61.27 5.04 9.57
N CYS B 907 60.12 4.85 10.20
CA CYS B 907 59.91 5.22 11.59
C CYS B 907 60.44 4.11 12.51
N THR B 908 60.27 4.30 13.82
CA THR B 908 60.79 3.34 14.78
C THR B 908 60.10 1.98 14.64
N ARG B 909 58.79 1.97 14.46
CA ARG B 909 58.06 0.71 14.36
C ARG B 909 58.48 -0.07 13.11
N CYS B 910 58.49 0.60 11.96
CA CYS B 910 58.76 -0.11 10.71
C CYS B 910 60.20 -0.58 10.63
N ALA B 911 61.14 0.23 11.13
CA ALA B 911 62.54 -0.19 11.15
C ALA B 911 62.72 -1.43 12.01
N ASP B 912 62.05 -1.47 13.17
CA ASP B 912 62.14 -2.65 14.03
C ASP B 912 61.54 -3.88 13.36
N VAL B 913 60.44 -3.71 12.65
CA VAL B 913 59.77 -4.86 12.03
C VAL B 913 60.67 -5.53 11.00
N VAL B 914 61.28 -4.74 10.13
CA VAL B 914 62.16 -5.32 9.12
C VAL B 914 63.44 -5.84 9.76
N LYS B 915 63.97 -5.10 10.74
CA LYS B 915 65.21 -5.52 11.40
C LYS B 915 65.02 -6.83 12.17
N ASN B 916 63.93 -6.93 12.93
CA ASN B 916 63.76 -8.03 13.88
C ASN B 916 62.95 -9.20 13.33
N HIS B 917 62.19 -9.01 12.25
CA HIS B 917 61.29 -10.05 11.76
C HIS B 917 61.53 -10.43 10.31
N TYR B 918 62.23 -9.61 9.53
CA TYR B 918 62.69 -9.98 8.20
C TYR B 918 64.19 -10.20 8.13
N VAL B 919 64.96 -9.51 8.97
CA VAL B 919 66.38 -9.79 9.15
C VAL B 919 66.66 -10.53 10.45
N GLN B 920 65.74 -10.49 11.43
CA GLN B 920 65.93 -11.09 12.75
C GLN B 920 67.19 -10.54 13.42
N GLN B 921 67.14 -9.24 13.69
CA GLN B 921 68.22 -8.47 14.31
C GLN B 921 69.49 -8.51 13.45
ZN ZN C . 51.22 21.98 -8.14
C1 MRC D . -3.32 13.04 10.67
C2 MRC D . -4.65 13.79 10.37
C3 MRC D . -5.14 14.05 8.93
C4 MRC D . -6.48 14.79 8.73
C5 MRC D . -6.28 16.17 8.11
C6 MRC D . -7.63 16.73 7.71
C7 MRC D . -7.44 18.09 7.06
C8 MRC D . -6.75 19.01 8.05
C9 MRC D . -7.65 19.24 9.26
C10 MRC D . -8.76 20.23 8.90
C11 MRC D . -10.16 19.66 8.83
C12 MRC D . -11.11 20.39 7.88
C13 MRC D . -12.56 20.09 8.28
C14 MRC D . -13.52 20.85 7.35
C15 MRC D . -4.38 13.58 7.68
C16 MRC D . -5.42 18.36 8.49
C1' MRC D . -4.19 10.40 20.49
O1P MRC D . -4.53 9.41 19.80
O1Q MRC D . -4.07 10.42 21.74
C2' MRC D . -3.89 11.71 19.75
C3' MRC D . -2.38 11.88 19.58
C4' MRC D . -2.08 12.94 18.51
C5' MRC D . -2.44 12.37 17.13
C6' MRC D . -1.86 13.26 16.03
C7' MRC D . -2.19 12.65 14.67
C8' MRC D . -1.27 13.25 13.59
C9' MRC D . -1.65 12.70 12.22
O1A MRC D . -3.05 12.91 12.00
O1B MRC D . -2.58 12.60 9.79
O5 MRC D . -5.65 17.06 9.06
O7 MRC D . -6.62 17.94 5.90
O6 MRC D . -8.27 15.85 6.78
O10 MRC D . -9.73 20.45 9.97
C17 MRC D . -10.86 19.91 6.45
O13 MRC D . -12.78 20.51 9.62
CL CL E . -2.14 13.71 -12.79
CL CL F . -22.53 15.51 5.01
NA NA G . -31.63 5.37 2.33
ZN ZN H . 56.51 3.42 9.60
C1 MRC I . 3.77 -12.91 -10.14
C2 MRC I . 2.89 -14.15 -9.82
C3 MRC I . 2.48 -14.50 -8.38
C4 MRC I . 1.59 -15.74 -8.18
C5 MRC I . 2.41 -16.91 -7.67
C6 MRC I . 1.46 -18.00 -7.19
C7 MRC I . 2.27 -19.18 -6.67
C8 MRC I . 3.19 -19.68 -7.77
C9 MRC I . 2.37 -20.23 -8.94
C10 MRC I . 1.87 -21.64 -8.60
C11 MRC I . 0.40 -21.76 -8.36
C12 MRC I . -0.01 -22.89 -7.40
C13 MRC I . -1.45 -23.32 -7.70
C14 MRC I . -1.80 -24.54 -6.84
C15 MRC I . 2.87 -13.67 -7.16
C16 MRC I . 4.07 -18.54 -8.24
C1' MRC I . 1.94 -11.08 -19.34
O1P MRC I . 1.57 -10.50 -18.29
O1Q MRC I . 1.93 -10.60 -20.49
C2' MRC I . 2.45 -12.52 -19.18
C3' MRC I . 3.96 -12.53 -18.93
C4' MRC I . 4.25 -12.75 -17.44
C5' MRC I . 4.29 -11.41 -16.72
C6' MRC I . 5.28 -11.48 -15.54
C7' MRC I . 4.55 -11.91 -14.26
C8' MRC I . 5.48 -11.68 -13.07
C9' MRC I . 4.65 -11.54 -11.78
O1A MRC I . 4.03 -12.79 -11.47
O1B MRC I . 4.18 -12.14 -9.29
O5 MRC I . 3.24 -17.44 -8.72
O7 MRC I . 3.05 -18.75 -5.54
O6 MRC I . 0.63 -17.49 -6.14
O10 MRC I . 0.99 -22.22 -9.59
C17 MRC I . 0.09 -22.40 -5.96
O13 MRC I . -1.56 -23.67 -9.08
C1 GOL J . 5.98 -18.50 13.06
O1 GOL J . 6.50 -17.33 12.49
C2 GOL J . 6.41 -18.50 14.55
O2 GOL J . 5.95 -17.38 15.22
C3 GOL J . 5.83 -19.80 15.13
O3 GOL J . 4.48 -19.57 15.35
C1 GOL K . 18.95 -24.38 -16.77
O1 GOL K . 20.23 -23.84 -16.65
C2 GOL K . 18.13 -23.39 -17.63
O2 GOL K . 17.00 -23.98 -18.19
C3 GOL K . 17.82 -22.21 -16.70
O3 GOL K . 18.91 -21.34 -16.78
CL CL L . 23.07 -10.11 22.63
CL CL M . 59.25 13.08 20.96
NA NA N . 30.32 3.29 14.09
NA NA O . 14.69 -26.27 17.96
#